data_4RRU
# 
_entry.id   4RRU 
# 
_audit_conform.dict_name       mmcif_pdbx.dic 
_audit_conform.dict_version    5.387 
_audit_conform.dict_location   http://mmcif.pdb.org/dictionaries/ascii/mmcif_pdbx.dic 
# 
loop_
_database_2.database_id 
_database_2.database_code 
_database_2.pdbx_database_accession 
_database_2.pdbx_DOI 
PDB   4RRU         pdb_00004rru 10.2210/pdb4rru/pdb 
RCSB  RCSB087719   ?            ?                   
WWPDB D_1000087719 ?            ?                   
# 
loop_
_pdbx_audit_revision_history.ordinal 
_pdbx_audit_revision_history.data_content_type 
_pdbx_audit_revision_history.major_revision 
_pdbx_audit_revision_history.minor_revision 
_pdbx_audit_revision_history.revision_date 
1 'Structure model' 1 0 2015-08-12 
2 'Structure model' 1 1 2015-08-26 
3 'Structure model' 1 2 2015-09-16 
4 'Structure model' 1 3 2024-02-28 
# 
_pdbx_audit_revision_details.ordinal             1 
_pdbx_audit_revision_details.revision_ordinal    1 
_pdbx_audit_revision_details.data_content_type   'Structure model' 
_pdbx_audit_revision_details.provider            repository 
_pdbx_audit_revision_details.type                'Initial release' 
_pdbx_audit_revision_details.description         ? 
_pdbx_audit_revision_details.details             ? 
# 
loop_
_pdbx_audit_revision_group.ordinal 
_pdbx_audit_revision_group.revision_ordinal 
_pdbx_audit_revision_group.data_content_type 
_pdbx_audit_revision_group.group 
1 2 'Structure model' 'Database references'  
2 3 'Structure model' 'Database references'  
3 4 'Structure model' 'Data collection'      
4 4 'Structure model' 'Database references'  
5 4 'Structure model' 'Derived calculations' 
# 
loop_
_pdbx_audit_revision_category.ordinal 
_pdbx_audit_revision_category.revision_ordinal 
_pdbx_audit_revision_category.data_content_type 
_pdbx_audit_revision_category.category 
1 4 'Structure model' chem_comp_atom         
2 4 'Structure model' chem_comp_bond         
3 4 'Structure model' database_2             
4 4 'Structure model' pdbx_struct_conn_angle 
5 4 'Structure model' struct_conn            
6 4 'Structure model' struct_site            
# 
loop_
_pdbx_audit_revision_item.ordinal 
_pdbx_audit_revision_item.revision_ordinal 
_pdbx_audit_revision_item.data_content_type 
_pdbx_audit_revision_item.item 
1  4 'Structure model' '_database_2.pdbx_DOI'                        
2  4 'Structure model' '_database_2.pdbx_database_accession'         
3  4 'Structure model' '_pdbx_struct_conn_angle.ptnr1_auth_comp_id'  
4  4 'Structure model' '_pdbx_struct_conn_angle.ptnr1_auth_seq_id'   
5  4 'Structure model' '_pdbx_struct_conn_angle.ptnr1_label_comp_id' 
6  4 'Structure model' '_pdbx_struct_conn_angle.ptnr1_label_seq_id'  
7  4 'Structure model' '_pdbx_struct_conn_angle.ptnr3_auth_comp_id'  
8  4 'Structure model' '_pdbx_struct_conn_angle.ptnr3_auth_seq_id'   
9  4 'Structure model' '_pdbx_struct_conn_angle.ptnr3_label_comp_id' 
10 4 'Structure model' '_pdbx_struct_conn_angle.ptnr3_label_seq_id'  
11 4 'Structure model' '_struct_conn.pdbx_dist_value'                
12 4 'Structure model' '_struct_conn.ptnr1_auth_comp_id'             
13 4 'Structure model' '_struct_conn.ptnr1_auth_seq_id'              
14 4 'Structure model' '_struct_conn.ptnr1_label_comp_id'            
15 4 'Structure model' '_struct_conn.ptnr1_label_seq_id'             
16 4 'Structure model' '_struct_site.pdbx_auth_asym_id'              
17 4 'Structure model' '_struct_site.pdbx_auth_comp_id'              
18 4 'Structure model' '_struct_site.pdbx_auth_seq_id'               
# 
_pdbx_database_status.status_code                     REL 
_pdbx_database_status.entry_id                        4RRU 
_pdbx_database_status.recvd_initial_deposition_date   2014-11-06 
_pdbx_database_status.deposit_site                    RCSB 
_pdbx_database_status.process_site                    RCSB 
_pdbx_database_status.status_code_sf                  REL 
_pdbx_database_status.status_code_mr                  ? 
_pdbx_database_status.SG_entry                        ? 
_pdbx_database_status.status_code_cs                  ? 
_pdbx_database_status.methods_development_category    ? 
_pdbx_database_status.pdb_format_compatible           Y 
_pdbx_database_status.status_code_nmr_data            ? 
# 
_pdbx_database_related.db_name        PDB 
_pdbx_database_related.db_id          4RQW 
_pdbx_database_related.details        'Myc3 N-terminal JAZ-binding domain [44-238]' 
_pdbx_database_related.content_type   unspecified 
# 
loop_
_audit_author.name 
_audit_author.pdbx_ordinal 
'Ke, J.'          1 
'Zhang, F.'       2 
'Zhou, X.E.'      3 
'Brunzelle, J.S.' 4 
'Zhou, M.'        5 
'Xu, H.E.'        6 
'Melcher, K.'     7 
'He, S.Y.'        8 
# 
_citation.id                        primary 
_citation.title                     'Structural basis of JAZ repression of MYC transcription factors in jasmonate signalling.' 
_citation.journal_abbrev            Nature 
_citation.journal_volume            525 
_citation.page_first                269 
_citation.page_last                 273 
_citation.year                      2015 
_citation.journal_id_ASTM           NATUAS 
_citation.country                   UK 
_citation.journal_id_ISSN           0028-0836 
_citation.journal_id_CSD            0006 
_citation.book_publisher            ? 
_citation.pdbx_database_id_PubMed   26258305 
_citation.pdbx_database_id_DOI      10.1038/nature14661 
# 
loop_
_citation_author.citation_id 
_citation_author.name 
_citation_author.ordinal 
_citation_author.identifier_ORCID 
primary 'Zhang, F.'     1  ? 
primary 'Yao, J.'       2  ? 
primary 'Ke, J.'        3  ? 
primary 'Zhang, L.'     4  ? 
primary 'Lam, V.Q.'     5  ? 
primary 'Xin, X.F.'     6  ? 
primary 'Zhou, X.E.'    7  ? 
primary 'Chen, J.'      8  ? 
primary 'Brunzelle, J.' 9  ? 
primary 'Griffin, P.R.' 10 ? 
primary 'Zhou, M.'      11 ? 
primary 'Xu, H.E.'      12 ? 
primary 'Melcher, K.'   13 ? 
primary 'He, S.Y.'      14 ? 
# 
loop_
_entity.id 
_entity.type 
_entity.src_method 
_entity.pdbx_description 
_entity.formula_weight 
_entity.pdbx_number_of_molecules 
_entity.pdbx_ec 
_entity.pdbx_mutation 
_entity.pdbx_fragment 
_entity.details 
1 polymer     man 'Transcription factor MYC3' 25954.275 1  ? ? 'Myc3 N-terminal JAZ-binding domain (UNP residues 5-242)' ? 
2 non-polymer syn 'CALCIUM ION'               40.078    2  ? ? ?                                                         ? 
3 water       nat water                       18.015    71 ? ? ?                                                         ? 
# 
_entity_name_com.entity_id   1 
_entity_name_com.name        
;Basic helix-loop-helix protein 5, AtbHLH5, bHLH 5, Protein altered tryptophan regulation 2, Transcription factor ATR2, Transcription factor EN 36, bHLH transcription factor bHLH005
;
# 
_entity_poly.entity_id                      1 
_entity_poly.type                           'polypeptide(L)' 
_entity_poly.nstd_linkage                   no 
_entity_poly.nstd_monomer                   no 
_entity_poly.pdbx_seq_one_letter_code       
;TSSINFLTSDDDASAAAMEAFIGTNHHSSLFPPPPQQPPQPQFNEDTLQQRLQALIESAGENWTYAIFWQISHDFDSSTG
DNTVILGWGDGYYKGEEDKEKKKNNTNTAEQEHRKRVIRELNSLISGGIGVSDESNDEEVTDTEWFFLVSMTQSFVNGVG
LPGESFLNSRVIWLSGSGALTGSGCERAGQGQIYGLKTMVCIATQNGVVELGSSEVISQSSDLMHKVNNLFNFNNGGG
;
_entity_poly.pdbx_seq_one_letter_code_can   
;TSSINFLTSDDDASAAAMEAFIGTNHHSSLFPPPPQQPPQPQFNEDTLQQRLQALIESAGENWTYAIFWQISHDFDSSTG
DNTVILGWGDGYYKGEEDKEKKKNNTNTAEQEHRKRVIRELNSLISGGIGVSDESNDEEVTDTEWFFLVSMTQSFVNGVG
LPGESFLNSRVIWLSGSGALTGSGCERAGQGQIYGLKTMVCIATQNGVVELGSSEVISQSSDLMHKVNNLFNFNNGGG
;
_entity_poly.pdbx_strand_id                 A 
_entity_poly.pdbx_target_identifier         ? 
# 
loop_
_pdbx_entity_nonpoly.entity_id 
_pdbx_entity_nonpoly.name 
_pdbx_entity_nonpoly.comp_id 
2 'CALCIUM ION' CA  
3 water         HOH 
# 
loop_
_entity_poly_seq.entity_id 
_entity_poly_seq.num 
_entity_poly_seq.mon_id 
_entity_poly_seq.hetero 
1 1   THR n 
1 2   SER n 
1 3   SER n 
1 4   ILE n 
1 5   ASN n 
1 6   PHE n 
1 7   LEU n 
1 8   THR n 
1 9   SER n 
1 10  ASP n 
1 11  ASP n 
1 12  ASP n 
1 13  ALA n 
1 14  SER n 
1 15  ALA n 
1 16  ALA n 
1 17  ALA n 
1 18  MET n 
1 19  GLU n 
1 20  ALA n 
1 21  PHE n 
1 22  ILE n 
1 23  GLY n 
1 24  THR n 
1 25  ASN n 
1 26  HIS n 
1 27  HIS n 
1 28  SER n 
1 29  SER n 
1 30  LEU n 
1 31  PHE n 
1 32  PRO n 
1 33  PRO n 
1 34  PRO n 
1 35  PRO n 
1 36  GLN n 
1 37  GLN n 
1 38  PRO n 
1 39  PRO n 
1 40  GLN n 
1 41  PRO n 
1 42  GLN n 
1 43  PHE n 
1 44  ASN n 
1 45  GLU n 
1 46  ASP n 
1 47  THR n 
1 48  LEU n 
1 49  GLN n 
1 50  GLN n 
1 51  ARG n 
1 52  LEU n 
1 53  GLN n 
1 54  ALA n 
1 55  LEU n 
1 56  ILE n 
1 57  GLU n 
1 58  SER n 
1 59  ALA n 
1 60  GLY n 
1 61  GLU n 
1 62  ASN n 
1 63  TRP n 
1 64  THR n 
1 65  TYR n 
1 66  ALA n 
1 67  ILE n 
1 68  PHE n 
1 69  TRP n 
1 70  GLN n 
1 71  ILE n 
1 72  SER n 
1 73  HIS n 
1 74  ASP n 
1 75  PHE n 
1 76  ASP n 
1 77  SER n 
1 78  SER n 
1 79  THR n 
1 80  GLY n 
1 81  ASP n 
1 82  ASN n 
1 83  THR n 
1 84  VAL n 
1 85  ILE n 
1 86  LEU n 
1 87  GLY n 
1 88  TRP n 
1 89  GLY n 
1 90  ASP n 
1 91  GLY n 
1 92  TYR n 
1 93  TYR n 
1 94  LYS n 
1 95  GLY n 
1 96  GLU n 
1 97  GLU n 
1 98  ASP n 
1 99  LYS n 
1 100 GLU n 
1 101 LYS n 
1 102 LYS n 
1 103 LYS n 
1 104 ASN n 
1 105 ASN n 
1 106 THR n 
1 107 ASN n 
1 108 THR n 
1 109 ALA n 
1 110 GLU n 
1 111 GLN n 
1 112 GLU n 
1 113 HIS n 
1 114 ARG n 
1 115 LYS n 
1 116 ARG n 
1 117 VAL n 
1 118 ILE n 
1 119 ARG n 
1 120 GLU n 
1 121 LEU n 
1 122 ASN n 
1 123 SER n 
1 124 LEU n 
1 125 ILE n 
1 126 SER n 
1 127 GLY n 
1 128 GLY n 
1 129 ILE n 
1 130 GLY n 
1 131 VAL n 
1 132 SER n 
1 133 ASP n 
1 134 GLU n 
1 135 SER n 
1 136 ASN n 
1 137 ASP n 
1 138 GLU n 
1 139 GLU n 
1 140 VAL n 
1 141 THR n 
1 142 ASP n 
1 143 THR n 
1 144 GLU n 
1 145 TRP n 
1 146 PHE n 
1 147 PHE n 
1 148 LEU n 
1 149 VAL n 
1 150 SER n 
1 151 MET n 
1 152 THR n 
1 153 GLN n 
1 154 SER n 
1 155 PHE n 
1 156 VAL n 
1 157 ASN n 
1 158 GLY n 
1 159 VAL n 
1 160 GLY n 
1 161 LEU n 
1 162 PRO n 
1 163 GLY n 
1 164 GLU n 
1 165 SER n 
1 166 PHE n 
1 167 LEU n 
1 168 ASN n 
1 169 SER n 
1 170 ARG n 
1 171 VAL n 
1 172 ILE n 
1 173 TRP n 
1 174 LEU n 
1 175 SER n 
1 176 GLY n 
1 177 SER n 
1 178 GLY n 
1 179 ALA n 
1 180 LEU n 
1 181 THR n 
1 182 GLY n 
1 183 SER n 
1 184 GLY n 
1 185 CYS n 
1 186 GLU n 
1 187 ARG n 
1 188 ALA n 
1 189 GLY n 
1 190 GLN n 
1 191 GLY n 
1 192 GLN n 
1 193 ILE n 
1 194 TYR n 
1 195 GLY n 
1 196 LEU n 
1 197 LYS n 
1 198 THR n 
1 199 MET n 
1 200 VAL n 
1 201 CYS n 
1 202 ILE n 
1 203 ALA n 
1 204 THR n 
1 205 GLN n 
1 206 ASN n 
1 207 GLY n 
1 208 VAL n 
1 209 VAL n 
1 210 GLU n 
1 211 LEU n 
1 212 GLY n 
1 213 SER n 
1 214 SER n 
1 215 GLU n 
1 216 VAL n 
1 217 ILE n 
1 218 SER n 
1 219 GLN n 
1 220 SER n 
1 221 SER n 
1 222 ASP n 
1 223 LEU n 
1 224 MET n 
1 225 HIS n 
1 226 LYS n 
1 227 VAL n 
1 228 ASN n 
1 229 ASN n 
1 230 LEU n 
1 231 PHE n 
1 232 ASN n 
1 233 PHE n 
1 234 ASN n 
1 235 ASN n 
1 236 GLY n 
1 237 GLY n 
1 238 GLY n 
# 
_entity_src_gen.entity_id                          1 
_entity_src_gen.pdbx_src_id                        1 
_entity_src_gen.pdbx_alt_source_flag               sample 
_entity_src_gen.pdbx_seq_type                      ? 
_entity_src_gen.pdbx_beg_seq_num                   ? 
_entity_src_gen.pdbx_end_seq_num                   ? 
_entity_src_gen.gene_src_common_name               'mouse-ear cress,thale-cress' 
_entity_src_gen.gene_src_genus                     ? 
_entity_src_gen.pdbx_gene_src_gene                 'At5g46760, ATR2, BHLH5, EN36, MYC3, Myc3 transcription factor, MZA15.18' 
_entity_src_gen.gene_src_species                   ? 
_entity_src_gen.gene_src_strain                    ? 
_entity_src_gen.gene_src_tissue                    ? 
_entity_src_gen.gene_src_tissue_fraction           ? 
_entity_src_gen.gene_src_details                   ? 
_entity_src_gen.pdbx_gene_src_fragment             ? 
_entity_src_gen.pdbx_gene_src_scientific_name      'Arabidopsis thaliana' 
_entity_src_gen.pdbx_gene_src_ncbi_taxonomy_id     3702 
_entity_src_gen.pdbx_gene_src_variant              ? 
_entity_src_gen.pdbx_gene_src_cell_line            ? 
_entity_src_gen.pdbx_gene_src_atcc                 ? 
_entity_src_gen.pdbx_gene_src_organ                ? 
_entity_src_gen.pdbx_gene_src_organelle            ? 
_entity_src_gen.pdbx_gene_src_cell                 ? 
_entity_src_gen.pdbx_gene_src_cellular_location    ? 
_entity_src_gen.host_org_common_name               ? 
_entity_src_gen.pdbx_host_org_scientific_name      'Escherichia coli' 
_entity_src_gen.pdbx_host_org_ncbi_taxonomy_id     469008 
_entity_src_gen.host_org_genus                     ? 
_entity_src_gen.pdbx_host_org_gene                 ? 
_entity_src_gen.pdbx_host_org_organ                ? 
_entity_src_gen.host_org_species                   ? 
_entity_src_gen.pdbx_host_org_tissue               ? 
_entity_src_gen.pdbx_host_org_tissue_fraction      ? 
_entity_src_gen.pdbx_host_org_strain               'BL21 (DE3)' 
_entity_src_gen.pdbx_host_org_variant              ? 
_entity_src_gen.pdbx_host_org_cell_line            ? 
_entity_src_gen.pdbx_host_org_atcc                 ? 
_entity_src_gen.pdbx_host_org_culture_collection   ? 
_entity_src_gen.pdbx_host_org_cell                 ? 
_entity_src_gen.pdbx_host_org_organelle            ? 
_entity_src_gen.pdbx_host_org_cellular_location    ? 
_entity_src_gen.pdbx_host_org_vector_type          PLASMID 
_entity_src_gen.pdbx_host_org_vector               ? 
_entity_src_gen.host_org_details                   ? 
_entity_src_gen.expression_system_id               ? 
_entity_src_gen.plasmid_name                       pSUMO 
_entity_src_gen.plasmid_details                    ? 
_entity_src_gen.pdbx_description                   ? 
# 
loop_
_chem_comp.id 
_chem_comp.type 
_chem_comp.mon_nstd_flag 
_chem_comp.name 
_chem_comp.pdbx_synonyms 
_chem_comp.formula 
_chem_comp.formula_weight 
ALA 'L-peptide linking' y ALANINE         ? 'C3 H7 N O2'     89.093  
ARG 'L-peptide linking' y ARGININE        ? 'C6 H15 N4 O2 1' 175.209 
ASN 'L-peptide linking' y ASPARAGINE      ? 'C4 H8 N2 O3'    132.118 
ASP 'L-peptide linking' y 'ASPARTIC ACID' ? 'C4 H7 N O4'     133.103 
CA  non-polymer         . 'CALCIUM ION'   ? 'Ca 2'           40.078  
CYS 'L-peptide linking' y CYSTEINE        ? 'C3 H7 N O2 S'   121.158 
GLN 'L-peptide linking' y GLUTAMINE       ? 'C5 H10 N2 O3'   146.144 
GLU 'L-peptide linking' y 'GLUTAMIC ACID' ? 'C5 H9 N O4'     147.129 
GLY 'peptide linking'   y GLYCINE         ? 'C2 H5 N O2'     75.067  
HIS 'L-peptide linking' y HISTIDINE       ? 'C6 H10 N3 O2 1' 156.162 
HOH non-polymer         . WATER           ? 'H2 O'           18.015  
ILE 'L-peptide linking' y ISOLEUCINE      ? 'C6 H13 N O2'    131.173 
LEU 'L-peptide linking' y LEUCINE         ? 'C6 H13 N O2'    131.173 
LYS 'L-peptide linking' y LYSINE          ? 'C6 H15 N2 O2 1' 147.195 
MET 'L-peptide linking' y METHIONINE      ? 'C5 H11 N O2 S'  149.211 
PHE 'L-peptide linking' y PHENYLALANINE   ? 'C9 H11 N O2'    165.189 
PRO 'L-peptide linking' y PROLINE         ? 'C5 H9 N O2'     115.130 
SER 'L-peptide linking' y SERINE          ? 'C3 H7 N O3'     105.093 
THR 'L-peptide linking' y THREONINE       ? 'C4 H9 N O3'     119.119 
TRP 'L-peptide linking' y TRYPTOPHAN      ? 'C11 H12 N2 O2'  204.225 
TYR 'L-peptide linking' y TYROSINE        ? 'C9 H11 N O3'    181.189 
VAL 'L-peptide linking' y VALINE          ? 'C5 H11 N O2'    117.146 
# 
loop_
_pdbx_poly_seq_scheme.asym_id 
_pdbx_poly_seq_scheme.entity_id 
_pdbx_poly_seq_scheme.seq_id 
_pdbx_poly_seq_scheme.mon_id 
_pdbx_poly_seq_scheme.ndb_seq_num 
_pdbx_poly_seq_scheme.pdb_seq_num 
_pdbx_poly_seq_scheme.auth_seq_num 
_pdbx_poly_seq_scheme.pdb_mon_id 
_pdbx_poly_seq_scheme.auth_mon_id 
_pdbx_poly_seq_scheme.pdb_strand_id 
_pdbx_poly_seq_scheme.pdb_ins_code 
_pdbx_poly_seq_scheme.hetero 
A 1 1   THR 1   5   ?   ?   ?   A . n 
A 1 2   SER 2   6   6   SER SER A . n 
A 1 3   SER 3   7   7   SER SER A . n 
A 1 4   ILE 4   8   8   ILE ILE A . n 
A 1 5   ASN 5   9   9   ASN ASN A . n 
A 1 6   PHE 6   10  10  PHE PHE A . n 
A 1 7   LEU 7   11  11  LEU LEU A . n 
A 1 8   THR 8   12  12  THR THR A . n 
A 1 9   SER 9   13  13  SER SER A . n 
A 1 10  ASP 10  14  14  ASP ASP A . n 
A 1 11  ASP 11  15  15  ASP ASP A . n 
A 1 12  ASP 12  16  16  ASP ASP A . n 
A 1 13  ALA 13  17  17  ALA ALA A . n 
A 1 14  SER 14  18  18  SER SER A . n 
A 1 15  ALA 15  19  19  ALA ALA A . n 
A 1 16  ALA 16  20  20  ALA ALA A . n 
A 1 17  ALA 17  21  21  ALA ALA A . n 
A 1 18  MET 18  22  22  MET MET A . n 
A 1 19  GLU 19  23  23  GLU GLU A . n 
A 1 20  ALA 20  24  24  ALA ALA A . n 
A 1 21  PHE 21  25  25  PHE PHE A . n 
A 1 22  ILE 22  26  26  ILE ILE A . n 
A 1 23  GLY 23  27  ?   ?   ?   A . n 
A 1 24  THR 24  28  ?   ?   ?   A . n 
A 1 25  ASN 25  29  ?   ?   ?   A . n 
A 1 26  HIS 26  30  ?   ?   ?   A . n 
A 1 27  HIS 27  31  ?   ?   ?   A . n 
A 1 28  SER 28  32  ?   ?   ?   A . n 
A 1 29  SER 29  33  ?   ?   ?   A . n 
A 1 30  LEU 30  34  ?   ?   ?   A . n 
A 1 31  PHE 31  35  ?   ?   ?   A . n 
A 1 32  PRO 32  36  ?   ?   ?   A . n 
A 1 33  PRO 33  37  ?   ?   ?   A . n 
A 1 34  PRO 34  38  ?   ?   ?   A . n 
A 1 35  PRO 35  39  ?   ?   ?   A . n 
A 1 36  GLN 36  40  ?   ?   ?   A . n 
A 1 37  GLN 37  41  ?   ?   ?   A . n 
A 1 38  PRO 38  42  ?   ?   ?   A . n 
A 1 39  PRO 39  43  ?   ?   ?   A . n 
A 1 40  GLN 40  44  ?   ?   ?   A . n 
A 1 41  PRO 41  45  ?   ?   ?   A . n 
A 1 42  GLN 42  46  ?   ?   ?   A . n 
A 1 43  PHE 43  47  ?   ?   ?   A . n 
A 1 44  ASN 44  48  ?   ?   ?   A . n 
A 1 45  GLU 45  49  49  GLU GLU A . n 
A 1 46  ASP 46  50  50  ASP ASP A . n 
A 1 47  THR 47  51  51  THR THR A . n 
A 1 48  LEU 48  52  52  LEU LEU A . n 
A 1 49  GLN 49  53  53  GLN GLN A . n 
A 1 50  GLN 50  54  54  GLN GLN A . n 
A 1 51  ARG 51  55  55  ARG ARG A . n 
A 1 52  LEU 52  56  56  LEU LEU A . n 
A 1 53  GLN 53  57  57  GLN GLN A . n 
A 1 54  ALA 54  58  58  ALA ALA A . n 
A 1 55  LEU 55  59  59  LEU LEU A . n 
A 1 56  ILE 56  60  60  ILE ILE A . n 
A 1 57  GLU 57  61  61  GLU GLU A . n 
A 1 58  SER 58  62  62  SER SER A . n 
A 1 59  ALA 59  63  63  ALA ALA A . n 
A 1 60  GLY 60  64  64  GLY GLY A . n 
A 1 61  GLU 61  65  65  GLU GLU A . n 
A 1 62  ASN 62  66  66  ASN ASN A . n 
A 1 63  TRP 63  67  67  TRP TRP A . n 
A 1 64  THR 64  68  68  THR THR A . n 
A 1 65  TYR 65  69  69  TYR TYR A . n 
A 1 66  ALA 66  70  70  ALA ALA A . n 
A 1 67  ILE 67  71  71  ILE ILE A . n 
A 1 68  PHE 68  72  72  PHE PHE A . n 
A 1 69  TRP 69  73  73  TRP TRP A . n 
A 1 70  GLN 70  74  74  GLN GLN A . n 
A 1 71  ILE 71  75  75  ILE ILE A . n 
A 1 72  SER 72  76  76  SER SER A . n 
A 1 73  HIS 73  77  77  HIS HIS A . n 
A 1 74  ASP 74  78  78  ASP ASP A . n 
A 1 75  PHE 75  79  79  PHE PHE A . n 
A 1 76  ASP 76  80  80  ASP ASP A . n 
A 1 77  SER 77  81  81  SER SER A . n 
A 1 78  SER 78  82  82  SER SER A . n 
A 1 79  THR 79  83  83  THR THR A . n 
A 1 80  GLY 80  84  84  GLY GLY A . n 
A 1 81  ASP 81  85  85  ASP ASP A . n 
A 1 82  ASN 82  86  86  ASN ASN A . n 
A 1 83  THR 83  87  87  THR THR A . n 
A 1 84  VAL 84  88  88  VAL VAL A . n 
A 1 85  ILE 85  89  89  ILE ILE A . n 
A 1 86  LEU 86  90  90  LEU LEU A . n 
A 1 87  GLY 87  91  91  GLY GLY A . n 
A 1 88  TRP 88  92  92  TRP TRP A . n 
A 1 89  GLY 89  93  93  GLY GLY A . n 
A 1 90  ASP 90  94  94  ASP ASP A . n 
A 1 91  GLY 91  95  95  GLY GLY A . n 
A 1 92  TYR 92  96  96  TYR TYR A . n 
A 1 93  TYR 93  97  97  TYR TYR A . n 
A 1 94  LYS 94  98  98  LYS LYS A . n 
A 1 95  GLY 95  99  99  GLY GLY A . n 
A 1 96  GLU 96  100 100 GLU GLU A . n 
A 1 97  GLU 97  101 ?   ?   ?   A . n 
A 1 98  ASP 98  102 ?   ?   ?   A . n 
A 1 99  LYS 99  103 ?   ?   ?   A . n 
A 1 100 GLU 100 104 ?   ?   ?   A . n 
A 1 101 LYS 101 105 ?   ?   ?   A . n 
A 1 102 LYS 102 106 ?   ?   ?   A . n 
A 1 103 LYS 103 107 ?   ?   ?   A . n 
A 1 104 ASN 104 108 ?   ?   ?   A . n 
A 1 105 ASN 105 109 ?   ?   ?   A . n 
A 1 106 THR 106 110 ?   ?   ?   A . n 
A 1 107 ASN 107 111 ?   ?   ?   A . n 
A 1 108 THR 108 112 ?   ?   ?   A . n 
A 1 109 ALA 109 113 113 ALA ALA A . n 
A 1 110 GLU 110 114 114 GLU GLU A . n 
A 1 111 GLN 111 115 115 GLN GLN A . n 
A 1 112 GLU 112 116 116 GLU GLU A . n 
A 1 113 HIS 113 117 117 HIS HIS A . n 
A 1 114 ARG 114 118 118 ARG ARG A . n 
A 1 115 LYS 115 119 119 LYS LYS A . n 
A 1 116 ARG 116 120 120 ARG ARG A . n 
A 1 117 VAL 117 121 121 VAL VAL A . n 
A 1 118 ILE 118 122 122 ILE ILE A . n 
A 1 119 ARG 119 123 123 ARG ARG A . n 
A 1 120 GLU 120 124 124 GLU GLU A . n 
A 1 121 LEU 121 125 125 LEU LEU A . n 
A 1 122 ASN 122 126 126 ASN ASN A . n 
A 1 123 SER 123 127 127 SER SER A . n 
A 1 124 LEU 124 128 128 LEU LEU A . n 
A 1 125 ILE 125 129 129 ILE ILE A . n 
A 1 126 SER 126 130 130 SER SER A . n 
A 1 127 GLY 127 131 131 GLY GLY A . n 
A 1 128 GLY 128 132 ?   ?   ?   A . n 
A 1 129 ILE 129 133 ?   ?   ?   A . n 
A 1 130 GLY 130 134 ?   ?   ?   A . n 
A 1 131 VAL 131 135 ?   ?   ?   A . n 
A 1 132 SER 132 136 ?   ?   ?   A . n 
A 1 133 ASP 133 137 ?   ?   ?   A . n 
A 1 134 GLU 134 138 ?   ?   ?   A . n 
A 1 135 SER 135 139 ?   ?   ?   A . n 
A 1 136 ASN 136 140 ?   ?   ?   A . n 
A 1 137 ASP 137 141 141 ASP ASP A . n 
A 1 138 GLU 138 142 142 GLU GLU A . n 
A 1 139 GLU 139 143 143 GLU GLU A . n 
A 1 140 VAL 140 144 144 VAL VAL A . n 
A 1 141 THR 141 145 145 THR THR A . n 
A 1 142 ASP 142 146 146 ASP ASP A . n 
A 1 143 THR 143 147 147 THR THR A . n 
A 1 144 GLU 144 148 148 GLU GLU A . n 
A 1 145 TRP 145 149 149 TRP TRP A . n 
A 1 146 PHE 146 150 150 PHE PHE A . n 
A 1 147 PHE 147 151 151 PHE PHE A . n 
A 1 148 LEU 148 152 152 LEU LEU A . n 
A 1 149 VAL 149 153 153 VAL VAL A . n 
A 1 150 SER 150 154 154 SER SER A . n 
A 1 151 MET 151 155 155 MET MET A . n 
A 1 152 THR 152 156 156 THR THR A . n 
A 1 153 GLN 153 157 157 GLN GLN A . n 
A 1 154 SER 154 158 158 SER SER A . n 
A 1 155 PHE 155 159 159 PHE PHE A . n 
A 1 156 VAL 156 160 160 VAL VAL A . n 
A 1 157 ASN 157 161 161 ASN ASN A . n 
A 1 158 GLY 158 162 162 GLY GLY A . n 
A 1 159 VAL 159 163 163 VAL VAL A . n 
A 1 160 GLY 160 164 164 GLY GLY A . n 
A 1 161 LEU 161 165 165 LEU LEU A . n 
A 1 162 PRO 162 166 166 PRO PRO A . n 
A 1 163 GLY 163 167 167 GLY GLY A . n 
A 1 164 GLU 164 168 168 GLU GLU A . n 
A 1 165 SER 165 169 169 SER SER A . n 
A 1 166 PHE 166 170 170 PHE PHE A . n 
A 1 167 LEU 167 171 171 LEU LEU A . n 
A 1 168 ASN 168 172 172 ASN ASN A . n 
A 1 169 SER 169 173 173 SER SER A . n 
A 1 170 ARG 170 174 174 ARG ARG A . n 
A 1 171 VAL 171 175 175 VAL VAL A . n 
A 1 172 ILE 172 176 176 ILE ILE A . n 
A 1 173 TRP 173 177 177 TRP TRP A . n 
A 1 174 LEU 174 178 178 LEU LEU A . n 
A 1 175 SER 175 179 179 SER SER A . n 
A 1 176 GLY 176 180 180 GLY GLY A . n 
A 1 177 SER 177 181 181 SER SER A . n 
A 1 178 GLY 178 182 182 GLY GLY A . n 
A 1 179 ALA 179 183 183 ALA ALA A . n 
A 1 180 LEU 180 184 184 LEU LEU A . n 
A 1 181 THR 181 185 185 THR THR A . n 
A 1 182 GLY 182 186 186 GLY GLY A . n 
A 1 183 SER 183 187 187 SER SER A . n 
A 1 184 GLY 184 188 188 GLY GLY A . n 
A 1 185 CYS 185 189 189 CYS CYS A . n 
A 1 186 GLU 186 190 190 GLU GLU A . n 
A 1 187 ARG 187 191 191 ARG ARG A . n 
A 1 188 ALA 188 192 192 ALA ALA A . n 
A 1 189 GLY 189 193 193 GLY GLY A . n 
A 1 190 GLN 190 194 194 GLN GLN A . n 
A 1 191 GLY 191 195 195 GLY GLY A . n 
A 1 192 GLN 192 196 196 GLN GLN A . n 
A 1 193 ILE 193 197 197 ILE ILE A . n 
A 1 194 TYR 194 198 198 TYR TYR A . n 
A 1 195 GLY 195 199 199 GLY GLY A . n 
A 1 196 LEU 196 200 200 LEU LEU A . n 
A 1 197 LYS 197 201 201 LYS LYS A . n 
A 1 198 THR 198 202 202 THR THR A . n 
A 1 199 MET 199 203 203 MET MET A . n 
A 1 200 VAL 200 204 204 VAL VAL A . n 
A 1 201 CYS 201 205 205 CYS CYS A . n 
A 1 202 ILE 202 206 206 ILE ILE A . n 
A 1 203 ALA 203 207 207 ALA ALA A . n 
A 1 204 THR 204 208 208 THR THR A . n 
A 1 205 GLN 205 209 209 GLN GLN A . n 
A 1 206 ASN 206 210 210 ASN ASN A . n 
A 1 207 GLY 207 211 211 GLY GLY A . n 
A 1 208 VAL 208 212 212 VAL VAL A . n 
A 1 209 VAL 209 213 213 VAL VAL A . n 
A 1 210 GLU 210 214 214 GLU GLU A . n 
A 1 211 LEU 211 215 215 LEU LEU A . n 
A 1 212 GLY 212 216 216 GLY GLY A . n 
A 1 213 SER 213 217 217 SER SER A . n 
A 1 214 SER 214 218 218 SER SER A . n 
A 1 215 GLU 215 219 219 GLU GLU A . n 
A 1 216 VAL 216 220 220 VAL VAL A . n 
A 1 217 ILE 217 221 221 ILE ILE A . n 
A 1 218 SER 218 222 222 SER SER A . n 
A 1 219 GLN 219 223 223 GLN GLN A . n 
A 1 220 SER 220 224 224 SER SER A . n 
A 1 221 SER 221 225 225 SER SER A . n 
A 1 222 ASP 222 226 226 ASP ASP A . n 
A 1 223 LEU 223 227 227 LEU LEU A . n 
A 1 224 MET 224 228 228 MET MET A . n 
A 1 225 HIS 225 229 229 HIS HIS A . n 
A 1 226 LYS 226 230 230 LYS LYS A . n 
A 1 227 VAL 227 231 231 VAL VAL A . n 
A 1 228 ASN 228 232 232 ASN ASN A . n 
A 1 229 ASN 229 233 233 ASN ASN A . n 
A 1 230 LEU 230 234 234 LEU LEU A . n 
A 1 231 PHE 231 235 235 PHE PHE A . n 
A 1 232 ASN 232 236 236 ASN ASN A . n 
A 1 233 PHE 233 237 237 PHE PHE A . n 
A 1 234 ASN 234 238 ?   ?   ?   A . n 
A 1 235 ASN 235 239 ?   ?   ?   A . n 
A 1 236 GLY 236 240 ?   ?   ?   A . n 
A 1 237 GLY 237 241 ?   ?   ?   A . n 
A 1 238 GLY 238 242 ?   ?   ?   A . n 
# 
loop_
_pdbx_nonpoly_scheme.asym_id 
_pdbx_nonpoly_scheme.entity_id 
_pdbx_nonpoly_scheme.mon_id 
_pdbx_nonpoly_scheme.ndb_seq_num 
_pdbx_nonpoly_scheme.pdb_seq_num 
_pdbx_nonpoly_scheme.auth_seq_num 
_pdbx_nonpoly_scheme.pdb_mon_id 
_pdbx_nonpoly_scheme.auth_mon_id 
_pdbx_nonpoly_scheme.pdb_strand_id 
_pdbx_nonpoly_scheme.pdb_ins_code 
B 2 CA  1  301 301 CA  CA  A . 
C 2 CA  1  302 302 CA  CA  A . 
D 3 HOH 1  401 401 HOH HOH A . 
D 3 HOH 2  402 402 HOH HOH A . 
D 3 HOH 3  403 403 HOH HOH A . 
D 3 HOH 4  404 404 HOH HOH A . 
D 3 HOH 5  405 405 HOH HOH A . 
D 3 HOH 6  406 406 HOH HOH A . 
D 3 HOH 7  407 407 HOH HOH A . 
D 3 HOH 8  408 408 HOH HOH A . 
D 3 HOH 9  409 409 HOH HOH A . 
D 3 HOH 10 410 410 HOH HOH A . 
D 3 HOH 11 411 411 HOH HOH A . 
D 3 HOH 12 412 412 HOH HOH A . 
D 3 HOH 13 413 413 HOH HOH A . 
D 3 HOH 14 414 414 HOH HOH A . 
D 3 HOH 15 415 415 HOH HOH A . 
D 3 HOH 16 416 416 HOH HOH A . 
D 3 HOH 17 417 417 HOH HOH A . 
D 3 HOH 18 418 418 HOH HOH A . 
D 3 HOH 19 419 419 HOH HOH A . 
D 3 HOH 20 420 420 HOH HOH A . 
D 3 HOH 21 421 421 HOH HOH A . 
D 3 HOH 22 422 422 HOH HOH A . 
D 3 HOH 23 423 423 HOH HOH A . 
D 3 HOH 24 424 424 HOH HOH A . 
D 3 HOH 25 425 425 HOH HOH A . 
D 3 HOH 26 426 426 HOH HOH A . 
D 3 HOH 27 427 427 HOH HOH A . 
D 3 HOH 28 428 428 HOH HOH A . 
D 3 HOH 29 429 429 HOH HOH A . 
D 3 HOH 30 430 430 HOH HOH A . 
D 3 HOH 31 431 431 HOH HOH A . 
D 3 HOH 32 432 432 HOH HOH A . 
D 3 HOH 33 433 433 HOH HOH A . 
D 3 HOH 34 434 434 HOH HOH A . 
D 3 HOH 35 435 435 HOH HOH A . 
D 3 HOH 36 436 436 HOH HOH A . 
D 3 HOH 37 437 437 HOH HOH A . 
D 3 HOH 38 438 438 HOH HOH A . 
D 3 HOH 39 439 439 HOH HOH A . 
D 3 HOH 40 440 440 HOH HOH A . 
D 3 HOH 41 441 441 HOH HOH A . 
D 3 HOH 42 442 442 HOH HOH A . 
D 3 HOH 43 443 443 HOH HOH A . 
D 3 HOH 44 444 444 HOH HOH A . 
D 3 HOH 45 445 445 HOH HOH A . 
D 3 HOH 46 446 446 HOH HOH A . 
D 3 HOH 47 447 447 HOH HOH A . 
D 3 HOH 48 448 448 HOH HOH A . 
D 3 HOH 49 449 449 HOH HOH A . 
D 3 HOH 50 450 450 HOH HOH A . 
D 3 HOH 51 451 451 HOH HOH A . 
D 3 HOH 52 452 452 HOH HOH A . 
D 3 HOH 53 453 453 HOH HOH A . 
D 3 HOH 54 454 454 HOH HOH A . 
D 3 HOH 55 455 455 HOH HOH A . 
D 3 HOH 56 456 456 HOH HOH A . 
D 3 HOH 57 457 457 HOH HOH A . 
D 3 HOH 58 458 458 HOH HOH A . 
D 3 HOH 59 459 459 HOH HOH A . 
D 3 HOH 60 460 460 HOH HOH A . 
D 3 HOH 61 461 461 HOH HOH A . 
D 3 HOH 62 462 462 HOH HOH A . 
D 3 HOH 63 463 463 HOH HOH A . 
D 3 HOH 64 464 464 HOH HOH A . 
D 3 HOH 65 465 465 HOH HOH A . 
D 3 HOH 66 466 466 HOH HOH A . 
D 3 HOH 67 467 467 HOH HOH A . 
D 3 HOH 68 468 468 HOH HOH A . 
D 3 HOH 69 469 469 HOH HOH A . 
D 3 HOH 70 470 470 HOH HOH A . 
D 3 HOH 71 471 471 HOH HOH A . 
# 
loop_
_pdbx_unobs_or_zero_occ_atoms.id 
_pdbx_unobs_or_zero_occ_atoms.PDB_model_num 
_pdbx_unobs_or_zero_occ_atoms.polymer_flag 
_pdbx_unobs_or_zero_occ_atoms.occupancy_flag 
_pdbx_unobs_or_zero_occ_atoms.auth_asym_id 
_pdbx_unobs_or_zero_occ_atoms.auth_comp_id 
_pdbx_unobs_or_zero_occ_atoms.auth_seq_id 
_pdbx_unobs_or_zero_occ_atoms.PDB_ins_code 
_pdbx_unobs_or_zero_occ_atoms.auth_atom_id 
_pdbx_unobs_or_zero_occ_atoms.label_alt_id 
_pdbx_unobs_or_zero_occ_atoms.label_asym_id 
_pdbx_unobs_or_zero_occ_atoms.label_comp_id 
_pdbx_unobs_or_zero_occ_atoms.label_seq_id 
_pdbx_unobs_or_zero_occ_atoms.label_atom_id 
1  1 Y 1 A ASP 14  ? CG  ? A ASP 10  CG  
2  1 Y 1 A ASP 14  ? OD1 ? A ASP 10  OD1 
3  1 Y 1 A ASP 14  ? OD2 ? A ASP 10  OD2 
4  1 Y 1 A GLU 124 ? CG  ? A GLU 120 CG  
5  1 Y 1 A GLU 124 ? CD  ? A GLU 120 CD  
6  1 Y 1 A GLU 124 ? OE1 ? A GLU 120 OE1 
7  1 Y 1 A GLU 124 ? OE2 ? A GLU 120 OE2 
8  1 Y 1 A PHE 237 ? CG  ? A PHE 233 CG  
9  1 Y 1 A PHE 237 ? CD1 ? A PHE 233 CD1 
10 1 Y 1 A PHE 237 ? CD2 ? A PHE 233 CD2 
11 1 Y 1 A PHE 237 ? CE1 ? A PHE 233 CE1 
12 1 Y 1 A PHE 237 ? CE2 ? A PHE 233 CE2 
13 1 Y 1 A PHE 237 ? CZ  ? A PHE 233 CZ  
# 
loop_
_software.name 
_software.classification 
_software.version 
_software.citation_id 
_software.pdbx_ordinal 
MD2    'data collection' program  ? 1 
PHASER phasing           .        ? 2 
REFMAC refinement        5.7.0032 ? 3 
XDS    'data reduction'  .        ? 4 
SCALA  'data scaling'    .        ? 5 
# 
_cell.entry_id           4RRU 
_cell.length_a           85.370 
_cell.length_b           85.370 
_cell.length_c           53.746 
_cell.angle_alpha        90.00 
_cell.angle_beta         90.00 
_cell.angle_gamma        120.00 
_cell.Z_PDB              6 
_cell.pdbx_unique_axis   ? 
_cell.length_a_esd       ? 
_cell.length_b_esd       ? 
_cell.length_c_esd       ? 
_cell.angle_alpha_esd    ? 
_cell.angle_beta_esd     ? 
_cell.angle_gamma_esd    ? 
# 
_symmetry.entry_id                         4RRU 
_symmetry.space_group_name_H-M             'P 32 2 1' 
_symmetry.pdbx_full_space_group_name_H-M   ? 
_symmetry.cell_setting                     ? 
_symmetry.Int_Tables_number                154 
_symmetry.space_group_name_Hall            ? 
# 
_exptl.entry_id          4RRU 
_exptl.method            'X-RAY DIFFRACTION' 
_exptl.crystals_number   1 
# 
_exptl_crystal.id                    1 
_exptl_crystal.density_meas          ? 
_exptl_crystal.density_Matthews      2.18 
_exptl_crystal.density_percent_sol   43.53 
_exptl_crystal.description           ? 
_exptl_crystal.F_000                 ? 
_exptl_crystal.preparation           ? 
# 
_exptl_crystal_grow.crystal_id      1 
_exptl_crystal_grow.method          'VAPOR DIFFUSION, SITTING DROP' 
_exptl_crystal_grow.temp            293 
_exptl_crystal_grow.temp_details    ? 
_exptl_crystal_grow.pH              8.5 
_exptl_crystal_grow.pdbx_pH_range   ? 
_exptl_crystal_grow.pdbx_details    
'0.2 M magnesium chloride, 0.1 M Tris, pH 8.5, 30% (w/v) polyethylene glycol 4000, VAPOR DIFFUSION, SITTING DROP, temperature 293K' 
# 
_diffrn.id                     1 
_diffrn.ambient_temp           100 
_diffrn.ambient_temp_details   ? 
_diffrn.crystal_id             1 
# 
_diffrn_detector.diffrn_id              1 
_diffrn_detector.detector               CCD 
_diffrn_detector.type                   'MARMOSAIC 300 mm CCD' 
_diffrn_detector.pdbx_collection_date   2013-10-18 
_diffrn_detector.details                ? 
# 
_diffrn_radiation.diffrn_id                        1 
_diffrn_radiation.wavelength_id                    1 
_diffrn_radiation.pdbx_monochromatic_or_laue_m_l   M 
_diffrn_radiation.monochromator                    'Ni FILTER' 
_diffrn_radiation.pdbx_diffrn_protocol             'SINGLE WAVELENGTH' 
_diffrn_radiation.pdbx_scattering_type             x-ray 
# 
_diffrn_radiation_wavelength.id           1 
_diffrn_radiation_wavelength.wavelength   1.078 
_diffrn_radiation_wavelength.wt           1.0 
# 
_diffrn_source.diffrn_id                   1 
_diffrn_source.source                      SYNCHROTRON 
_diffrn_source.type                        'APS BEAMLINE 21-ID-D' 
_diffrn_source.pdbx_synchrotron_site       APS 
_diffrn_source.pdbx_synchrotron_beamline   21-ID-D 
_diffrn_source.pdbx_wavelength             ? 
_diffrn_source.pdbx_wavelength_list        1.078 
# 
_reflns.pdbx_diffrn_id               1 
_reflns.pdbx_ordinal                 1 
_reflns.entry_id                     4RRU 
_reflns.observed_criterion_sigma_I   ? 
_reflns.observed_criterion_sigma_F   ? 
_reflns.d_resolution_low             50 
_reflns.d_resolution_high            2.1 
_reflns.number_obs                   13509 
_reflns.number_all                   13509 
_reflns.percent_possible_obs         100 
_reflns.pdbx_Rmerge_I_obs            0.054 
_reflns.pdbx_Rsym_value              ? 
_reflns.pdbx_netI_over_sigmaI        18.2 
_reflns.B_iso_Wilson_estimate        ? 
_reflns.pdbx_redundancy              7.3 
_reflns.R_free_details               ? 
_reflns.limit_h_max                  ? 
_reflns.limit_h_min                  ? 
_reflns.limit_k_max                  ? 
_reflns.limit_k_min                  ? 
_reflns.limit_l_max                  ? 
_reflns.limit_l_min                  ? 
_reflns.observed_criterion_F_max     ? 
_reflns.observed_criterion_F_min     ? 
_reflns.pdbx_chi_squared             ? 
_reflns.pdbx_scaling_rejects         ? 
# 
_reflns_shell.pdbx_diffrn_id         1 
_reflns_shell.pdbx_ordinal           1 
_reflns_shell.d_res_high             2.1 
_reflns_shell.d_res_low              2.16 
_reflns_shell.percent_possible_all   100 
_reflns_shell.Rmerge_I_obs           ? 
_reflns_shell.pdbx_Rsym_value        ? 
_reflns_shell.meanI_over_sigI_obs    ? 
_reflns_shell.pdbx_redundancy        ? 
_reflns_shell.percent_possible_obs   ? 
_reflns_shell.number_unique_all      ? 
_reflns_shell.number_measured_all    ? 
_reflns_shell.number_measured_obs    ? 
_reflns_shell.number_unique_obs      ? 
_reflns_shell.pdbx_chi_squared       ? 
# 
_refine.pdbx_refine_id                           'X-RAY DIFFRACTION' 
_refine.entry_id                                 4RRU 
_refine.pdbx_diffrn_id                           1 
_refine.pdbx_TLS_residual_ADP_flag               ? 
_refine.ls_number_reflns_obs                     12780 
_refine.ls_number_reflns_all                     12789 
_refine.pdbx_ls_sigma_I                          ? 
_refine.pdbx_ls_sigma_F                          . 
_refine.pdbx_data_cutoff_high_absF               ? 
_refine.pdbx_data_cutoff_low_absF                ? 
_refine.pdbx_data_cutoff_high_rms_absF           ? 
_refine.ls_d_res_low                             43.47 
_refine.ls_d_res_high                            2.10 
_refine.ls_percent_reflns_obs                    99.93 
_refine.ls_R_factor_obs                          0.23501 
_refine.ls_R_factor_all                          ? 
_refine.ls_R_factor_R_work                       0.23294 
_refine.ls_R_factor_R_free                       0.27559 
_refine.ls_R_factor_R_free_error                 ? 
_refine.ls_R_factor_R_free_error_details         ? 
_refine.ls_percent_reflns_R_free                 5.2 
_refine.ls_number_reflns_R_free                  706 
_refine.ls_number_parameters                     ? 
_refine.ls_number_restraints                     ? 
_refine.occupancy_min                            ? 
_refine.occupancy_max                            ? 
_refine.correlation_coeff_Fo_to_Fc               0.948 
_refine.correlation_coeff_Fo_to_Fc_free          0.923 
_refine.B_iso_mean                               59.405 
_refine.aniso_B[1][1]                            -0.05 
_refine.aniso_B[2][2]                            -0.05 
_refine.aniso_B[3][3]                            0.15 
_refine.aniso_B[1][2]                            -0.05 
_refine.aniso_B[1][3]                            0.00 
_refine.aniso_B[2][3]                            0.00 
_refine.solvent_model_details                    MASK 
_refine.solvent_model_param_ksol                 ? 
_refine.solvent_model_param_bsol                 ? 
_refine.pdbx_solvent_vdw_probe_radii             1.20 
_refine.pdbx_solvent_ion_probe_radii             0.80 
_refine.pdbx_solvent_shrinkage_radii             0.80 
_refine.pdbx_ls_cross_valid_method               THROUGHOUT 
_refine.details                                  'HYDROGENS HAVE BEEN USED IF PRESENT IN THE INPUT' 
_refine.pdbx_starting_model                      'Myc3[44-238] structure' 
_refine.pdbx_method_to_determine_struct          'MOLECULAR REPLACEMENT' 
_refine.pdbx_isotropic_thermal_model             ? 
_refine.pdbx_stereochemistry_target_values       'MAXIMUM LIKELIHOOD' 
_refine.pdbx_stereochem_target_val_spec_case     ? 
_refine.pdbx_R_Free_selection_details            RANDOM 
_refine.pdbx_overall_ESU_R                       0.237 
_refine.pdbx_overall_ESU_R_Free                  0.203 
_refine.overall_SU_ML                            0.161 
_refine.pdbx_overall_phase_error                 ? 
_refine.overall_SU_B                             6.149 
_refine.overall_SU_R_Cruickshank_DPI             ? 
_refine.pdbx_overall_SU_R_free_Cruickshank_DPI   ? 
_refine.pdbx_overall_SU_R_Blow_DPI               ? 
_refine.pdbx_overall_SU_R_free_Blow_DPI          ? 
_refine.ls_redundancy_reflns_obs                 ? 
_refine.B_iso_min                                ? 
_refine.B_iso_max                                ? 
_refine.overall_SU_R_free                        ? 
_refine.ls_wR_factor_R_free                      ? 
_refine.ls_wR_factor_R_work                      ? 
_refine.overall_FOM_free_R_set                   ? 
_refine.overall_FOM_work_R_set                   ? 
# 
_refine_hist.pdbx_refine_id                   'X-RAY DIFFRACTION' 
_refine_hist.cycle_id                         LAST 
_refine_hist.pdbx_number_atoms_protein        1444 
_refine_hist.pdbx_number_atoms_nucleic_acid   0 
_refine_hist.pdbx_number_atoms_ligand         2 
_refine_hist.number_atoms_solvent             71 
_refine_hist.number_atoms_total               1517 
_refine_hist.d_res_high                       2.10 
_refine_hist.d_res_low                        43.47 
# 
loop_
_refine_ls_restr.type 
_refine_ls_restr.dev_ideal 
_refine_ls_restr.dev_ideal_target 
_refine_ls_restr.weight 
_refine_ls_restr.number 
_refine_ls_restr.pdbx_refine_id 
_refine_ls_restr.pdbx_restraint_function 
r_bond_refined_d             0.009  0.019  ? 1469 'X-RAY DIFFRACTION' ? 
r_bond_other_d               ?      ?      ? ?    'X-RAY DIFFRACTION' ? 
r_angle_refined_deg          1.360  1.923  ? 1982 'X-RAY DIFFRACTION' ? 
r_angle_other_deg            ?      ?      ? ?    'X-RAY DIFFRACTION' ? 
r_dihedral_angle_1_deg       6.420  5.000  ? 185  'X-RAY DIFFRACTION' ? 
r_dihedral_angle_2_deg       33.294 25.352 ? 71   'X-RAY DIFFRACTION' ? 
r_dihedral_angle_3_deg       17.280 15.000 ? 238  'X-RAY DIFFRACTION' ? 
r_dihedral_angle_4_deg       14.377 15.000 ? 6    'X-RAY DIFFRACTION' ? 
r_chiral_restr               0.096  0.200  ? 221  'X-RAY DIFFRACTION' ? 
r_gen_planes_refined         0.005  0.020  ? 1113 'X-RAY DIFFRACTION' ? 
r_gen_planes_other           ?      ?      ? ?    'X-RAY DIFFRACTION' ? 
r_nbd_refined                ?      ?      ? ?    'X-RAY DIFFRACTION' ? 
r_nbd_other                  ?      ?      ? ?    'X-RAY DIFFRACTION' ? 
r_nbtor_refined              ?      ?      ? ?    'X-RAY DIFFRACTION' ? 
r_nbtor_other                ?      ?      ? ?    'X-RAY DIFFRACTION' ? 
r_xyhbond_nbd_refined        ?      ?      ? ?    'X-RAY DIFFRACTION' ? 
r_xyhbond_nbd_other          ?      ?      ? ?    'X-RAY DIFFRACTION' ? 
r_metal_ion_refined          ?      ?      ? ?    'X-RAY DIFFRACTION' ? 
r_metal_ion_other            ?      ?      ? ?    'X-RAY DIFFRACTION' ? 
r_symmetry_vdw_refined       ?      ?      ? ?    'X-RAY DIFFRACTION' ? 
r_symmetry_vdw_other         ?      ?      ? ?    'X-RAY DIFFRACTION' ? 
r_symmetry_hbond_refined     ?      ?      ? ?    'X-RAY DIFFRACTION' ? 
r_symmetry_hbond_other       ?      ?      ? ?    'X-RAY DIFFRACTION' ? 
r_symmetry_metal_ion_refined ?      ?      ? ?    'X-RAY DIFFRACTION' ? 
r_symmetry_metal_ion_other   ?      ?      ? ?    'X-RAY DIFFRACTION' ? 
r_mcbond_it                  3.350  5.792  ? 754  'X-RAY DIFFRACTION' ? 
r_mcbond_other               ?      ?      ? ?    'X-RAY DIFFRACTION' ? 
r_mcangle_it                 5.102  8.623  ? 933  'X-RAY DIFFRACTION' ? 
r_mcangle_other              ?      ?      ? ?    'X-RAY DIFFRACTION' ? 
r_scbond_it                  3.669  6.103  ? 715  'X-RAY DIFFRACTION' ? 
r_scbond_other               ?      ?      ? ?    'X-RAY DIFFRACTION' ? 
r_scangle_it                 ?      ?      ? ?    'X-RAY DIFFRACTION' ? 
r_scangle_other              ?      ?      ? ?    'X-RAY DIFFRACTION' ? 
r_long_range_B_refined       10.314 54.224 ? 6408 'X-RAY DIFFRACTION' ? 
r_long_range_B_other         ?      ?      ? ?    'X-RAY DIFFRACTION' ? 
r_rigid_bond_restr           ?      ?      ? ?    'X-RAY DIFFRACTION' ? 
r_sphericity_free            ?      ?      ? ?    'X-RAY DIFFRACTION' ? 
r_sphericity_bonded          ?      ?      ? ?    'X-RAY DIFFRACTION' ? 
# 
_refine_ls_shell.pdbx_refine_id                   'X-RAY DIFFRACTION' 
_refine_ls_shell.pdbx_total_number_of_bins_used   20 
_refine_ls_shell.d_res_high                       2.100 
_refine_ls_shell.d_res_low                        2.155 
_refine_ls_shell.number_reflns_R_work             934 
_refine_ls_shell.R_factor_R_work                  0.401 
_refine_ls_shell.percent_reflns_obs               99.90 
_refine_ls_shell.R_factor_R_free                  0.412 
_refine_ls_shell.R_factor_R_free_error            ? 
_refine_ls_shell.percent_reflns_R_free            ? 
_refine_ls_shell.number_reflns_R_free             49 
_refine_ls_shell.number_reflns_all                ? 
_refine_ls_shell.R_factor_all                     ? 
_refine_ls_shell.redundancy_reflns_obs            ? 
_refine_ls_shell.number_reflns_obs                ? 
# 
_struct.entry_id                  4RRU 
_struct.title                     'Myc3 N-terminal JAZ-binding domain[5-242] from arabidopsis' 
_struct.pdbx_model_details        ? 
_struct.pdbx_CASP_flag            ? 
_struct.pdbx_model_type_details   ? 
# 
_struct_keywords.entry_id        4RRU 
_struct_keywords.pdbx_keywords   'TRANSCRIPTION REGULATOR' 
_struct_keywords.text            'Helix-Sheet-Helix fold, Transcription factor, JAZ repressors, Nuclear, TRANSCRIPTION REGULATOR' 
# 
loop_
_struct_asym.id 
_struct_asym.pdbx_blank_PDB_chainid_flag 
_struct_asym.pdbx_modified 
_struct_asym.entity_id 
_struct_asym.details 
A N N 1 ? 
B N N 2 ? 
C N N 2 ? 
D N N 3 ? 
# 
_struct_ref.id                         1 
_struct_ref.db_name                    UNP 
_struct_ref.db_code                    MYC3_ARATH 
_struct_ref.pdbx_db_accession          Q9FIP9 
_struct_ref.entity_id                  1 
_struct_ref.pdbx_seq_one_letter_code   
;TSSINFLTSDDDASAAAMEAFIGTNHHSSLFPPPPQQPPQPQFNEDTLQQRLQALIESAGENWTYAIFWQISHDFDSSTG
DNTVILGWGDGYYKGEEDKEKKKNNTNTAEQEHRKRVIRELNSLISGGIGVSDESNDEEVTDTEWFFLVSMTQSFVNGVG
LPGESFLNSRVIWLSGSGALTGSGCERAGQGQIYGLKTMVCIATQNGVVELGSSEVISQSSDLMHKVNNLFNFNNGGG
;
_struct_ref.pdbx_align_begin           5 
_struct_ref.pdbx_db_isoform            ? 
# 
_struct_ref_seq.align_id                      1 
_struct_ref_seq.ref_id                        1 
_struct_ref_seq.pdbx_PDB_id_code              4RRU 
_struct_ref_seq.pdbx_strand_id                A 
_struct_ref_seq.seq_align_beg                 1 
_struct_ref_seq.pdbx_seq_align_beg_ins_code   ? 
_struct_ref_seq.seq_align_end                 238 
_struct_ref_seq.pdbx_seq_align_end_ins_code   ? 
_struct_ref_seq.pdbx_db_accession             Q9FIP9 
_struct_ref_seq.db_align_beg                  5 
_struct_ref_seq.pdbx_db_align_beg_ins_code    ? 
_struct_ref_seq.db_align_end                  242 
_struct_ref_seq.pdbx_db_align_end_ins_code    ? 
_struct_ref_seq.pdbx_auth_seq_align_beg       5 
_struct_ref_seq.pdbx_auth_seq_align_end       242 
# 
loop_
_pdbx_struct_assembly.id 
_pdbx_struct_assembly.details 
_pdbx_struct_assembly.method_details 
_pdbx_struct_assembly.oligomeric_details 
_pdbx_struct_assembly.oligomeric_count 
1 author_defined_assembly   ?    monomeric 1 
2 software_defined_assembly PISA dimeric   2 
# 
loop_
_pdbx_struct_assembly_prop.biol_id 
_pdbx_struct_assembly_prop.type 
_pdbx_struct_assembly_prop.value 
_pdbx_struct_assembly_prop.details 
2 'ABSA (A^2)' 2290  ? 
2 MORE         -46   ? 
2 'SSA (A^2)'  17050 ? 
# 
loop_
_pdbx_struct_assembly_gen.assembly_id 
_pdbx_struct_assembly_gen.oper_expression 
_pdbx_struct_assembly_gen.asym_id_list 
1 1   A,B,C,D 
2 1,2 A,B,C,D 
# 
loop_
_pdbx_struct_oper_list.id 
_pdbx_struct_oper_list.type 
_pdbx_struct_oper_list.name 
_pdbx_struct_oper_list.symmetry_operation 
_pdbx_struct_oper_list.matrix[1][1] 
_pdbx_struct_oper_list.matrix[1][2] 
_pdbx_struct_oper_list.matrix[1][3] 
_pdbx_struct_oper_list.vector[1] 
_pdbx_struct_oper_list.matrix[2][1] 
_pdbx_struct_oper_list.matrix[2][2] 
_pdbx_struct_oper_list.matrix[2][3] 
_pdbx_struct_oper_list.vector[2] 
_pdbx_struct_oper_list.matrix[3][1] 
_pdbx_struct_oper_list.matrix[3][2] 
_pdbx_struct_oper_list.matrix[3][3] 
_pdbx_struct_oper_list.vector[3] 
1 'identity operation'         1_555 x,y,z  1.0000000000  0.0000000000 0.0000000000 0.0000000000  0.0000000000 1.0000000000  0.0000000000 0.0000000000  0.0000000000 0.0000000000 1.0000000000 0.0000000000  
2 'crystal symmetry operation' 4_555 y,x,-z -0.7460614914 0.1261103110 0.6538260017 10.4909116206 0.1261103110 -0.9373714108 0.3247014439 22.9247149514 0.6538260017 0.3247014439 0.6834329022 -8.4962809196 
# 
_struct_biol.id        1 
_struct_biol.details   ? 
# 
loop_
_struct_conf.conf_type_id 
_struct_conf.id 
_struct_conf.pdbx_PDB_helix_id 
_struct_conf.beg_label_comp_id 
_struct_conf.beg_label_asym_id 
_struct_conf.beg_label_seq_id 
_struct_conf.pdbx_beg_PDB_ins_code 
_struct_conf.end_label_comp_id 
_struct_conf.end_label_asym_id 
_struct_conf.end_label_seq_id 
_struct_conf.pdbx_end_PDB_ins_code 
_struct_conf.beg_auth_comp_id 
_struct_conf.beg_auth_asym_id 
_struct_conf.beg_auth_seq_id 
_struct_conf.end_auth_comp_id 
_struct_conf.end_auth_asym_id 
_struct_conf.end_auth_seq_id 
_struct_conf.pdbx_PDB_helix_class 
_struct_conf.details 
_struct_conf.pdbx_PDB_helix_length 
HELX_P HELX_P1 1 SER A 3   ? LEU A 7   ? SER A 7   LEU A 11  5 ? 5  
HELX_P HELX_P2 2 ASP A 12  ? ILE A 22  ? ASP A 16  ILE A 26  1 ? 11 
HELX_P HELX_P3 3 THR A 47  ? SER A 58  ? THR A 51  SER A 62  1 ? 12 
HELX_P HELX_P4 4 GLU A 110 ? SER A 126 ? GLU A 114 SER A 130 1 ? 17 
HELX_P HELX_P5 5 THR A 141 ? MET A 151 ? THR A 145 MET A 155 1 ? 11 
HELX_P HELX_P6 6 VAL A 159 ? ASN A 168 ? VAL A 163 ASN A 172 1 ? 10 
HELX_P HELX_P7 7 GLY A 176 ? GLY A 182 ? GLY A 180 GLY A 186 1 ? 7  
HELX_P HELX_P8 8 CYS A 185 ? TYR A 194 ? CYS A 189 TYR A 198 1 ? 10 
HELX_P HELX_P9 9 SER A 220 ? ASN A 232 ? SER A 224 ASN A 236 1 ? 13 
# 
_struct_conf_type.id          HELX_P 
_struct_conf_type.criteria    ? 
_struct_conf_type.reference   ? 
# 
loop_
_struct_conn.id 
_struct_conn.conn_type_id 
_struct_conn.pdbx_leaving_atom_flag 
_struct_conn.pdbx_PDB_id 
_struct_conn.ptnr1_label_asym_id 
_struct_conn.ptnr1_label_comp_id 
_struct_conn.ptnr1_label_seq_id 
_struct_conn.ptnr1_label_atom_id 
_struct_conn.pdbx_ptnr1_label_alt_id 
_struct_conn.pdbx_ptnr1_PDB_ins_code 
_struct_conn.pdbx_ptnr1_standard_comp_id 
_struct_conn.ptnr1_symmetry 
_struct_conn.ptnr2_label_asym_id 
_struct_conn.ptnr2_label_comp_id 
_struct_conn.ptnr2_label_seq_id 
_struct_conn.ptnr2_label_atom_id 
_struct_conn.pdbx_ptnr2_label_alt_id 
_struct_conn.pdbx_ptnr2_PDB_ins_code 
_struct_conn.ptnr1_auth_asym_id 
_struct_conn.ptnr1_auth_comp_id 
_struct_conn.ptnr1_auth_seq_id 
_struct_conn.ptnr2_auth_asym_id 
_struct_conn.ptnr2_auth_comp_id 
_struct_conn.ptnr2_auth_seq_id 
_struct_conn.ptnr2_symmetry 
_struct_conn.pdbx_ptnr3_label_atom_id 
_struct_conn.pdbx_ptnr3_label_seq_id 
_struct_conn.pdbx_ptnr3_label_comp_id 
_struct_conn.pdbx_ptnr3_label_asym_id 
_struct_conn.pdbx_ptnr3_label_alt_id 
_struct_conn.pdbx_ptnr3_PDB_ins_code 
_struct_conn.details 
_struct_conn.pdbx_dist_value 
_struct_conn.pdbx_value_order 
_struct_conn.pdbx_role 
metalc1 metalc ? ? A SER 9  O ? ? ? 1_555 B CA . CA ? ? A SER 13 A CA 301 1_555 ? ? ? ? ? ? ? 2.560 ? ? 
metalc2 metalc ? ? A GLY 89 O ? ? ? 1_555 B CA . CA ? ? A GLY 93 A CA 301 1_555 ? ? ? ? ? ? ? 2.238 ? ? 
# 
_struct_conn_type.id          metalc 
_struct_conn_type.criteria    ? 
_struct_conn_type.reference   ? 
# 
_pdbx_struct_conn_angle.id                    1 
_pdbx_struct_conn_angle.ptnr1_label_atom_id   O 
_pdbx_struct_conn_angle.ptnr1_label_alt_id    ? 
_pdbx_struct_conn_angle.ptnr1_label_asym_id   A 
_pdbx_struct_conn_angle.ptnr1_label_comp_id   SER 
_pdbx_struct_conn_angle.ptnr1_label_seq_id    9 
_pdbx_struct_conn_angle.ptnr1_auth_atom_id    ? 
_pdbx_struct_conn_angle.ptnr1_auth_asym_id    A 
_pdbx_struct_conn_angle.ptnr1_auth_comp_id    SER 
_pdbx_struct_conn_angle.ptnr1_auth_seq_id     13 
_pdbx_struct_conn_angle.ptnr1_PDB_ins_code    ? 
_pdbx_struct_conn_angle.ptnr1_symmetry        1_555 
_pdbx_struct_conn_angle.ptnr2_label_atom_id   CA 
_pdbx_struct_conn_angle.ptnr2_label_alt_id    ? 
_pdbx_struct_conn_angle.ptnr2_label_asym_id   B 
_pdbx_struct_conn_angle.ptnr2_label_comp_id   CA 
_pdbx_struct_conn_angle.ptnr2_label_seq_id    . 
_pdbx_struct_conn_angle.ptnr2_auth_atom_id    ? 
_pdbx_struct_conn_angle.ptnr2_auth_asym_id    A 
_pdbx_struct_conn_angle.ptnr2_auth_comp_id    CA 
_pdbx_struct_conn_angle.ptnr2_auth_seq_id     301 
_pdbx_struct_conn_angle.ptnr2_PDB_ins_code    ? 
_pdbx_struct_conn_angle.ptnr2_symmetry        1_555 
_pdbx_struct_conn_angle.ptnr3_label_atom_id   O 
_pdbx_struct_conn_angle.ptnr3_label_alt_id    ? 
_pdbx_struct_conn_angle.ptnr3_label_asym_id   A 
_pdbx_struct_conn_angle.ptnr3_label_comp_id   GLY 
_pdbx_struct_conn_angle.ptnr3_label_seq_id    89 
_pdbx_struct_conn_angle.ptnr3_auth_atom_id    ? 
_pdbx_struct_conn_angle.ptnr3_auth_asym_id    A 
_pdbx_struct_conn_angle.ptnr3_auth_comp_id    GLY 
_pdbx_struct_conn_angle.ptnr3_auth_seq_id     93 
_pdbx_struct_conn_angle.ptnr3_PDB_ins_code    ? 
_pdbx_struct_conn_angle.ptnr3_symmetry        1_555 
_pdbx_struct_conn_angle.value                 85.5 
_pdbx_struct_conn_angle.value_esd             ? 
# 
loop_
_struct_mon_prot_cis.pdbx_id 
_struct_mon_prot_cis.label_comp_id 
_struct_mon_prot_cis.label_seq_id 
_struct_mon_prot_cis.label_asym_id 
_struct_mon_prot_cis.label_alt_id 
_struct_mon_prot_cis.pdbx_PDB_ins_code 
_struct_mon_prot_cis.auth_comp_id 
_struct_mon_prot_cis.auth_seq_id 
_struct_mon_prot_cis.auth_asym_id 
_struct_mon_prot_cis.pdbx_label_comp_id_2 
_struct_mon_prot_cis.pdbx_label_seq_id_2 
_struct_mon_prot_cis.pdbx_label_asym_id_2 
_struct_mon_prot_cis.pdbx_PDB_ins_code_2 
_struct_mon_prot_cis.pdbx_auth_comp_id_2 
_struct_mon_prot_cis.pdbx_auth_seq_id_2 
_struct_mon_prot_cis.pdbx_auth_asym_id_2 
_struct_mon_prot_cis.pdbx_PDB_model_num 
_struct_mon_prot_cis.pdbx_omega_angle 
1 ASP 46  A . ? ASP 50  A THR 47  A ? THR 51  A 1 -12.89 
2 GLY 80  A . ? GLY 84  A ASP 81  A ? ASP 85  A 1 -0.87  
3 SER 126 A . ? SER 130 A GLY 127 A ? GLY 131 A 1 2.85   
# 
_struct_sheet.id               A 
_struct_sheet.type             ? 
_struct_sheet.number_strands   6 
_struct_sheet.details          ? 
# 
loop_
_struct_sheet_order.sheet_id 
_struct_sheet_order.range_id_1 
_struct_sheet_order.range_id_2 
_struct_sheet_order.offset 
_struct_sheet_order.sense 
A 1 2 ? anti-parallel 
A 2 3 ? anti-parallel 
A 3 4 ? anti-parallel 
A 4 5 ? anti-parallel 
A 5 6 ? anti-parallel 
# 
loop_
_struct_sheet_range.sheet_id 
_struct_sheet_range.id 
_struct_sheet_range.beg_label_comp_id 
_struct_sheet_range.beg_label_asym_id 
_struct_sheet_range.beg_label_seq_id 
_struct_sheet_range.pdbx_beg_PDB_ins_code 
_struct_sheet_range.end_label_comp_id 
_struct_sheet_range.end_label_asym_id 
_struct_sheet_range.end_label_seq_id 
_struct_sheet_range.pdbx_end_PDB_ins_code 
_struct_sheet_range.beg_auth_comp_id 
_struct_sheet_range.beg_auth_asym_id 
_struct_sheet_range.beg_auth_seq_id 
_struct_sheet_range.end_auth_comp_id 
_struct_sheet_range.end_auth_asym_id 
_struct_sheet_range.end_auth_seq_id 
A 1 SER A 154 ? VAL A 156 ? SER A 158 VAL A 160 
A 2 ASN A 82  ? TYR A 93  ? ASN A 86  TYR A 97  
A 3 TYR A 65  ? PHE A 75  ? TYR A 69  PHE A 79  
A 4 GLY A 207 ? SER A 213 ? GLY A 211 SER A 217 
A 5 THR A 198 ? ALA A 203 ? THR A 202 ALA A 207 
A 6 VAL A 171 ? SER A 175 ? VAL A 175 SER A 179 
# 
loop_
_pdbx_struct_sheet_hbond.sheet_id 
_pdbx_struct_sheet_hbond.range_id_1 
_pdbx_struct_sheet_hbond.range_id_2 
_pdbx_struct_sheet_hbond.range_1_label_atom_id 
_pdbx_struct_sheet_hbond.range_1_label_comp_id 
_pdbx_struct_sheet_hbond.range_1_label_asym_id 
_pdbx_struct_sheet_hbond.range_1_label_seq_id 
_pdbx_struct_sheet_hbond.range_1_PDB_ins_code 
_pdbx_struct_sheet_hbond.range_1_auth_atom_id 
_pdbx_struct_sheet_hbond.range_1_auth_comp_id 
_pdbx_struct_sheet_hbond.range_1_auth_asym_id 
_pdbx_struct_sheet_hbond.range_1_auth_seq_id 
_pdbx_struct_sheet_hbond.range_2_label_atom_id 
_pdbx_struct_sheet_hbond.range_2_label_comp_id 
_pdbx_struct_sheet_hbond.range_2_label_asym_id 
_pdbx_struct_sheet_hbond.range_2_label_seq_id 
_pdbx_struct_sheet_hbond.range_2_PDB_ins_code 
_pdbx_struct_sheet_hbond.range_2_auth_atom_id 
_pdbx_struct_sheet_hbond.range_2_auth_comp_id 
_pdbx_struct_sheet_hbond.range_2_auth_asym_id 
_pdbx_struct_sheet_hbond.range_2_auth_seq_id 
A 1 2 O PHE A 155 ? O PHE A 159 N LEU A 86  ? N LEU A 90  
A 2 3 O ASP A 90  ? O ASP A 94  N PHE A 68  ? N PHE A 72  
A 3 4 N TRP A 69  ? N TRP A 73  O VAL A 208 ? O VAL A 212 
A 4 5 O LEU A 211 ? O LEU A 215 N VAL A 200 ? N VAL A 204 
A 5 6 O CYS A 201 ? O CYS A 205 N ILE A 172 ? N ILE A 176 
# 
loop_
_struct_site.id 
_struct_site.pdbx_evidence_code 
_struct_site.pdbx_auth_asym_id 
_struct_site.pdbx_auth_comp_id 
_struct_site.pdbx_auth_seq_id 
_struct_site.pdbx_auth_ins_code 
_struct_site.pdbx_num_residues 
_struct_site.details 
AC1 Software A CA 301 ? 2 'BINDING SITE FOR RESIDUE CA A 301' 
AC2 Software A CA 302 ? 2 'BINDING SITE FOR RESIDUE CA A 302' 
# 
loop_
_struct_site_gen.id 
_struct_site_gen.site_id 
_struct_site_gen.pdbx_num_res 
_struct_site_gen.label_comp_id 
_struct_site_gen.label_asym_id 
_struct_site_gen.label_seq_id 
_struct_site_gen.pdbx_auth_ins_code 
_struct_site_gen.auth_comp_id 
_struct_site_gen.auth_asym_id 
_struct_site_gen.auth_seq_id 
_struct_site_gen.label_atom_id 
_struct_site_gen.label_alt_id 
_struct_site_gen.symmetry 
_struct_site_gen.details 
1 AC1 2 SER A 9   ? SER A 13  . ? 1_555 ? 
2 AC1 2 GLY A 89  ? GLY A 93  . ? 1_555 ? 
3 AC2 2 GLU A 112 ? GLU A 116 . ? 1_555 ? 
4 AC2 2 GLY A 184 ? GLY A 188 . ? 4_555 ? 
# 
loop_
_pdbx_validate_torsion.id 
_pdbx_validate_torsion.PDB_model_num 
_pdbx_validate_torsion.auth_comp_id 
_pdbx_validate_torsion.auth_asym_id 
_pdbx_validate_torsion.auth_seq_id 
_pdbx_validate_torsion.PDB_ins_code 
_pdbx_validate_torsion.label_alt_id 
_pdbx_validate_torsion.phi 
_pdbx_validate_torsion.psi 
1 1 SER A 13  ? ? -59.81  -72.23 
2 1 ASP A 15  ? ? -68.84  14.34  
3 1 SER A 62  ? ? -85.60  33.56  
4 1 THR A 83  ? ? -174.27 134.90 
5 1 SER A 130 ? ? -119.59 65.12  
6 1 ASN A 161 ? ? -37.15  132.38 
# 
_pdbx_struct_special_symmetry.id              1 
_pdbx_struct_special_symmetry.PDB_model_num   1 
_pdbx_struct_special_symmetry.auth_asym_id    A 
_pdbx_struct_special_symmetry.auth_comp_id    HOH 
_pdbx_struct_special_symmetry.auth_seq_id     445 
_pdbx_struct_special_symmetry.PDB_ins_code    ? 
_pdbx_struct_special_symmetry.label_asym_id   D 
_pdbx_struct_special_symmetry.label_comp_id   HOH 
_pdbx_struct_special_symmetry.label_seq_id    . 
# 
loop_
_pdbx_unobs_or_zero_occ_residues.id 
_pdbx_unobs_or_zero_occ_residues.PDB_model_num 
_pdbx_unobs_or_zero_occ_residues.polymer_flag 
_pdbx_unobs_or_zero_occ_residues.occupancy_flag 
_pdbx_unobs_or_zero_occ_residues.auth_asym_id 
_pdbx_unobs_or_zero_occ_residues.auth_comp_id 
_pdbx_unobs_or_zero_occ_residues.auth_seq_id 
_pdbx_unobs_or_zero_occ_residues.PDB_ins_code 
_pdbx_unobs_or_zero_occ_residues.label_asym_id 
_pdbx_unobs_or_zero_occ_residues.label_comp_id 
_pdbx_unobs_or_zero_occ_residues.label_seq_id 
1  1 Y 1 A THR 5   ? A THR 1   
2  1 Y 1 A GLY 27  ? A GLY 23  
3  1 Y 1 A THR 28  ? A THR 24  
4  1 Y 1 A ASN 29  ? A ASN 25  
5  1 Y 1 A HIS 30  ? A HIS 26  
6  1 Y 1 A HIS 31  ? A HIS 27  
7  1 Y 1 A SER 32  ? A SER 28  
8  1 Y 1 A SER 33  ? A SER 29  
9  1 Y 1 A LEU 34  ? A LEU 30  
10 1 Y 1 A PHE 35  ? A PHE 31  
11 1 Y 1 A PRO 36  ? A PRO 32  
12 1 Y 1 A PRO 37  ? A PRO 33  
13 1 Y 1 A PRO 38  ? A PRO 34  
14 1 Y 1 A PRO 39  ? A PRO 35  
15 1 Y 1 A GLN 40  ? A GLN 36  
16 1 Y 1 A GLN 41  ? A GLN 37  
17 1 Y 1 A PRO 42  ? A PRO 38  
18 1 Y 1 A PRO 43  ? A PRO 39  
19 1 Y 1 A GLN 44  ? A GLN 40  
20 1 Y 1 A PRO 45  ? A PRO 41  
21 1 Y 1 A GLN 46  ? A GLN 42  
22 1 Y 1 A PHE 47  ? A PHE 43  
23 1 Y 1 A ASN 48  ? A ASN 44  
24 1 Y 1 A GLU 101 ? A GLU 97  
25 1 Y 1 A ASP 102 ? A ASP 98  
26 1 Y 1 A LYS 103 ? A LYS 99  
27 1 Y 1 A GLU 104 ? A GLU 100 
28 1 Y 1 A LYS 105 ? A LYS 101 
29 1 Y 1 A LYS 106 ? A LYS 102 
30 1 Y 1 A LYS 107 ? A LYS 103 
31 1 Y 1 A ASN 108 ? A ASN 104 
32 1 Y 1 A ASN 109 ? A ASN 105 
33 1 Y 1 A THR 110 ? A THR 106 
34 1 Y 1 A ASN 111 ? A ASN 107 
35 1 Y 1 A THR 112 ? A THR 108 
36 1 Y 1 A GLY 132 ? A GLY 128 
37 1 Y 1 A ILE 133 ? A ILE 129 
38 1 Y 1 A GLY 134 ? A GLY 130 
39 1 Y 1 A VAL 135 ? A VAL 131 
40 1 Y 1 A SER 136 ? A SER 132 
41 1 Y 1 A ASP 137 ? A ASP 133 
42 1 Y 1 A GLU 138 ? A GLU 134 
43 1 Y 1 A SER 139 ? A SER 135 
44 1 Y 1 A ASN 140 ? A ASN 136 
45 1 Y 1 A ASN 238 ? A ASN 234 
46 1 Y 1 A ASN 239 ? A ASN 235 
47 1 Y 1 A GLY 240 ? A GLY 236 
48 1 Y 1 A GLY 241 ? A GLY 237 
49 1 Y 1 A GLY 242 ? A GLY 238 
# 
loop_
_chem_comp_atom.comp_id 
_chem_comp_atom.atom_id 
_chem_comp_atom.type_symbol 
_chem_comp_atom.pdbx_aromatic_flag 
_chem_comp_atom.pdbx_stereo_config 
_chem_comp_atom.pdbx_ordinal 
ALA N    N  N N 1   
ALA CA   C  N S 2   
ALA C    C  N N 3   
ALA O    O  N N 4   
ALA CB   C  N N 5   
ALA OXT  O  N N 6   
ALA H    H  N N 7   
ALA H2   H  N N 8   
ALA HA   H  N N 9   
ALA HB1  H  N N 10  
ALA HB2  H  N N 11  
ALA HB3  H  N N 12  
ALA HXT  H  N N 13  
ARG N    N  N N 14  
ARG CA   C  N S 15  
ARG C    C  N N 16  
ARG O    O  N N 17  
ARG CB   C  N N 18  
ARG CG   C  N N 19  
ARG CD   C  N N 20  
ARG NE   N  N N 21  
ARG CZ   C  N N 22  
ARG NH1  N  N N 23  
ARG NH2  N  N N 24  
ARG OXT  O  N N 25  
ARG H    H  N N 26  
ARG H2   H  N N 27  
ARG HA   H  N N 28  
ARG HB2  H  N N 29  
ARG HB3  H  N N 30  
ARG HG2  H  N N 31  
ARG HG3  H  N N 32  
ARG HD2  H  N N 33  
ARG HD3  H  N N 34  
ARG HE   H  N N 35  
ARG HH11 H  N N 36  
ARG HH12 H  N N 37  
ARG HH21 H  N N 38  
ARG HH22 H  N N 39  
ARG HXT  H  N N 40  
ASN N    N  N N 41  
ASN CA   C  N S 42  
ASN C    C  N N 43  
ASN O    O  N N 44  
ASN CB   C  N N 45  
ASN CG   C  N N 46  
ASN OD1  O  N N 47  
ASN ND2  N  N N 48  
ASN OXT  O  N N 49  
ASN H    H  N N 50  
ASN H2   H  N N 51  
ASN HA   H  N N 52  
ASN HB2  H  N N 53  
ASN HB3  H  N N 54  
ASN HD21 H  N N 55  
ASN HD22 H  N N 56  
ASN HXT  H  N N 57  
ASP N    N  N N 58  
ASP CA   C  N S 59  
ASP C    C  N N 60  
ASP O    O  N N 61  
ASP CB   C  N N 62  
ASP CG   C  N N 63  
ASP OD1  O  N N 64  
ASP OD2  O  N N 65  
ASP OXT  O  N N 66  
ASP H    H  N N 67  
ASP H2   H  N N 68  
ASP HA   H  N N 69  
ASP HB2  H  N N 70  
ASP HB3  H  N N 71  
ASP HD2  H  N N 72  
ASP HXT  H  N N 73  
CA  CA   CA N N 74  
CYS N    N  N N 75  
CYS CA   C  N R 76  
CYS C    C  N N 77  
CYS O    O  N N 78  
CYS CB   C  N N 79  
CYS SG   S  N N 80  
CYS OXT  O  N N 81  
CYS H    H  N N 82  
CYS H2   H  N N 83  
CYS HA   H  N N 84  
CYS HB2  H  N N 85  
CYS HB3  H  N N 86  
CYS HG   H  N N 87  
CYS HXT  H  N N 88  
GLN N    N  N N 89  
GLN CA   C  N S 90  
GLN C    C  N N 91  
GLN O    O  N N 92  
GLN CB   C  N N 93  
GLN CG   C  N N 94  
GLN CD   C  N N 95  
GLN OE1  O  N N 96  
GLN NE2  N  N N 97  
GLN OXT  O  N N 98  
GLN H    H  N N 99  
GLN H2   H  N N 100 
GLN HA   H  N N 101 
GLN HB2  H  N N 102 
GLN HB3  H  N N 103 
GLN HG2  H  N N 104 
GLN HG3  H  N N 105 
GLN HE21 H  N N 106 
GLN HE22 H  N N 107 
GLN HXT  H  N N 108 
GLU N    N  N N 109 
GLU CA   C  N S 110 
GLU C    C  N N 111 
GLU O    O  N N 112 
GLU CB   C  N N 113 
GLU CG   C  N N 114 
GLU CD   C  N N 115 
GLU OE1  O  N N 116 
GLU OE2  O  N N 117 
GLU OXT  O  N N 118 
GLU H    H  N N 119 
GLU H2   H  N N 120 
GLU HA   H  N N 121 
GLU HB2  H  N N 122 
GLU HB3  H  N N 123 
GLU HG2  H  N N 124 
GLU HG3  H  N N 125 
GLU HE2  H  N N 126 
GLU HXT  H  N N 127 
GLY N    N  N N 128 
GLY CA   C  N N 129 
GLY C    C  N N 130 
GLY O    O  N N 131 
GLY OXT  O  N N 132 
GLY H    H  N N 133 
GLY H2   H  N N 134 
GLY HA2  H  N N 135 
GLY HA3  H  N N 136 
GLY HXT  H  N N 137 
HIS N    N  N N 138 
HIS CA   C  N S 139 
HIS C    C  N N 140 
HIS O    O  N N 141 
HIS CB   C  N N 142 
HIS CG   C  Y N 143 
HIS ND1  N  Y N 144 
HIS CD2  C  Y N 145 
HIS CE1  C  Y N 146 
HIS NE2  N  Y N 147 
HIS OXT  O  N N 148 
HIS H    H  N N 149 
HIS H2   H  N N 150 
HIS HA   H  N N 151 
HIS HB2  H  N N 152 
HIS HB3  H  N N 153 
HIS HD1  H  N N 154 
HIS HD2  H  N N 155 
HIS HE1  H  N N 156 
HIS HE2  H  N N 157 
HIS HXT  H  N N 158 
HOH O    O  N N 159 
HOH H1   H  N N 160 
HOH H2   H  N N 161 
ILE N    N  N N 162 
ILE CA   C  N S 163 
ILE C    C  N N 164 
ILE O    O  N N 165 
ILE CB   C  N S 166 
ILE CG1  C  N N 167 
ILE CG2  C  N N 168 
ILE CD1  C  N N 169 
ILE OXT  O  N N 170 
ILE H    H  N N 171 
ILE H2   H  N N 172 
ILE HA   H  N N 173 
ILE HB   H  N N 174 
ILE HG12 H  N N 175 
ILE HG13 H  N N 176 
ILE HG21 H  N N 177 
ILE HG22 H  N N 178 
ILE HG23 H  N N 179 
ILE HD11 H  N N 180 
ILE HD12 H  N N 181 
ILE HD13 H  N N 182 
ILE HXT  H  N N 183 
LEU N    N  N N 184 
LEU CA   C  N S 185 
LEU C    C  N N 186 
LEU O    O  N N 187 
LEU CB   C  N N 188 
LEU CG   C  N N 189 
LEU CD1  C  N N 190 
LEU CD2  C  N N 191 
LEU OXT  O  N N 192 
LEU H    H  N N 193 
LEU H2   H  N N 194 
LEU HA   H  N N 195 
LEU HB2  H  N N 196 
LEU HB3  H  N N 197 
LEU HG   H  N N 198 
LEU HD11 H  N N 199 
LEU HD12 H  N N 200 
LEU HD13 H  N N 201 
LEU HD21 H  N N 202 
LEU HD22 H  N N 203 
LEU HD23 H  N N 204 
LEU HXT  H  N N 205 
LYS N    N  N N 206 
LYS CA   C  N S 207 
LYS C    C  N N 208 
LYS O    O  N N 209 
LYS CB   C  N N 210 
LYS CG   C  N N 211 
LYS CD   C  N N 212 
LYS CE   C  N N 213 
LYS NZ   N  N N 214 
LYS OXT  O  N N 215 
LYS H    H  N N 216 
LYS H2   H  N N 217 
LYS HA   H  N N 218 
LYS HB2  H  N N 219 
LYS HB3  H  N N 220 
LYS HG2  H  N N 221 
LYS HG3  H  N N 222 
LYS HD2  H  N N 223 
LYS HD3  H  N N 224 
LYS HE2  H  N N 225 
LYS HE3  H  N N 226 
LYS HZ1  H  N N 227 
LYS HZ2  H  N N 228 
LYS HZ3  H  N N 229 
LYS HXT  H  N N 230 
MET N    N  N N 231 
MET CA   C  N S 232 
MET C    C  N N 233 
MET O    O  N N 234 
MET CB   C  N N 235 
MET CG   C  N N 236 
MET SD   S  N N 237 
MET CE   C  N N 238 
MET OXT  O  N N 239 
MET H    H  N N 240 
MET H2   H  N N 241 
MET HA   H  N N 242 
MET HB2  H  N N 243 
MET HB3  H  N N 244 
MET HG2  H  N N 245 
MET HG3  H  N N 246 
MET HE1  H  N N 247 
MET HE2  H  N N 248 
MET HE3  H  N N 249 
MET HXT  H  N N 250 
PHE N    N  N N 251 
PHE CA   C  N S 252 
PHE C    C  N N 253 
PHE O    O  N N 254 
PHE CB   C  N N 255 
PHE CG   C  Y N 256 
PHE CD1  C  Y N 257 
PHE CD2  C  Y N 258 
PHE CE1  C  Y N 259 
PHE CE2  C  Y N 260 
PHE CZ   C  Y N 261 
PHE OXT  O  N N 262 
PHE H    H  N N 263 
PHE H2   H  N N 264 
PHE HA   H  N N 265 
PHE HB2  H  N N 266 
PHE HB3  H  N N 267 
PHE HD1  H  N N 268 
PHE HD2  H  N N 269 
PHE HE1  H  N N 270 
PHE HE2  H  N N 271 
PHE HZ   H  N N 272 
PHE HXT  H  N N 273 
PRO N    N  N N 274 
PRO CA   C  N S 275 
PRO C    C  N N 276 
PRO O    O  N N 277 
PRO CB   C  N N 278 
PRO CG   C  N N 279 
PRO CD   C  N N 280 
PRO OXT  O  N N 281 
PRO H    H  N N 282 
PRO HA   H  N N 283 
PRO HB2  H  N N 284 
PRO HB3  H  N N 285 
PRO HG2  H  N N 286 
PRO HG3  H  N N 287 
PRO HD2  H  N N 288 
PRO HD3  H  N N 289 
PRO HXT  H  N N 290 
SER N    N  N N 291 
SER CA   C  N S 292 
SER C    C  N N 293 
SER O    O  N N 294 
SER CB   C  N N 295 
SER OG   O  N N 296 
SER OXT  O  N N 297 
SER H    H  N N 298 
SER H2   H  N N 299 
SER HA   H  N N 300 
SER HB2  H  N N 301 
SER HB3  H  N N 302 
SER HG   H  N N 303 
SER HXT  H  N N 304 
THR N    N  N N 305 
THR CA   C  N S 306 
THR C    C  N N 307 
THR O    O  N N 308 
THR CB   C  N R 309 
THR OG1  O  N N 310 
THR CG2  C  N N 311 
THR OXT  O  N N 312 
THR H    H  N N 313 
THR H2   H  N N 314 
THR HA   H  N N 315 
THR HB   H  N N 316 
THR HG1  H  N N 317 
THR HG21 H  N N 318 
THR HG22 H  N N 319 
THR HG23 H  N N 320 
THR HXT  H  N N 321 
TRP N    N  N N 322 
TRP CA   C  N S 323 
TRP C    C  N N 324 
TRP O    O  N N 325 
TRP CB   C  N N 326 
TRP CG   C  Y N 327 
TRP CD1  C  Y N 328 
TRP CD2  C  Y N 329 
TRP NE1  N  Y N 330 
TRP CE2  C  Y N 331 
TRP CE3  C  Y N 332 
TRP CZ2  C  Y N 333 
TRP CZ3  C  Y N 334 
TRP CH2  C  Y N 335 
TRP OXT  O  N N 336 
TRP H    H  N N 337 
TRP H2   H  N N 338 
TRP HA   H  N N 339 
TRP HB2  H  N N 340 
TRP HB3  H  N N 341 
TRP HD1  H  N N 342 
TRP HE1  H  N N 343 
TRP HE3  H  N N 344 
TRP HZ2  H  N N 345 
TRP HZ3  H  N N 346 
TRP HH2  H  N N 347 
TRP HXT  H  N N 348 
TYR N    N  N N 349 
TYR CA   C  N S 350 
TYR C    C  N N 351 
TYR O    O  N N 352 
TYR CB   C  N N 353 
TYR CG   C  Y N 354 
TYR CD1  C  Y N 355 
TYR CD2  C  Y N 356 
TYR CE1  C  Y N 357 
TYR CE2  C  Y N 358 
TYR CZ   C  Y N 359 
TYR OH   O  N N 360 
TYR OXT  O  N N 361 
TYR H    H  N N 362 
TYR H2   H  N N 363 
TYR HA   H  N N 364 
TYR HB2  H  N N 365 
TYR HB3  H  N N 366 
TYR HD1  H  N N 367 
TYR HD2  H  N N 368 
TYR HE1  H  N N 369 
TYR HE2  H  N N 370 
TYR HH   H  N N 371 
TYR HXT  H  N N 372 
VAL N    N  N N 373 
VAL CA   C  N S 374 
VAL C    C  N N 375 
VAL O    O  N N 376 
VAL CB   C  N N 377 
VAL CG1  C  N N 378 
VAL CG2  C  N N 379 
VAL OXT  O  N N 380 
VAL H    H  N N 381 
VAL H2   H  N N 382 
VAL HA   H  N N 383 
VAL HB   H  N N 384 
VAL HG11 H  N N 385 
VAL HG12 H  N N 386 
VAL HG13 H  N N 387 
VAL HG21 H  N N 388 
VAL HG22 H  N N 389 
VAL HG23 H  N N 390 
VAL HXT  H  N N 391 
# 
loop_
_chem_comp_bond.comp_id 
_chem_comp_bond.atom_id_1 
_chem_comp_bond.atom_id_2 
_chem_comp_bond.value_order 
_chem_comp_bond.pdbx_aromatic_flag 
_chem_comp_bond.pdbx_stereo_config 
_chem_comp_bond.pdbx_ordinal 
ALA N   CA   sing N N 1   
ALA N   H    sing N N 2   
ALA N   H2   sing N N 3   
ALA CA  C    sing N N 4   
ALA CA  CB   sing N N 5   
ALA CA  HA   sing N N 6   
ALA C   O    doub N N 7   
ALA C   OXT  sing N N 8   
ALA CB  HB1  sing N N 9   
ALA CB  HB2  sing N N 10  
ALA CB  HB3  sing N N 11  
ALA OXT HXT  sing N N 12  
ARG N   CA   sing N N 13  
ARG N   H    sing N N 14  
ARG N   H2   sing N N 15  
ARG CA  C    sing N N 16  
ARG CA  CB   sing N N 17  
ARG CA  HA   sing N N 18  
ARG C   O    doub N N 19  
ARG C   OXT  sing N N 20  
ARG CB  CG   sing N N 21  
ARG CB  HB2  sing N N 22  
ARG CB  HB3  sing N N 23  
ARG CG  CD   sing N N 24  
ARG CG  HG2  sing N N 25  
ARG CG  HG3  sing N N 26  
ARG CD  NE   sing N N 27  
ARG CD  HD2  sing N N 28  
ARG CD  HD3  sing N N 29  
ARG NE  CZ   sing N N 30  
ARG NE  HE   sing N N 31  
ARG CZ  NH1  sing N N 32  
ARG CZ  NH2  doub N N 33  
ARG NH1 HH11 sing N N 34  
ARG NH1 HH12 sing N N 35  
ARG NH2 HH21 sing N N 36  
ARG NH2 HH22 sing N N 37  
ARG OXT HXT  sing N N 38  
ASN N   CA   sing N N 39  
ASN N   H    sing N N 40  
ASN N   H2   sing N N 41  
ASN CA  C    sing N N 42  
ASN CA  CB   sing N N 43  
ASN CA  HA   sing N N 44  
ASN C   O    doub N N 45  
ASN C   OXT  sing N N 46  
ASN CB  CG   sing N N 47  
ASN CB  HB2  sing N N 48  
ASN CB  HB3  sing N N 49  
ASN CG  OD1  doub N N 50  
ASN CG  ND2  sing N N 51  
ASN ND2 HD21 sing N N 52  
ASN ND2 HD22 sing N N 53  
ASN OXT HXT  sing N N 54  
ASP N   CA   sing N N 55  
ASP N   H    sing N N 56  
ASP N   H2   sing N N 57  
ASP CA  C    sing N N 58  
ASP CA  CB   sing N N 59  
ASP CA  HA   sing N N 60  
ASP C   O    doub N N 61  
ASP C   OXT  sing N N 62  
ASP CB  CG   sing N N 63  
ASP CB  HB2  sing N N 64  
ASP CB  HB3  sing N N 65  
ASP CG  OD1  doub N N 66  
ASP CG  OD2  sing N N 67  
ASP OD2 HD2  sing N N 68  
ASP OXT HXT  sing N N 69  
CYS N   CA   sing N N 70  
CYS N   H    sing N N 71  
CYS N   H2   sing N N 72  
CYS CA  C    sing N N 73  
CYS CA  CB   sing N N 74  
CYS CA  HA   sing N N 75  
CYS C   O    doub N N 76  
CYS C   OXT  sing N N 77  
CYS CB  SG   sing N N 78  
CYS CB  HB2  sing N N 79  
CYS CB  HB3  sing N N 80  
CYS SG  HG   sing N N 81  
CYS OXT HXT  sing N N 82  
GLN N   CA   sing N N 83  
GLN N   H    sing N N 84  
GLN N   H2   sing N N 85  
GLN CA  C    sing N N 86  
GLN CA  CB   sing N N 87  
GLN CA  HA   sing N N 88  
GLN C   O    doub N N 89  
GLN C   OXT  sing N N 90  
GLN CB  CG   sing N N 91  
GLN CB  HB2  sing N N 92  
GLN CB  HB3  sing N N 93  
GLN CG  CD   sing N N 94  
GLN CG  HG2  sing N N 95  
GLN CG  HG3  sing N N 96  
GLN CD  OE1  doub N N 97  
GLN CD  NE2  sing N N 98  
GLN NE2 HE21 sing N N 99  
GLN NE2 HE22 sing N N 100 
GLN OXT HXT  sing N N 101 
GLU N   CA   sing N N 102 
GLU N   H    sing N N 103 
GLU N   H2   sing N N 104 
GLU CA  C    sing N N 105 
GLU CA  CB   sing N N 106 
GLU CA  HA   sing N N 107 
GLU C   O    doub N N 108 
GLU C   OXT  sing N N 109 
GLU CB  CG   sing N N 110 
GLU CB  HB2  sing N N 111 
GLU CB  HB3  sing N N 112 
GLU CG  CD   sing N N 113 
GLU CG  HG2  sing N N 114 
GLU CG  HG3  sing N N 115 
GLU CD  OE1  doub N N 116 
GLU CD  OE2  sing N N 117 
GLU OE2 HE2  sing N N 118 
GLU OXT HXT  sing N N 119 
GLY N   CA   sing N N 120 
GLY N   H    sing N N 121 
GLY N   H2   sing N N 122 
GLY CA  C    sing N N 123 
GLY CA  HA2  sing N N 124 
GLY CA  HA3  sing N N 125 
GLY C   O    doub N N 126 
GLY C   OXT  sing N N 127 
GLY OXT HXT  sing N N 128 
HIS N   CA   sing N N 129 
HIS N   H    sing N N 130 
HIS N   H2   sing N N 131 
HIS CA  C    sing N N 132 
HIS CA  CB   sing N N 133 
HIS CA  HA   sing N N 134 
HIS C   O    doub N N 135 
HIS C   OXT  sing N N 136 
HIS CB  CG   sing N N 137 
HIS CB  HB2  sing N N 138 
HIS CB  HB3  sing N N 139 
HIS CG  ND1  sing Y N 140 
HIS CG  CD2  doub Y N 141 
HIS ND1 CE1  doub Y N 142 
HIS ND1 HD1  sing N N 143 
HIS CD2 NE2  sing Y N 144 
HIS CD2 HD2  sing N N 145 
HIS CE1 NE2  sing Y N 146 
HIS CE1 HE1  sing N N 147 
HIS NE2 HE2  sing N N 148 
HIS OXT HXT  sing N N 149 
HOH O   H1   sing N N 150 
HOH O   H2   sing N N 151 
ILE N   CA   sing N N 152 
ILE N   H    sing N N 153 
ILE N   H2   sing N N 154 
ILE CA  C    sing N N 155 
ILE CA  CB   sing N N 156 
ILE CA  HA   sing N N 157 
ILE C   O    doub N N 158 
ILE C   OXT  sing N N 159 
ILE CB  CG1  sing N N 160 
ILE CB  CG2  sing N N 161 
ILE CB  HB   sing N N 162 
ILE CG1 CD1  sing N N 163 
ILE CG1 HG12 sing N N 164 
ILE CG1 HG13 sing N N 165 
ILE CG2 HG21 sing N N 166 
ILE CG2 HG22 sing N N 167 
ILE CG2 HG23 sing N N 168 
ILE CD1 HD11 sing N N 169 
ILE CD1 HD12 sing N N 170 
ILE CD1 HD13 sing N N 171 
ILE OXT HXT  sing N N 172 
LEU N   CA   sing N N 173 
LEU N   H    sing N N 174 
LEU N   H2   sing N N 175 
LEU CA  C    sing N N 176 
LEU CA  CB   sing N N 177 
LEU CA  HA   sing N N 178 
LEU C   O    doub N N 179 
LEU C   OXT  sing N N 180 
LEU CB  CG   sing N N 181 
LEU CB  HB2  sing N N 182 
LEU CB  HB3  sing N N 183 
LEU CG  CD1  sing N N 184 
LEU CG  CD2  sing N N 185 
LEU CG  HG   sing N N 186 
LEU CD1 HD11 sing N N 187 
LEU CD1 HD12 sing N N 188 
LEU CD1 HD13 sing N N 189 
LEU CD2 HD21 sing N N 190 
LEU CD2 HD22 sing N N 191 
LEU CD2 HD23 sing N N 192 
LEU OXT HXT  sing N N 193 
LYS N   CA   sing N N 194 
LYS N   H    sing N N 195 
LYS N   H2   sing N N 196 
LYS CA  C    sing N N 197 
LYS CA  CB   sing N N 198 
LYS CA  HA   sing N N 199 
LYS C   O    doub N N 200 
LYS C   OXT  sing N N 201 
LYS CB  CG   sing N N 202 
LYS CB  HB2  sing N N 203 
LYS CB  HB3  sing N N 204 
LYS CG  CD   sing N N 205 
LYS CG  HG2  sing N N 206 
LYS CG  HG3  sing N N 207 
LYS CD  CE   sing N N 208 
LYS CD  HD2  sing N N 209 
LYS CD  HD3  sing N N 210 
LYS CE  NZ   sing N N 211 
LYS CE  HE2  sing N N 212 
LYS CE  HE3  sing N N 213 
LYS NZ  HZ1  sing N N 214 
LYS NZ  HZ2  sing N N 215 
LYS NZ  HZ3  sing N N 216 
LYS OXT HXT  sing N N 217 
MET N   CA   sing N N 218 
MET N   H    sing N N 219 
MET N   H2   sing N N 220 
MET CA  C    sing N N 221 
MET CA  CB   sing N N 222 
MET CA  HA   sing N N 223 
MET C   O    doub N N 224 
MET C   OXT  sing N N 225 
MET CB  CG   sing N N 226 
MET CB  HB2  sing N N 227 
MET CB  HB3  sing N N 228 
MET CG  SD   sing N N 229 
MET CG  HG2  sing N N 230 
MET CG  HG3  sing N N 231 
MET SD  CE   sing N N 232 
MET CE  HE1  sing N N 233 
MET CE  HE2  sing N N 234 
MET CE  HE3  sing N N 235 
MET OXT HXT  sing N N 236 
PHE N   CA   sing N N 237 
PHE N   H    sing N N 238 
PHE N   H2   sing N N 239 
PHE CA  C    sing N N 240 
PHE CA  CB   sing N N 241 
PHE CA  HA   sing N N 242 
PHE C   O    doub N N 243 
PHE C   OXT  sing N N 244 
PHE CB  CG   sing N N 245 
PHE CB  HB2  sing N N 246 
PHE CB  HB3  sing N N 247 
PHE CG  CD1  doub Y N 248 
PHE CG  CD2  sing Y N 249 
PHE CD1 CE1  sing Y N 250 
PHE CD1 HD1  sing N N 251 
PHE CD2 CE2  doub Y N 252 
PHE CD2 HD2  sing N N 253 
PHE CE1 CZ   doub Y N 254 
PHE CE1 HE1  sing N N 255 
PHE CE2 CZ   sing Y N 256 
PHE CE2 HE2  sing N N 257 
PHE CZ  HZ   sing N N 258 
PHE OXT HXT  sing N N 259 
PRO N   CA   sing N N 260 
PRO N   CD   sing N N 261 
PRO N   H    sing N N 262 
PRO CA  C    sing N N 263 
PRO CA  CB   sing N N 264 
PRO CA  HA   sing N N 265 
PRO C   O    doub N N 266 
PRO C   OXT  sing N N 267 
PRO CB  CG   sing N N 268 
PRO CB  HB2  sing N N 269 
PRO CB  HB3  sing N N 270 
PRO CG  CD   sing N N 271 
PRO CG  HG2  sing N N 272 
PRO CG  HG3  sing N N 273 
PRO CD  HD2  sing N N 274 
PRO CD  HD3  sing N N 275 
PRO OXT HXT  sing N N 276 
SER N   CA   sing N N 277 
SER N   H    sing N N 278 
SER N   H2   sing N N 279 
SER CA  C    sing N N 280 
SER CA  CB   sing N N 281 
SER CA  HA   sing N N 282 
SER C   O    doub N N 283 
SER C   OXT  sing N N 284 
SER CB  OG   sing N N 285 
SER CB  HB2  sing N N 286 
SER CB  HB3  sing N N 287 
SER OG  HG   sing N N 288 
SER OXT HXT  sing N N 289 
THR N   CA   sing N N 290 
THR N   H    sing N N 291 
THR N   H2   sing N N 292 
THR CA  C    sing N N 293 
THR CA  CB   sing N N 294 
THR CA  HA   sing N N 295 
THR C   O    doub N N 296 
THR C   OXT  sing N N 297 
THR CB  OG1  sing N N 298 
THR CB  CG2  sing N N 299 
THR CB  HB   sing N N 300 
THR OG1 HG1  sing N N 301 
THR CG2 HG21 sing N N 302 
THR CG2 HG22 sing N N 303 
THR CG2 HG23 sing N N 304 
THR OXT HXT  sing N N 305 
TRP N   CA   sing N N 306 
TRP N   H    sing N N 307 
TRP N   H2   sing N N 308 
TRP CA  C    sing N N 309 
TRP CA  CB   sing N N 310 
TRP CA  HA   sing N N 311 
TRP C   O    doub N N 312 
TRP C   OXT  sing N N 313 
TRP CB  CG   sing N N 314 
TRP CB  HB2  sing N N 315 
TRP CB  HB3  sing N N 316 
TRP CG  CD1  doub Y N 317 
TRP CG  CD2  sing Y N 318 
TRP CD1 NE1  sing Y N 319 
TRP CD1 HD1  sing N N 320 
TRP CD2 CE2  doub Y N 321 
TRP CD2 CE3  sing Y N 322 
TRP NE1 CE2  sing Y N 323 
TRP NE1 HE1  sing N N 324 
TRP CE2 CZ2  sing Y N 325 
TRP CE3 CZ3  doub Y N 326 
TRP CE3 HE3  sing N N 327 
TRP CZ2 CH2  doub Y N 328 
TRP CZ2 HZ2  sing N N 329 
TRP CZ3 CH2  sing Y N 330 
TRP CZ3 HZ3  sing N N 331 
TRP CH2 HH2  sing N N 332 
TRP OXT HXT  sing N N 333 
TYR N   CA   sing N N 334 
TYR N   H    sing N N 335 
TYR N   H2   sing N N 336 
TYR CA  C    sing N N 337 
TYR CA  CB   sing N N 338 
TYR CA  HA   sing N N 339 
TYR C   O    doub N N 340 
TYR C   OXT  sing N N 341 
TYR CB  CG   sing N N 342 
TYR CB  HB2  sing N N 343 
TYR CB  HB3  sing N N 344 
TYR CG  CD1  doub Y N 345 
TYR CG  CD2  sing Y N 346 
TYR CD1 CE1  sing Y N 347 
TYR CD1 HD1  sing N N 348 
TYR CD2 CE2  doub Y N 349 
TYR CD2 HD2  sing N N 350 
TYR CE1 CZ   doub Y N 351 
TYR CE1 HE1  sing N N 352 
TYR CE2 CZ   sing Y N 353 
TYR CE2 HE2  sing N N 354 
TYR CZ  OH   sing N N 355 
TYR OH  HH   sing N N 356 
TYR OXT HXT  sing N N 357 
VAL N   CA   sing N N 358 
VAL N   H    sing N N 359 
VAL N   H2   sing N N 360 
VAL CA  C    sing N N 361 
VAL CA  CB   sing N N 362 
VAL CA  HA   sing N N 363 
VAL C   O    doub N N 364 
VAL C   OXT  sing N N 365 
VAL CB  CG1  sing N N 366 
VAL CB  CG2  sing N N 367 
VAL CB  HB   sing N N 368 
VAL CG1 HG11 sing N N 369 
VAL CG1 HG12 sing N N 370 
VAL CG1 HG13 sing N N 371 
VAL CG2 HG21 sing N N 372 
VAL CG2 HG22 sing N N 373 
VAL CG2 HG23 sing N N 374 
VAL OXT HXT  sing N N 375 
# 
_atom_sites.entry_id                    4RRU 
_atom_sites.Cartn_transform_axes        ? 
_atom_sites.fract_transf_matrix[1][1]   0.00644995 
_atom_sites.fract_transf_matrix[1][2]   0.00810355 
_atom_sites.fract_transf_matrix[1][3]   0.00869980 
_atom_sites.fract_transf_matrix[2][1]   0.00189806 
_atom_sites.fract_transf_matrix[2][2]   -0.00395770 
_atom_sites.fract_transf_matrix[2][3]   0.01279401 
_atom_sites.fract_transf_matrix[3][1]   0.01621801 
_atom_sites.fract_transf_matrix[3][2]   -0.00775131 
_atom_sites.fract_transf_matrix[3][3]   -0.00480381 
_atom_sites.fract_transf_vector[1]      -0.388275 
_atom_sites.fract_transf_vector[2]      -0.208753 
_atom_sites.fract_transf_vector[3]      -0.016630 
# 
loop_
_atom_type.symbol 
C  
CA 
N  
O  
S  
# 
loop_
_atom_site.group_PDB 
_atom_site.id 
_atom_site.type_symbol 
_atom_site.label_atom_id 
_atom_site.label_alt_id 
_atom_site.label_comp_id 
_atom_site.label_asym_id 
_atom_site.label_entity_id 
_atom_site.label_seq_id 
_atom_site.pdbx_PDB_ins_code 
_atom_site.Cartn_x 
_atom_site.Cartn_y 
_atom_site.Cartn_z 
_atom_site.occupancy 
_atom_site.B_iso_or_equiv 
_atom_site.pdbx_formal_charge 
_atom_site.auth_seq_id 
_atom_site.auth_comp_id 
_atom_site.auth_asym_id 
_atom_site.auth_atom_id 
_atom_site.pdbx_PDB_model_num 
ATOM   1    N  N   . SER A 1 2   ? -19.930 5.161   0.175   1.00 99.35  ? 6   SER A N   1 
ATOM   2    C  CA  . SER A 1 2   ? -19.563 3.905   0.893   1.00 99.89  ? 6   SER A CA  1 
ATOM   3    C  C   . SER A 1 2   ? -18.064 3.861   1.224   1.00 96.40  ? 6   SER A C   1 
ATOM   4    O  O   . SER A 1 2   ? -17.347 4.853   1.047   1.00 90.48  ? 6   SER A O   1 
ATOM   5    C  CB  . SER A 1 2   ? -19.976 2.678   0.067   1.00 102.61 ? 6   SER A CB  1 
ATOM   6    O  OG  . SER A 1 2   ? -21.344 2.745   -0.306  1.00 99.31  ? 6   SER A OG  1 
ATOM   7    N  N   . SER A 1 3   ? -17.603 2.710   1.711   1.00 95.24  ? 7   SER A N   1 
ATOM   8    C  CA  . SER A 1 3   ? -16.198 2.531   2.065   1.00 90.05  ? 7   SER A CA  1 
ATOM   9    C  C   . SER A 1 3   ? -15.348 2.423   0.801   1.00 86.24  ? 7   SER A C   1 
ATOM   10   O  O   . SER A 1 3   ? -15.825 2.007   -0.256  1.00 79.94  ? 7   SER A O   1 
ATOM   11   C  CB  . SER A 1 3   ? -16.016 1.305   2.961   1.00 91.73  ? 7   SER A CB  1 
ATOM   12   O  OG  . SER A 1 3   ? -15.300 1.645   4.141   1.00 88.87  ? 7   SER A OG  1 
ATOM   13   N  N   . ILE A 1 4   ? -14.084 2.801   0.916   1.00 85.23  ? 8   ILE A N   1 
ATOM   14   C  CA  . ILE A 1 4   ? -13.209 2.905   -0.252  1.00 79.70  ? 8   ILE A CA  1 
ATOM   15   C  C   . ILE A 1 4   ? -12.639 1.552   -0.677  1.00 71.31  ? 8   ILE A C   1 
ATOM   16   O  O   . ILE A 1 4   ? -11.997 1.430   -1.722  1.00 68.60  ? 8   ILE A O   1 
ATOM   17   C  CB  . ILE A 1 4   ? -12.086 3.937   -0.012  1.00 85.80  ? 8   ILE A CB  1 
ATOM   18   C  CG1 . ILE A 1 4   ? -12.689 5.339   0.176   1.00 90.31  ? 8   ILE A CG1 1 
ATOM   19   C  CG2 . ILE A 1 4   ? -11.098 3.917   -1.168  1.00 90.82  ? 8   ILE A CG2 1 
ATOM   20   C  CD1 . ILE A 1 4   ? -11.712 6.400   0.629   1.00 93.13  ? 8   ILE A CD1 1 
ATOM   21   N  N   . ASN A 1 5   ? -12.899 0.533   0.130   1.00 68.10  ? 9   ASN A N   1 
ATOM   22   C  CA  . ASN A 1 5   ? -12.427 -0.807  -0.154  1.00 68.91  ? 9   ASN A CA  1 
ATOM   23   C  C   . ASN A 1 5   ? -12.995 -1.421  -1.421  1.00 73.49  ? 9   ASN A C   1 
ATOM   24   O  O   . ASN A 1 5   ? -12.579 -2.505  -1.826  1.00 75.45  ? 9   ASN A O   1 
ATOM   25   C  CB  . ASN A 1 5   ? -12.684 -1.707  1.044   1.00 66.00  ? 9   ASN A CB  1 
ATOM   26   C  CG  . ASN A 1 5   ? -11.833 -1.324  2.229   1.00 68.80  ? 9   ASN A CG  1 
ATOM   27   O  OD1 . ASN A 1 5   ? -10.618 -1.148  2.106   1.00 67.64  ? 9   ASN A OD1 1 
ATOM   28   N  ND2 . ASN A 1 5   ? -12.461 -1.177  3.382   1.00 69.09  ? 9   ASN A ND2 1 
ATOM   29   N  N   . PHE A 1 6   ? -13.923 -0.719  -2.060  1.00 76.73  ? 10  PHE A N   1 
ATOM   30   C  CA  . PHE A 1 6   ? -14.536 -1.230  -3.280  1.00 77.79  ? 10  PHE A CA  1 
ATOM   31   C  C   . PHE A 1 6   ? -13.770 -0.840  -4.546  1.00 77.00  ? 10  PHE A C   1 
ATOM   32   O  O   . PHE A 1 6   ? -13.926 -1.485  -5.588  1.00 73.91  ? 10  PHE A O   1 
ATOM   33   C  CB  . PHE A 1 6   ? -16.009 -0.803  -3.375  1.00 80.76  ? 10  PHE A CB  1 
ATOM   34   C  CG  . PHE A 1 6   ? -16.887 -1.388  -2.297  1.00 85.28  ? 10  PHE A CG  1 
ATOM   35   C  CD1 . PHE A 1 6   ? -17.134 -2.758  -2.245  1.00 89.42  ? 10  PHE A CD1 1 
ATOM   36   C  CD2 . PHE A 1 6   ? -17.479 -0.569  -1.340  1.00 87.35  ? 10  PHE A CD2 1 
ATOM   37   C  CE1 . PHE A 1 6   ? -17.945 -3.297  -1.255  1.00 90.26  ? 10  PHE A CE1 1 
ATOM   38   C  CE2 . PHE A 1 6   ? -18.291 -1.103  -0.347  1.00 87.67  ? 10  PHE A CE2 1 
ATOM   39   C  CZ  . PHE A 1 6   ? -18.525 -2.468  -0.306  1.00 90.18  ? 10  PHE A CZ  1 
ATOM   40   N  N   . LEU A 1 7   ? -12.928 0.189   -4.448  1.00 73.88  ? 11  LEU A N   1 
ATOM   41   C  CA  . LEU A 1 7   ? -12.249 0.747   -5.624  1.00 72.72  ? 11  LEU A CA  1 
ATOM   42   C  C   . LEU A 1 7   ? -10.872 0.130   -5.879  1.00 71.53  ? 11  LEU A C   1 
ATOM   43   O  O   . LEU A 1 7   ? -10.112 0.620   -6.713  1.00 72.54  ? 11  LEU A O   1 
ATOM   44   C  CB  . LEU A 1 7   ? -12.078 2.268   -5.483  1.00 72.56  ? 11  LEU A CB  1 
ATOM   45   C  CG  . LEU A 1 7   ? -12.954 3.174   -4.610  1.00 74.35  ? 11  LEU A CG  1 
ATOM   46   C  CD1 . LEU A 1 7   ? -12.405 4.591   -4.695  1.00 76.29  ? 11  LEU A CD1 1 
ATOM   47   C  CD2 . LEU A 1 7   ? -14.414 3.155   -5.043  1.00 76.08  ? 11  LEU A CD2 1 
ATOM   48   N  N   . THR A 1 8   ? -10.549 -0.941  -5.177  1.00 72.71  ? 12  THR A N   1 
ATOM   49   C  CA  . THR A 1 8   ? -9.158  -1.353  -5.069  1.00 74.16  ? 12  THR A CA  1 
ATOM   50   C  C   . THR A 1 8   ? -8.880  -2.628  -5.800  1.00 78.40  ? 12  THR A C   1 
ATOM   51   O  O   . THR A 1 8   ? -7.784  -2.842  -6.301  1.00 78.13  ? 12  THR A O   1 
ATOM   52   C  CB  . THR A 1 8   ? -8.813  -1.637  -3.616  1.00 68.53  ? 12  THR A CB  1 
ATOM   53   O  OG1 . THR A 1 8   ? -9.645  -2.709  -3.161  1.00 64.60  ? 12  THR A OG1 1 
ATOM   54   C  CG2 . THR A 1 8   ? -9.074  -0.415  -2.779  1.00 69.74  ? 12  THR A CG2 1 
ATOM   55   N  N   . SER A 1 9   ? -9.875  -3.486  -5.864  1.00 84.67  ? 13  SER A N   1 
ATOM   56   C  CA  . SER A 1 9   ? -9.603  -4.858  -6.231  1.00 86.62  ? 13  SER A CA  1 
ATOM   57   C  C   . SER A 1 9   ? -8.976  -5.217  -7.562  1.00 91.42  ? 13  SER A C   1 
ATOM   58   O  O   . SER A 1 9   ? -7.824  -5.654  -7.618  1.00 93.00  ? 13  SER A O   1 
ATOM   59   C  CB  . SER A 1 9   ? -10.819 -5.703  -6.001  1.00 82.43  ? 13  SER A CB  1 
ATOM   60   O  OG  . SER A 1 9   ? -10.980 -5.836  -4.611  1.00 76.99  ? 13  SER A OG  1 
ATOM   61   N  N   . ASP A 1 10  ? -9.718  -5.097  -8.646  1.00 84.66  ? 14  ASP A N   1 
ATOM   62   C  CA  . ASP A 1 10  ? -9.246  -5.807  -9.818  1.00 86.03  ? 14  ASP A CA  1 
ATOM   63   C  C   . ASP A 1 10  ? -9.304  -5.047  -11.096 1.00 86.53  ? 14  ASP A C   1 
ATOM   64   O  O   . ASP A 1 10  ? -8.866  -5.550  -12.126 1.00 83.14  ? 14  ASP A O   1 
ATOM   65   C  CB  . ASP A 1 10  ? -10.037 -7.102  -10.012 1.00 81.16  ? 14  ASP A CB  1 
ATOM   66   N  N   . ASP A 1 11  ? -9.868  -3.857  -11.072 1.00 89.20  ? 15  ASP A N   1 
ATOM   67   C  CA  . ASP A 1 11  ? -10.200 -3.263  -12.343 1.00 96.96  ? 15  ASP A CA  1 
ATOM   68   C  C   . ASP A 1 11  ? -8.982  -2.858  -13.168 1.00 98.93  ? 15  ASP A C   1 
ATOM   69   O  O   . ASP A 1 11  ? -9.107  -2.152  -14.158 1.00 100.69 ? 15  ASP A O   1 
ATOM   70   C  CB  . ASP A 1 11  ? -11.166 -2.101  -12.168 1.00 96.69  ? 15  ASP A CB  1 
ATOM   71   C  CG  . ASP A 1 11  ? -11.954 -1.823  -13.428 1.00 98.37  ? 15  ASP A CG  1 
ATOM   72   O  OD1 . ASP A 1 11  ? -11.377 -1.963  -14.532 1.00 100.14 ? 15  ASP A OD1 1 
ATOM   73   O  OD2 . ASP A 1 11  ? -13.149 -1.480  -13.317 1.00 101.56 ? 15  ASP A OD2 1 
ATOM   74   N  N   . ASP A 1 12  ? -7.800  -3.333  -12.803 1.00 97.98  ? 16  ASP A N   1 
ATOM   75   C  CA  . ASP A 1 12  ? -6.618  -2.738  -13.380 1.00 97.30  ? 16  ASP A CA  1 
ATOM   76   C  C   . ASP A 1 12  ? -6.762  -1.401  -12.717 1.00 93.44  ? 16  ASP A C   1 
ATOM   77   O  O   . ASP A 1 12  ? -6.717  -0.352  -13.355 1.00 91.78  ? 16  ASP A O   1 
ATOM   78   C  CB  . ASP A 1 12  ? -6.763  -2.563  -14.884 1.00 101.53 ? 16  ASP A CB  1 
ATOM   79   C  CG  . ASP A 1 12  ? -7.652  -3.605  -15.503 1.00 108.67 ? 16  ASP A CG  1 
ATOM   80   O  OD1 . ASP A 1 12  ? -7.936  -4.605  -14.812 1.00 112.31 ? 16  ASP A OD1 1 
ATOM   81   O  OD2 . ASP A 1 12  ? -8.068  -3.425  -16.664 1.00 108.43 ? 16  ASP A OD2 1 
ATOM   82   N  N   . ALA A 1 13  ? -7.008  -1.470  -11.417 1.00 88.56  ? 17  ALA A N   1 
ATOM   83   C  CA  . ALA A 1 13  ? -7.337  -0.319  -10.608 1.00 79.87  ? 17  ALA A CA  1 
ATOM   84   C  C   . ALA A 1 13  ? -6.326  0.790   -10.705 1.00 76.61  ? 17  ALA A C   1 
ATOM   85   O  O   . ALA A 1 13  ? -6.658  1.939   -10.498 1.00 77.35  ? 17  ALA A O   1 
ATOM   86   C  CB  . ALA A 1 13  ? -7.454  -0.749  -9.183  1.00 79.08  ? 17  ALA A CB  1 
ATOM   87   N  N   . SER A 1 14  ? -5.086  0.447   -10.993 1.00 71.68  ? 18  SER A N   1 
ATOM   88   C  CA  . SER A 1 14  ? -4.056  1.458   -11.011 1.00 73.79  ? 18  SER A CA  1 
ATOM   89   C  C   . SER A 1 14  ? -4.204  2.422   -12.176 1.00 71.06  ? 18  SER A C   1 
ATOM   90   O  O   . SER A 1 14  ? -3.864  3.601   -12.058 1.00 70.78  ? 18  SER A O   1 
ATOM   91   C  CB  . SER A 1 14  ? -2.681  0.823   -11.060 1.00 72.56  ? 18  SER A CB  1 
ATOM   92   O  OG  . SER A 1 14  ? -1.711  1.850   -11.060 1.00 78.43  ? 18  SER A OG  1 
ATOM   93   N  N   . ALA A 1 15  ? -4.678  1.896   -13.302 1.00 69.26  ? 19  ALA A N   1 
ATOM   94   C  CA  . ALA A 1 15  ? -4.936  2.690   -14.495 1.00 62.36  ? 19  ALA A CA  1 
ATOM   95   C  C   . ALA A 1 15  ? -6.031  3.674   -14.159 1.00 60.20  ? 19  ALA A C   1 
ATOM   96   O  O   . ALA A 1 15  ? -5.899  4.870   -14.378 1.00 60.84  ? 19  ALA A O   1 
ATOM   97   C  CB  . ALA A 1 15  ? -5.374  1.793   -15.640 1.00 62.84  ? 19  ALA A CB  1 
ATOM   98   N  N   . ALA A 1 16  ? -7.121  3.160   -13.614 1.00 60.31  ? 20  ALA A N   1 
ATOM   99   C  CA  . ALA A 1 16  ? -8.188  4.028   -13.166 1.00 60.15  ? 20  ALA A CA  1 
ATOM   100  C  C   . ALA A 1 16  ? -7.594  5.150   -12.314 1.00 63.95  ? 20  ALA A C   1 
ATOM   101  O  O   . ALA A 1 16  ? -7.693  6.323   -12.666 1.00 65.98  ? 20  ALA A O   1 
ATOM   102  C  CB  . ALA A 1 16  ? -9.202  3.232   -12.371 1.00 56.68  ? 20  ALA A CB  1 
ATOM   103  N  N   . ALA A 1 17  ? -6.935  4.773   -11.220 1.00 65.07  ? 21  ALA A N   1 
ATOM   104  C  CA  . ALA A 1 17  ? -6.385  5.741   -10.268 1.00 67.61  ? 21  ALA A CA  1 
ATOM   105  C  C   . ALA A 1 17  ? -5.477  6.772   -10.932 1.00 65.73  ? 21  ALA A C   1 
ATOM   106  O  O   . ALA A 1 17  ? -5.585  7.963   -10.648 1.00 65.71  ? 21  ALA A O   1 
ATOM   107  C  CB  . ALA A 1 17  ? -5.656  5.024   -9.139  1.00 68.83  ? 21  ALA A CB  1 
ATOM   108  N  N   . MET A 1 18  ? -4.607  6.318   -11.830 1.00 67.35  ? 22  MET A N   1 
ATOM   109  C  CA  . MET A 1 18  ? -3.661  7.205   -12.510 1.00 71.50  ? 22  MET A CA  1 
ATOM   110  C  C   . MET A 1 18  ? -4.309  8.386   -13.236 1.00 75.64  ? 22  MET A C   1 
ATOM   111  O  O   . MET A 1 18  ? -3.897  9.530   -13.044 1.00 76.52  ? 22  MET A O   1 
ATOM   112  C  CB  . MET A 1 18  ? -2.764  6.421   -13.474 1.00 76.23  ? 22  MET A CB  1 
ATOM   113  C  CG  . MET A 1 18  ? -1.338  6.219   -12.979 1.00 83.67  ? 22  MET A CG  1 
ATOM   114  S  SD  . MET A 1 18  ? -0.496  7.778   -12.603 1.00 94.91  ? 22  MET A SD  1 
ATOM   115  C  CE  . MET A 1 18  ? -0.450  8.558   -14.216 1.00 92.75  ? 22  MET A CE  1 
ATOM   116  N  N   . GLU A 1 19  ? -5.312  8.114   -14.067 1.00 75.81  ? 23  GLU A N   1 
ATOM   117  C  CA  . GLU A 1 19  ? -5.956  9.173   -14.846 1.00 79.94  ? 23  GLU A CA  1 
ATOM   118  C  C   . GLU A 1 19  ? -6.850  10.025  -13.950 1.00 75.27  ? 23  GLU A C   1 
ATOM   119  O  O   . GLU A 1 19  ? -6.991  11.227  -14.165 1.00 74.38  ? 23  GLU A O   1 
ATOM   120  C  CB  . GLU A 1 19  ? -6.743  8.604   -16.040 1.00 86.24  ? 23  GLU A CB  1 
ATOM   121  C  CG  . GLU A 1 19  ? -5.889  7.924   -17.114 1.00 94.70  ? 23  GLU A CG  1 
ATOM   122  C  CD  . GLU A 1 19  ? -5.579  8.796   -18.328 1.00 102.01 ? 23  GLU A CD  1 
ATOM   123  O  OE1 . GLU A 1 19  ? -5.896  10.006  -18.326 1.00 110.01 ? 23  GLU A OE1 1 
ATOM   124  O  OE2 . GLU A 1 19  ? -5.013  8.256   -19.305 1.00 101.58 ? 23  GLU A OE2 1 
ATOM   125  N  N   . ALA A 1 20  ? -7.428  9.394   -12.930 1.00 71.07  ? 24  ALA A N   1 
ATOM   126  C  CA  . ALA A 1 20  ? -8.196  10.111  -11.921 1.00 68.67  ? 24  ALA A CA  1 
ATOM   127  C  C   . ALA A 1 20  ? -7.289  11.088  -11.168 1.00 74.07  ? 24  ALA A C   1 
ATOM   128  O  O   . ALA A 1 20  ? -7.480  12.299  -11.238 1.00 76.75  ? 24  ALA A O   1 
ATOM   129  C  CB  . ALA A 1 20  ? -8.843  9.135   -10.960 1.00 67.73  ? 24  ALA A CB  1 
ATOM   130  N  N   . PHE A 1 21  ? -6.286  10.559  -10.471 1.00 70.06  ? 25  PHE A N   1 
ATOM   131  C  CA  . PHE A 1 21  ? -5.309  11.395  -9.764  1.00 68.63  ? 25  PHE A CA  1 
ATOM   132  C  C   . PHE A 1 21  ? -4.474  12.304  -10.683 1.00 69.02  ? 25  PHE A C   1 
ATOM   133  O  O   . PHE A 1 21  ? -4.063  13.388  -10.266 1.00 72.44  ? 25  PHE A O   1 
ATOM   134  C  CB  . PHE A 1 21  ? -4.386  10.531  -8.890  1.00 60.96  ? 25  PHE A CB  1 
ATOM   135  C  CG  . PHE A 1 21  ? -5.068  9.917   -7.688  1.00 56.23  ? 25  PHE A CG  1 
ATOM   136  C  CD1 . PHE A 1 21  ? -5.118  10.597  -6.479  1.00 52.51  ? 25  PHE A CD1 1 
ATOM   137  C  CD2 . PHE A 1 21  ? -5.646  8.654   -7.759  1.00 53.84  ? 25  PHE A CD2 1 
ATOM   138  C  CE1 . PHE A 1 21  ? -5.732  10.031  -5.374  1.00 51.10  ? 25  PHE A CE1 1 
ATOM   139  C  CE2 . PHE A 1 21  ? -6.266  8.086   -6.655  1.00 53.97  ? 25  PHE A CE2 1 
ATOM   140  C  CZ  . PHE A 1 21  ? -6.308  8.779   -5.458  1.00 52.76  ? 25  PHE A CZ  1 
ATOM   141  N  N   . ILE A 1 22  ? -4.248  11.864  -11.922 1.00 76.86  ? 26  ILE A N   1 
ATOM   142  C  CA  . ILE A 1 22  ? -3.342  12.519  -12.896 1.00 81.92  ? 26  ILE A CA  1 
ATOM   143  C  C   . ILE A 1 22  ? -1.884  12.477  -12.431 1.00 86.06  ? 26  ILE A C   1 
ATOM   144  O  O   . ILE A 1 22  ? -0.989  12.075  -13.180 1.00 84.21  ? 26  ILE A O   1 
ATOM   145  C  CB  . ILE A 1 22  ? -3.750  13.974  -13.259 1.00 83.70  ? 26  ILE A CB  1 
ATOM   146  C  CG1 . ILE A 1 22  ? -5.121  14.004  -13.948 1.00 83.96  ? 26  ILE A CG1 1 
ATOM   147  C  CG2 . ILE A 1 22  ? -2.698  14.615  -14.157 1.00 84.25  ? 26  ILE A CG2 1 
ATOM   148  C  CD1 . ILE A 1 22  ? -5.659  15.393  -14.224 1.00 84.56  ? 26  ILE A CD1 1 
ATOM   149  N  N   . GLU A 1 45  ? -3.971  -17.267 -5.151  1.00 101.68 ? 49  GLU A N   1 
ATOM   150  C  CA  . GLU A 1 45  ? -3.594  -15.916 -5.508  1.00 103.42 ? 49  GLU A CA  1 
ATOM   151  C  C   . GLU A 1 45  ? -4.611  -14.977 -4.853  1.00 102.69 ? 49  GLU A C   1 
ATOM   152  O  O   . GLU A 1 45  ? -4.294  -14.364 -3.840  1.00 102.50 ? 49  GLU A O   1 
ATOM   153  C  CB  . GLU A 1 45  ? -3.471  -15.748 -7.039  1.00 103.73 ? 49  GLU A CB  1 
ATOM   154  C  CG  . GLU A 1 45  ? -2.336  -16.556 -7.671  1.00 108.80 ? 49  GLU A CG  1 
ATOM   155  C  CD  . GLU A 1 45  ? -0.960  -16.219 -7.106  1.00 115.02 ? 49  GLU A CD  1 
ATOM   156  O  OE1 . GLU A 1 45  ? -0.686  -15.025 -6.850  1.00 119.89 ? 49  GLU A OE1 1 
ATOM   157  O  OE2 . GLU A 1 45  ? -0.143  -17.150 -6.924  1.00 114.44 ? 49  GLU A OE2 1 
ATOM   158  N  N   . ASP A 1 46  ? -5.843  -14.966 -5.364  1.00 99.24  ? 50  ASP A N   1 
ATOM   159  C  CA  . ASP A 1 46  ? -6.950  -14.128 -4.894  1.00 94.99  ? 50  ASP A CA  1 
ATOM   160  C  C   . ASP A 1 46  ? -7.767  -14.848 -3.805  1.00 94.67  ? 50  ASP A C   1 
ATOM   161  O  O   . ASP A 1 46  ? -7.517  -16.020 -3.551  1.00 99.40  ? 50  ASP A O   1 
ATOM   162  C  CB  . ASP A 1 46  ? -7.834  -13.888 -6.107  1.00 94.49  ? 50  ASP A CB  1 
ATOM   163  C  CG  . ASP A 1 46  ? -8.588  -12.602 -6.030  1.00 94.46  ? 50  ASP A CG  1 
ATOM   164  O  OD1 . ASP A 1 46  ? -8.001  -11.539 -6.333  1.00 94.79  ? 50  ASP A OD1 1 
ATOM   165  O  OD2 . ASP A 1 46  ? -9.780  -12.660 -5.690  1.00 90.74  ? 50  ASP A OD2 1 
ATOM   166  N  N   . THR A 1 47  ? -8.700  -14.182 -3.124  1.00 84.95  ? 51  THR A N   1 
ATOM   167  C  CA  . THR A 1 47  ? -8.836  -12.747 -3.140  1.00 81.76  ? 51  THR A CA  1 
ATOM   168  C  C   . THR A 1 47  ? -7.873  -12.138 -2.155  1.00 69.55  ? 51  THR A C   1 
ATOM   169  O  O   . THR A 1 47  ? -8.065  -12.233 -0.941  1.00 65.08  ? 51  THR A O   1 
ATOM   170  C  CB  . THR A 1 47  ? -10.267 -12.326 -2.792  1.00 85.45  ? 51  THR A CB  1 
ATOM   171  O  OG1 . THR A 1 47  ? -11.155 -12.881 -3.763  1.00 87.76  ? 51  THR A OG1 1 
ATOM   172  C  CG2 . THR A 1 47  ? -10.404 -10.798 -2.785  1.00 86.07  ? 51  THR A CG2 1 
ATOM   173  N  N   . LEU A 1 48  ? -6.832  -11.519 -2.695  1.00 67.67  ? 52  LEU A N   1 
ATOM   174  C  CA  . LEU A 1 48  ? -5.914  -10.693 -1.921  1.00 60.24  ? 52  LEU A CA  1 
ATOM   175  C  C   . LEU A 1 48  ? -6.659  -9.942  -0.834  1.00 57.51  ? 52  LEU A C   1 
ATOM   176  O  O   . LEU A 1 48  ? -6.338  -10.034 0.354   1.00 57.51  ? 52  LEU A O   1 
ATOM   177  C  CB  . LEU A 1 48  ? -5.216  -9.709  -2.857  1.00 63.26  ? 52  LEU A CB  1 
ATOM   178  C  CG  . LEU A 1 48  ? -4.147  -10.378 -3.714  1.00 68.81  ? 52  LEU A CG  1 
ATOM   179  C  CD1 . LEU A 1 48  ? -3.722  -9.537  -4.910  1.00 67.05  ? 52  LEU A CD1 1 
ATOM   180  C  CD2 . LEU A 1 48  ? -2.955  -10.727 -2.838  1.00 65.80  ? 52  LEU A CD2 1 
ATOM   181  N  N   . GLN A 1 49  ? -7.702  -9.240  -1.251  1.00 61.91  ? 53  GLN A N   1 
ATOM   182  C  CA  . GLN A 1 49  ? -8.429  -8.374  -0.350  1.00 61.95  ? 53  GLN A CA  1 
ATOM   183  C  C   . GLN A 1 49  ? -8.845  -9.049  0.922   1.00 62.73  ? 53  GLN A C   1 
ATOM   184  O  O   . GLN A 1 49  ? -8.483  -8.589  2.004   1.00 65.88  ? 53  GLN A O   1 
ATOM   185  C  CB  . GLN A 1 49  ? -9.645  -7.774  -1.026  1.00 65.64  ? 53  GLN A CB  1 
ATOM   186  C  CG  . GLN A 1 49  ? -9.402  -6.357  -1.472  1.00 71.21  ? 53  GLN A CG  1 
ATOM   187  C  CD  . GLN A 1 49  ? -10.404 -5.386  -0.888  1.00 75.59  ? 53  GLN A CD  1 
ATOM   188  O  OE1 . GLN A 1 49  ? -11.214 -5.747  -0.028  1.00 79.05  ? 53  GLN A OE1 1 
ATOM   189  N  NE2 . GLN A 1 49  ? -10.346 -4.142  -1.338  1.00 69.53  ? 53  GLN A NE2 1 
ATOM   190  N  N   . GLN A 1 50  ? -9.605  -10.135 0.793   1.00 58.79  ? 54  GLN A N   1 
ATOM   191  C  CA  . GLN A 1 50  ? -10.122 -10.825 1.961   1.00 55.38  ? 54  GLN A CA  1 
ATOM   192  C  C   . GLN A 1 50  ? -8.970  -11.255 2.846   1.00 53.72  ? 54  GLN A C   1 
ATOM   193  O  O   . GLN A 1 50  ? -9.061  -11.169 4.066   1.00 63.47  ? 54  GLN A O   1 
ATOM   194  C  CB  . GLN A 1 50  ? -10.969 -12.055 1.568   1.00 60.66  ? 54  GLN A CB  1 
ATOM   195  C  CG  . GLN A 1 50  ? -11.645 -11.954 0.211   1.00 62.91  ? 54  GLN A CG  1 
ATOM   196  C  CD  . GLN A 1 50  ? -12.421 -13.208 -0.180  1.00 67.87  ? 54  GLN A CD  1 
ATOM   197  O  OE1 . GLN A 1 50  ? -12.309 -14.262 0.461   1.00 61.02  ? 54  GLN A OE1 1 
ATOM   198  N  NE2 . GLN A 1 50  ? -13.206 -13.100 -1.261  1.00 63.80  ? 54  GLN A NE2 1 
ATOM   199  N  N   . ARG A 1 51  ? -7.885  -11.723 2.235   1.00 55.32  ? 55  ARG A N   1 
ATOM   200  C  CA  . ARG A 1 51  ? -6.700  -12.140 3.001   1.00 58.76  ? 55  ARG A CA  1 
ATOM   201  C  C   . ARG A 1 51  ? -6.043  -10.946 3.691   1.00 54.93  ? 55  ARG A C   1 
ATOM   202  O  O   . ARG A 1 51  ? -5.732  -11.006 4.883   1.00 55.40  ? 55  ARG A O   1 
ATOM   203  C  CB  . ARG A 1 51  ? -5.709  -12.892 2.114   1.00 61.64  ? 55  ARG A CB  1 
ATOM   204  C  CG  . ARG A 1 51  ? -6.392  -13.931 1.238   1.00 68.43  ? 55  ARG A CG  1 
ATOM   205  C  CD  . ARG A 1 51  ? -5.535  -15.162 1.017   1.00 70.00  ? 55  ARG A CD  1 
ATOM   206  N  NE  . ARG A 1 51  ? -4.306  -14.864 0.291   1.00 78.12  ? 55  ARG A NE  1 
ATOM   207  C  CZ  . ARG A 1 51  ? -4.189  -14.836 -1.031  1.00 82.25  ? 55  ARG A CZ  1 
ATOM   208  N  NH1 . ARG A 1 51  ? -5.235  -15.080 -1.813  1.00 82.44  ? 55  ARG A NH1 1 
ATOM   209  N  NH2 . ARG A 1 51  ? -3.009  -14.562 -1.572  1.00 84.53  ? 55  ARG A NH2 1 
ATOM   210  N  N   . LEU A 1 52  ? -5.869  -9.852  2.951   1.00 55.19  ? 56  LEU A N   1 
ATOM   211  C  CA  . LEU A 1 52  ? -5.418  -8.598  3.557   1.00 56.05  ? 56  LEU A CA  1 
ATOM   212  C  C   . LEU A 1 52  ? -6.353  -8.204  4.695   1.00 56.70  ? 56  LEU A C   1 
ATOM   213  O  O   . LEU A 1 52  ? -5.903  -7.879  5.797   1.00 56.37  ? 56  LEU A O   1 
ATOM   214  C  CB  . LEU A 1 52  ? -5.332  -7.475  2.506   1.00 53.10  ? 56  LEU A CB  1 
ATOM   215  C  CG  . LEU A 1 52  ? -4.244  -7.673  1.447   1.00 51.99  ? 56  LEU A CG  1 
ATOM   216  C  CD1 . LEU A 1 52  ? -4.544  -6.947  0.143   1.00 48.73  ? 56  LEU A CD1 1 
ATOM   217  C  CD2 . LEU A 1 52  ? -2.890  -7.268  2.009   1.00 49.51  ? 56  LEU A CD2 1 
ATOM   218  N  N   . GLN A 1 53  ? -7.660  -8.259  4.435   1.00 60.84  ? 57  GLN A N   1 
ATOM   219  C  CA  . GLN A 1 53  ? -8.637  -7.885  5.457   1.00 64.04  ? 57  GLN A CA  1 
ATOM   220  C  C   . GLN A 1 53  ? -8.521  -8.779  6.690   1.00 64.60  ? 57  GLN A C   1 
ATOM   221  O  O   . GLN A 1 53  ? -8.583  -8.295  7.824   1.00 64.87  ? 57  GLN A O   1 
ATOM   222  C  CB  . GLN A 1 53  ? -10.069 -7.904  4.906   1.00 68.01  ? 57  GLN A CB  1 
ATOM   223  C  CG  . GLN A 1 53  ? -11.112 -7.597  5.974   1.00 72.26  ? 57  GLN A CG  1 
ATOM   224  C  CD  . GLN A 1 53  ? -12.510 -7.382  5.429   1.00 75.92  ? 57  GLN A CD  1 
ATOM   225  O  OE1 . GLN A 1 53  ? -12.811 -7.718  4.278   1.00 77.05  ? 57  GLN A OE1 1 
ATOM   226  N  NE2 . GLN A 1 53  ? -13.377 -6.806  6.259   1.00 72.57  ? 57  GLN A NE2 1 
ATOM   227  N  N   . ALA A 1 54  ? -8.340  -10.080 6.463   1.00 65.39  ? 58  ALA A N   1 
ATOM   228  C  CA  . ALA A 1 54  ? -8.191  -11.033 7.562   1.00 70.13  ? 58  ALA A CA  1 
ATOM   229  C  C   . ALA A 1 54  ? -6.965  -10.672 8.368   1.00 70.18  ? 58  ALA A C   1 
ATOM   230  O  O   . ALA A 1 54  ? -7.006  -10.646 9.600   1.00 69.91  ? 58  ALA A O   1 
ATOM   231  C  CB  . ALA A 1 54  ? -8.069  -12.457 7.035   1.00 67.87  ? 58  ALA A CB  1 
ATOM   232  N  N   . LEU A 1 55  ? -5.883  -10.382 7.647   1.00 72.28  ? 59  LEU A N   1 
ATOM   233  C  CA  . LEU A 1 55  ? -4.608  -10.040 8.256   1.00 70.17  ? 59  LEU A CA  1 
ATOM   234  C  C   . LEU A 1 55  ? -4.787  -9.000  9.356   1.00 67.64  ? 59  LEU A C   1 
ATOM   235  O  O   . LEU A 1 55  ? -4.532  -9.289  10.523  1.00 68.82  ? 59  LEU A O   1 
ATOM   236  C  CB  . LEU A 1 55  ? -3.604  -9.562  7.194   1.00 66.66  ? 59  LEU A CB  1 
ATOM   237  C  CG  . LEU A 1 55  ? -2.193  -9.206  7.692   1.00 64.99  ? 59  LEU A CG  1 
ATOM   238  C  CD1 . LEU A 1 55  ? -1.580  -10.344 8.500   1.00 61.92  ? 59  LEU A CD1 1 
ATOM   239  C  CD2 . LEU A 1 55  ? -1.296  -8.829  6.521   1.00 62.26  ? 59  LEU A CD2 1 
ATOM   240  N  N   . ILE A 1 56  ? -5.245  -7.806  8.986   1.00 69.94  ? 60  ILE A N   1 
ATOM   241  C  CA  . ILE A 1 56  ? -5.339  -6.701  9.949   1.00 73.68  ? 60  ILE A CA  1 
ATOM   242  C  C   . ILE A 1 56  ? -6.562  -6.806  10.852  1.00 69.64  ? 60  ILE A C   1 
ATOM   243  O  O   . ILE A 1 56  ? -6.583  -6.243  11.949  1.00 67.17  ? 60  ILE A O   1 
ATOM   244  C  CB  . ILE A 1 56  ? -5.274  -5.298  9.286   1.00 75.15  ? 60  ILE A CB  1 
ATOM   245  C  CG1 . ILE A 1 56  ? -6.408  -5.101  8.279   1.00 76.03  ? 60  ILE A CG1 1 
ATOM   246  C  CG2 . ILE A 1 56  ? -3.910  -5.068  8.638   1.00 77.37  ? 60  ILE A CG2 1 
ATOM   247  C  CD1 . ILE A 1 56  ? -6.345  -3.765  7.572   1.00 82.30  ? 60  ILE A CD1 1 
ATOM   248  N  N   . GLU A 1 57  ? -7.589  -7.513  10.393  1.00 74.69  ? 61  GLU A N   1 
ATOM   249  C  CA  . GLU A 1 57  ? -8.751  -7.731  11.247  1.00 84.00  ? 61  GLU A CA  1 
ATOM   250  C  C   . GLU A 1 57  ? -8.360  -8.768  12.288  1.00 84.08  ? 61  GLU A C   1 
ATOM   251  O  O   . GLU A 1 57  ? -8.801  -8.725  13.437  1.00 86.04  ? 61  GLU A O   1 
ATOM   252  C  CB  . GLU A 1 57  ? -9.968  -8.180  10.442  1.00 85.76  ? 61  GLU A CB  1 
ATOM   253  C  CG  . GLU A 1 57  ? -11.265 -7.551  10.912  1.00 92.73  ? 61  GLU A CG  1 
ATOM   254  C  CD  . GLU A 1 57  ? -11.349 -6.074  10.577  1.00 96.75  ? 61  GLU A CD  1 
ATOM   255  O  OE1 . GLU A 1 57  ? -11.703 -5.742  9.426   1.00 101.48 ? 61  GLU A OE1 1 
ATOM   256  O  OE2 . GLU A 1 57  ? -11.067 -5.242  11.466  1.00 96.72  ? 61  GLU A OE2 1 
ATOM   257  N  N   . SER A 1 58  ? -7.478  -9.667  11.860  1.00 83.06  ? 62  SER A N   1 
ATOM   258  C  CA  . SER A 1 58  ? -6.916  -10.729 12.670  1.00 85.58  ? 62  SER A CA  1 
ATOM   259  C  C   . SER A 1 58  ? -5.693  -10.264 13.463  1.00 87.20  ? 62  SER A C   1 
ATOM   260  O  O   . SER A 1 58  ? -4.773  -11.031 13.687  1.00 87.84  ? 62  SER A O   1 
ATOM   261  C  CB  . SER A 1 58  ? -6.505  -11.864 11.734  1.00 87.95  ? 62  SER A CB  1 
ATOM   262  O  OG  . SER A 1 58  ? -5.561  -12.718 12.333  1.00 91.85  ? 62  SER A OG  1 
ATOM   263  N  N   . ALA A 1 59  ? -5.671  -9.011  13.892  1.00 86.42  ? 63  ALA A N   1 
ATOM   264  C  CA  . ALA A 1 59  ? -4.480  -8.495  14.548  1.00 80.56  ? 63  ALA A CA  1 
ATOM   265  C  C   . ALA A 1 59  ? -4.831  -7.690  15.786  1.00 75.83  ? 63  ALA A C   1 
ATOM   266  O  O   . ALA A 1 59  ? -5.938  -7.159  15.887  1.00 76.38  ? 63  ALA A O   1 
ATOM   267  C  CB  . ALA A 1 59  ? -3.664  -7.673  13.567  1.00 82.80  ? 63  ALA A CB  1 
ATOM   268  N  N   . GLY A 1 60  ? -3.884  -7.611  16.719  1.00 71.76  ? 64  GLY A N   1 
ATOM   269  C  CA  . GLY A 1 60  ? -4.104  -6.962  18.011  1.00 71.83  ? 64  GLY A CA  1 
ATOM   270  C  C   . GLY A 1 60  ? -3.449  -5.606  18.186  1.00 73.64  ? 64  GLY A C   1 
ATOM   271  O  O   . GLY A 1 60  ? -3.370  -5.083  19.295  1.00 79.20  ? 64  GLY A O   1 
ATOM   272  N  N   . GLU A 1 61  ? -2.957  -5.039  17.094  1.00 73.94  ? 65  GLU A N   1 
ATOM   273  C  CA  . GLU A 1 61  ? -2.497  -3.662  17.102  1.00 71.18  ? 65  GLU A CA  1 
ATOM   274  C  C   . GLU A 1 61  ? -3.430  -2.944  16.154  1.00 65.92  ? 65  GLU A C   1 
ATOM   275  O  O   . GLU A 1 61  ? -3.977  -3.578  15.251  1.00 66.66  ? 65  GLU A O   1 
ATOM   276  C  CB  . GLU A 1 61  ? -1.055  -3.568  16.596  1.00 73.34  ? 65  GLU A CB  1 
ATOM   277  C  CG  . GLU A 1 61  ? -0.153  -4.741  16.957  1.00 79.63  ? 65  GLU A CG  1 
ATOM   278  C  CD  . GLU A 1 61  ? 0.104   -4.866  18.452  1.00 86.19  ? 65  GLU A CD  1 
ATOM   279  O  OE1 . GLU A 1 61  ? 0.076   -3.838  19.169  1.00 87.68  ? 65  GLU A OE1 1 
ATOM   280  O  OE2 . GLU A 1 61  ? 0.341   -6.004  18.908  1.00 91.31  ? 65  GLU A OE2 1 
ATOM   281  N  N   . ASN A 1 62  ? -3.622  -1.640  16.340  1.00 62.01  ? 66  ASN A N   1 
ATOM   282  C  CA  . ASN A 1 62  ? -4.505  -0.883  15.443  1.00 63.39  ? 66  ASN A CA  1 
ATOM   283  C  C   . ASN A 1 62  ? -3.863  -0.495  14.108  1.00 55.93  ? 66  ASN A C   1 
ATOM   284  O  O   . ASN A 1 62  ? -3.411  0.633   13.930  1.00 56.85  ? 66  ASN A O   1 
ATOM   285  C  CB  . ASN A 1 62  ? -5.079  0.362   16.130  1.00 67.11  ? 66  ASN A CB  1 
ATOM   286  C  CG  . ASN A 1 62  ? -5.867  0.032   17.386  1.00 76.42  ? 66  ASN A CG  1 
ATOM   287  O  OD1 . ASN A 1 62  ? -5.412  0.309   18.499  1.00 82.73  ? 66  ASN A OD1 1 
ATOM   288  N  ND2 . ASN A 1 62  ? -7.055  -0.556  17.219  1.00 76.26  ? 66  ASN A ND2 1 
ATOM   289  N  N   . TRP A 1 63  ? -3.833  -1.434  13.171  1.00 53.34  ? 67  TRP A N   1 
ATOM   290  C  CA  . TRP A 1 63  ? -3.346  -1.148  11.827  1.00 50.55  ? 67  TRP A CA  1 
ATOM   291  C  C   . TRP A 1 63  ? -4.382  -0.359  11.034  1.00 51.54  ? 67  TRP A C   1 
ATOM   292  O  O   . TRP A 1 63  ? -5.588  -0.640  11.100  1.00 47.70  ? 67  TRP A O   1 
ATOM   293  C  CB  . TRP A 1 63  ? -2.976  -2.430  11.078  1.00 49.29  ? 67  TRP A CB  1 
ATOM   294  C  CG  . TRP A 1 63  ? -1.788  -3.136  11.667  1.00 53.20  ? 67  TRP A CG  1 
ATOM   295  C  CD1 . TRP A 1 63  ? -1.802  -4.270  12.434  1.00 56.59  ? 67  TRP A CD1 1 
ATOM   296  C  CD2 . TRP A 1 63  ? -0.410  -2.750  11.549  1.00 51.91  ? 67  TRP A CD2 1 
ATOM   297  N  NE1 . TRP A 1 63  ? -0.522  -4.620  12.793  1.00 55.20  ? 67  TRP A NE1 1 
ATOM   298  C  CE2 . TRP A 1 63  ? 0.354   -3.699  12.276  1.00 53.80  ? 67  TRP A CE2 1 
ATOM   299  C  CE3 . TRP A 1 63  ? 0.255   -1.690  10.910  1.00 48.73  ? 67  TRP A CE3 1 
ATOM   300  C  CZ2 . TRP A 1 63  ? 1.758   -3.625  12.373  1.00 51.25  ? 67  TRP A CZ2 1 
ATOM   301  C  CZ3 . TRP A 1 63  ? 1.650   -1.620  11.002  1.00 46.52  ? 67  TRP A CZ3 1 
ATOM   302  C  CH2 . TRP A 1 63  ? 2.381   -2.574  11.736  1.00 47.53  ? 67  TRP A CH2 1 
ATOM   303  N  N   . THR A 1 64  ? -3.900  0.614   10.267  1.00 46.90  ? 68  THR A N   1 
ATOM   304  C  CA  . THR A 1 64  ? -4.775  1.443   9.458   1.00 43.55  ? 68  THR A CA  1 
ATOM   305  C  C   . THR A 1 64  ? -5.178  0.762   8.161   1.00 44.06  ? 68  THR A C   1 
ATOM   306  O  O   . THR A 1 64  ? -6.341  0.864   7.745   1.00 41.98  ? 68  THR A O   1 
ATOM   307  C  CB  . THR A 1 64  ? -4.143  2.827   9.209   1.00 41.65  ? 68  THR A CB  1 
ATOM   308  O  OG1 . THR A 1 64  ? -3.718  3.355   10.464  1.00 42.86  ? 68  THR A OG1 1 
ATOM   309  C  CG2 . THR A 1 64  ? -5.147  3.805   8.591   1.00 39.30  ? 68  THR A CG2 1 
ATOM   310  N  N   . TYR A 1 65  ? -4.231  0.084   7.510   1.00 37.70  ? 69  TYR A N   1 
ATOM   311  C  CA  . TYR A 1 65  ? -4.470  -0.496  6.187   1.00 36.60  ? 69  TYR A CA  1 
ATOM   312  C  C   . TYR A 1 65  ? -3.477  -1.612  5.960   1.00 41.46  ? 69  TYR A C   1 
ATOM   313  O  O   . TYR A 1 65  ? -2.473  -1.709  6.665   1.00 39.48  ? 69  TYR A O   1 
ATOM   314  C  CB  . TYR A 1 65  ? -4.336  0.547   5.048   1.00 40.04  ? 69  TYR A CB  1 
ATOM   315  C  CG  . TYR A 1 65  ? -2.904  1.009   4.814   1.00 41.30  ? 69  TYR A CG  1 
ATOM   316  C  CD1 . TYR A 1 65  ? -2.030  0.268   3.999   1.00 38.10  ? 69  TYR A CD1 1 
ATOM   317  C  CD2 . TYR A 1 65  ? -2.412  2.160   5.444   1.00 40.56  ? 69  TYR A CD2 1 
ATOM   318  C  CE1 . TYR A 1 65  ? -0.723  0.666   3.822   1.00 40.30  ? 69  TYR A CE1 1 
ATOM   319  C  CE2 . TYR A 1 65  ? -1.101  2.578   5.259   1.00 41.72  ? 69  TYR A CE2 1 
ATOM   320  C  CZ  . TYR A 1 65  ? -0.261  1.823   4.453   1.00 40.95  ? 69  TYR A CZ  1 
ATOM   321  O  OH  . TYR A 1 65  ? 1.038   2.217   4.289   1.00 38.63  ? 69  TYR A OH  1 
ATOM   322  N  N   . ALA A 1 66  ? -3.779  -2.467  4.993   1.00 42.62  ? 70  ALA A N   1 
ATOM   323  C  CA  . ALA A 1 66  ? -2.787  -3.356  4.438   1.00 45.35  ? 70  ALA A CA  1 
ATOM   324  C  C   . ALA A 1 66  ? -2.955  -3.207  2.944   1.00 45.58  ? 70  ALA A C   1 
ATOM   325  O  O   . ALA A 1 66  ? -4.063  -2.947  2.465   1.00 46.86  ? 70  ALA A O   1 
ATOM   326  C  CB  . ALA A 1 66  ? -3.022  -4.793  4.875   1.00 44.73  ? 70  ALA A CB  1 
ATOM   327  N  N   . ILE A 1 67  ? -1.838  -3.320  2.236   1.00 39.55  ? 71  ILE A N   1 
ATOM   328  C  CA  . ILE A 1 67  ? -1.774  -3.285  0.786   1.00 41.76  ? 71  ILE A CA  1 
ATOM   329  C  C   . ILE A 1 67  ? -0.972  -4.510  0.397   1.00 45.17  ? 71  ILE A C   1 
ATOM   330  O  O   . ILE A 1 67  ? -0.138  -4.959  1.184   1.00 43.99  ? 71  ILE A O   1 
ATOM   331  C  CB  . ILE A 1 67  ? -1.032  -2.024  0.282   1.00 37.28  ? 71  ILE A CB  1 
ATOM   332  C  CG1 . ILE A 1 67  ? -1.914  -0.786  0.466   1.00 37.40  ? 71  ILE A CG1 1 
ATOM   333  C  CG2 . ILE A 1 67  ? -0.626  -2.168  -1.190  1.00 33.88  ? 71  ILE A CG2 1 
ATOM   334  C  CD1 . ILE A 1 67  ? -1.196  0.534   0.227   1.00 34.03  ? 71  ILE A CD1 1 
ATOM   335  N  N   . PHE A 1 68  ? -1.241  -5.062  -0.790  1.00 47.48  ? 72  PHE A N   1 
ATOM   336  C  CA  . PHE A 1 68  ? -0.387  -6.092  -1.364  1.00 46.47  ? 72  PHE A CA  1 
ATOM   337  C  C   . PHE A 1 68  ? 0.180   -5.628  -2.694  1.00 48.31  ? 72  PHE A C   1 
ATOM   338  O  O   . PHE A 1 68  ? -0.567  -5.287  -3.602  1.00 49.94  ? 72  PHE A O   1 
ATOM   339  C  CB  . PHE A 1 68  ? -1.117  -7.429  -1.549  1.00 48.95  ? 72  PHE A CB  1 
ATOM   340  C  CG  . PHE A 1 68  ? -0.215  -8.526  -2.042  1.00 48.99  ? 72  PHE A CG  1 
ATOM   341  C  CD1 . PHE A 1 68  ? 0.581   -9.246  -1.152  1.00 48.79  ? 72  PHE A CD1 1 
ATOM   342  C  CD2 . PHE A 1 68  ? -0.109  -8.795  -3.396  1.00 50.26  ? 72  PHE A CD2 1 
ATOM   343  C  CE1 . PHE A 1 68  ? 1.444   -10.237 -1.613  1.00 50.88  ? 72  PHE A CE1 1 
ATOM   344  C  CE2 . PHE A 1 68  ? 0.742   -9.789  -3.862  1.00 51.51  ? 72  PHE A CE2 1 
ATOM   345  C  CZ  . PHE A 1 68  ? 1.515   -10.509 -2.968  1.00 50.65  ? 72  PHE A CZ  1 
ATOM   346  N  N   . TRP A 1 69  ? 1.508   -5.603  -2.791  1.00 44.54  ? 73  TRP A N   1 
ATOM   347  C  CA  . TRP A 1 69  ? 2.196   -5.210  -4.003  1.00 44.68  ? 73  TRP A CA  1 
ATOM   348  C  C   . TRP A 1 69  ? 2.535   -6.490  -4.782  1.00 50.92  ? 73  TRP A C   1 
ATOM   349  O  O   . TRP A 1 69  ? 3.226   -7.386  -4.263  1.00 47.90  ? 73  TRP A O   1 
ATOM   350  C  CB  . TRP A 1 69  ? 3.470   -4.420  -3.676  1.00 43.29  ? 73  TRP A CB  1 
ATOM   351  C  CG  . TRP A 1 69  ? 3.251   -3.155  -2.882  1.00 43.16  ? 73  TRP A CG  1 
ATOM   352  C  CD1 . TRP A 1 69  ? 3.540   -2.958  -1.561  1.00 41.91  ? 73  TRP A CD1 1 
ATOM   353  C  CD2 . TRP A 1 69  ? 2.702   -1.918  -3.358  1.00 43.89  ? 73  TRP A CD2 1 
ATOM   354  N  NE1 . TRP A 1 69  ? 3.199   -1.688  -1.183  1.00 43.84  ? 73  TRP A NE1 1 
ATOM   355  C  CE2 . TRP A 1 69  ? 2.686   -1.020  -2.262  1.00 42.42  ? 73  TRP A CE2 1 
ATOM   356  C  CE3 . TRP A 1 69  ? 2.203   -1.486  -4.595  1.00 41.71  ? 73  TRP A CE3 1 
ATOM   357  C  CZ2 . TRP A 1 69  ? 2.195   0.279   -2.363  1.00 42.51  ? 73  TRP A CZ2 1 
ATOM   358  C  CZ3 . TRP A 1 69  ? 1.714   -0.187  -4.700  1.00 46.40  ? 73  TRP A CZ3 1 
ATOM   359  C  CH2 . TRP A 1 69  ? 1.722   0.686   -3.590  1.00 45.77  ? 73  TRP A CH2 1 
ATOM   360  N  N   . GLN A 1 70  ? 2.053   -6.566  -6.023  1.00 53.70  ? 74  GLN A N   1 
ATOM   361  C  CA  . GLN A 1 70  ? 2.228   -7.754  -6.857  1.00 55.64  ? 74  GLN A CA  1 
ATOM   362  C  C   . GLN A 1 70  ? 3.319   -7.543  -7.887  1.00 55.72  ? 74  GLN A C   1 
ATOM   363  O  O   . GLN A 1 70  ? 3.562   -6.413  -8.321  1.00 58.77  ? 74  GLN A O   1 
ATOM   364  C  CB  . GLN A 1 70  ? 0.913   -8.143  -7.550  1.00 58.09  ? 74  GLN A CB  1 
ATOM   365  C  CG  . GLN A 1 70  ? 0.770   -7.647  -8.985  1.00 59.95  ? 74  GLN A CG  1 
ATOM   366  C  CD  . GLN A 1 70  ? -0.642  -7.812  -9.541  1.00 63.91  ? 74  GLN A CD  1 
ATOM   367  O  OE1 . GLN A 1 70  ? -1.508  -8.449  -8.923  1.00 60.70  ? 74  GLN A OE1 1 
ATOM   368  N  NE2 . GLN A 1 70  ? -0.882  -7.228  -10.714 1.00 63.26  ? 74  GLN A NE2 1 
ATOM   369  N  N   . ILE A 1 71  ? 3.959   -8.644  -8.268  1.00 56.49  ? 75  ILE A N   1 
ATOM   370  C  CA  . ILE A 1 71  ? 5.027   -8.657  -9.270  1.00 62.29  ? 75  ILE A CA  1 
ATOM   371  C  C   . ILE A 1 71  ? 4.524   -8.693  -10.714 1.00 63.50  ? 75  ILE A C   1 
ATOM   372  O  O   . ILE A 1 71  ? 3.646   -9.482  -11.054 1.00 65.34  ? 75  ILE A O   1 
ATOM   373  C  CB  . ILE A 1 71  ? 5.951   -9.885  -9.076  1.00 63.13  ? 75  ILE A CB  1 
ATOM   374  C  CG1 . ILE A 1 71  ? 6.654   -9.833  -7.715  1.00 64.89  ? 75  ILE A CG1 1 
ATOM   375  C  CG2 . ILE A 1 71  ? 6.967   -9.991  -10.216 1.00 62.51  ? 75  ILE A CG2 1 
ATOM   376  C  CD1 . ILE A 1 71  ? 7.712   -8.757  -7.606  1.00 65.79  ? 75  ILE A CD1 1 
ATOM   377  N  N   . SER A 1 72  ? 5.109   -7.841  -11.550 1.00 68.35  ? 76  SER A N   1 
ATOM   378  C  CA  . SER A 1 72  ? 4.945   -7.900  -12.995 1.00 71.25  ? 76  SER A CA  1 
ATOM   379  C  C   . SER A 1 72  ? 6.331   -7.734  -13.625 1.00 73.00  ? 76  SER A C   1 
ATOM   380  O  O   . SER A 1 72  ? 7.306   -7.506  -12.903 1.00 71.74  ? 76  SER A O   1 
ATOM   381  C  CB  . SER A 1 72  ? 4.008   -6.788  -13.473 1.00 71.12  ? 76  SER A CB  1 
ATOM   382  O  OG  . SER A 1 72  ? 4.663   -5.531  -13.448 1.00 70.96  ? 76  SER A OG  1 
ATOM   383  N  N   . HIS A 1 73  ? 6.407   -7.841  -14.957 1.00 73.76  ? 77  HIS A N   1 
ATOM   384  C  CA  . HIS A 1 73  ? 7.629   -7.549  -15.708 1.00 75.84  ? 77  HIS A CA  1 
ATOM   385  C  C   . HIS A 1 73  ? 7.437   -6.436  -16.724 1.00 76.70  ? 77  HIS A C   1 
ATOM   386  O  O   . HIS A 1 73  ? 6.448   -6.411  -17.445 1.00 77.09  ? 77  HIS A O   1 
ATOM   387  C  CB  . HIS A 1 73  ? 8.118   -8.784  -16.449 1.00 79.25  ? 77  HIS A CB  1 
ATOM   388  C  CG  . HIS A 1 73  ? 8.665   -9.850  -15.559 1.00 84.57  ? 77  HIS A CG  1 
ATOM   389  N  ND1 . HIS A 1 73  ? 10.017  -10.022 -15.347 1.00 86.41  ? 77  HIS A ND1 1 
ATOM   390  C  CD2 . HIS A 1 73  ? 8.044   -10.809 -14.834 1.00 87.05  ? 77  HIS A CD2 1 
ATOM   391  C  CE1 . HIS A 1 73  ? 10.205  -11.043 -14.530 1.00 88.71  ? 77  HIS A CE1 1 
ATOM   392  N  NE2 . HIS A 1 73  ? 9.025   -11.537 -14.202 1.00 90.81  ? 77  HIS A NE2 1 
ATOM   393  N  N   . ASP A 1 74  ? 8.398   -5.522  -16.778 1.00 84.08  ? 78  ASP A N   1 
ATOM   394  C  CA  . ASP A 1 74  ? 8.449   -4.506  -17.818 1.00 91.13  ? 78  ASP A CA  1 
ATOM   395  C  C   . ASP A 1 74  ? 9.510   -4.931  -18.821 1.00 93.84  ? 78  ASP A C   1 
ATOM   396  O  O   . ASP A 1 74  ? 10.160  -5.962  -18.652 1.00 95.65  ? 78  ASP A O   1 
ATOM   397  C  CB  . ASP A 1 74  ? 8.790   -3.137  -17.216 1.00 97.27  ? 78  ASP A CB  1 
ATOM   398  C  CG  . ASP A 1 74  ? 8.763   -2.005  -18.246 1.00 103.08 ? 78  ASP A CG  1 
ATOM   399  O  OD1 . ASP A 1 74  ? 9.546   -2.040  -19.219 1.00 107.29 ? 78  ASP A OD1 1 
ATOM   400  O  OD2 . ASP A 1 74  ? 7.967   -1.060  -18.069 1.00 102.34 ? 78  ASP A OD2 1 
ATOM   401  N  N   . PHE A 1 75  ? 9.678   -4.135  -19.867 1.00 99.05  ? 79  PHE A N   1 
ATOM   402  C  CA  . PHE A 1 75  ? 10.688  -4.402  -20.867 1.00 104.72 ? 79  PHE A CA  1 
ATOM   403  C  C   . PHE A 1 75  ? 11.149  -3.072  -21.399 1.00 111.11 ? 79  PHE A C   1 
ATOM   404  O  O   . PHE A 1 75  ? 10.599  -2.542  -22.364 1.00 109.08 ? 79  PHE A O   1 
ATOM   405  C  CB  . PHE A 1 75  ? 10.145  -5.324  -21.955 1.00 96.26  ? 79  PHE A CB  1 
ATOM   406  C  CG  . PHE A 1 75  ? 9.925   -6.721  -21.474 1.00 95.14  ? 79  PHE A CG  1 
ATOM   407  C  CD1 . PHE A 1 75  ? 11.005  -7.578  -21.306 1.00 92.64  ? 79  PHE A CD1 1 
ATOM   408  C  CD2 . PHE A 1 75  ? 8.652   -7.170  -21.130 1.00 95.78  ? 79  PHE A CD2 1 
ATOM   409  C  CE1 . PHE A 1 75  ? 10.821  -8.867  -20.832 1.00 91.77  ? 79  PHE A CE1 1 
ATOM   410  C  CE2 . PHE A 1 75  ? 8.461   -8.462  -20.654 1.00 95.86  ? 79  PHE A CE2 1 
ATOM   411  C  CZ  . PHE A 1 75  ? 9.548   -9.312  -20.508 1.00 92.69  ? 79  PHE A CZ  1 
ATOM   412  N  N   . ASP A 1 76  ? 12.142  -2.530  -20.705 1.00 115.65 ? 80  ASP A N   1 
ATOM   413  C  CA  . ASP A 1 76  ? 12.678  -1.210  -20.964 1.00 118.84 ? 80  ASP A CA  1 
ATOM   414  C  C   . ASP A 1 76  ? 13.005  -1.023  -22.441 1.00 119.14 ? 80  ASP A C   1 
ATOM   415  O  O   . ASP A 1 76  ? 13.374  -1.972  -23.130 1.00 114.09 ? 80  ASP A O   1 
ATOM   416  C  CB  . ASP A 1 76  ? 13.913  -0.994  -20.085 1.00 118.93 ? 80  ASP A CB  1 
ATOM   417  C  CG  . ASP A 1 76  ? 14.751  0.185   -20.523 1.00 119.79 ? 80  ASP A CG  1 
ATOM   418  O  OD1 . ASP A 1 76  ? 14.192  1.165   -21.059 1.00 124.98 ? 80  ASP A OD1 1 
ATOM   419  O  OD2 . ASP A 1 76  ? 15.981  0.130   -20.322 1.00 113.81 ? 80  ASP A OD2 1 
ATOM   420  N  N   . SER A 1 77  ? 12.839  0.202   -22.927 1.00 120.74 ? 81  SER A N   1 
ATOM   421  C  CA  . SER A 1 77  ? 13.165  0.507   -24.306 1.00 121.87 ? 81  SER A CA  1 
ATOM   422  C  C   . SER A 1 77  ? 14.653  0.334   -24.565 1.00 124.91 ? 81  SER A C   1 
ATOM   423  O  O   . SER A 1 77  ? 15.490  0.606   -23.698 1.00 125.11 ? 81  SER A O   1 
ATOM   424  C  CB  . SER A 1 77  ? 12.751  1.934   -24.666 1.00 118.70 ? 81  SER A CB  1 
ATOM   425  O  OG  . SER A 1 77  ? 13.389  2.353   -25.863 1.00 114.34 ? 81  SER A OG  1 
ATOM   426  N  N   . SER A 1 78  ? 14.957  -0.149  -25.765 1.00 122.96 ? 82  SER A N   1 
ATOM   427  C  CA  . SER A 1 78  ? 16.285  -0.013  -26.367 1.00 119.88 ? 82  SER A CA  1 
ATOM   428  C  C   . SER A 1 78  ? 17.431  -0.756  -25.674 1.00 117.36 ? 82  SER A C   1 
ATOM   429  O  O   . SER A 1 78  ? 18.603  -0.540  -25.992 1.00 120.04 ? 82  SER A O   1 
ATOM   430  C  CB  . SER A 1 78  ? 16.618  1.472   -26.571 1.00 119.05 ? 82  SER A CB  1 
ATOM   431  O  OG  . SER A 1 78  ? 15.717  2.068   -27.489 1.00 120.18 ? 82  SER A OG  1 
ATOM   432  N  N   . THR A 1 79  ? 17.080  -1.647  -24.753 1.00 117.49 ? 83  THR A N   1 
ATOM   433  C  CA  . THR A 1 79  ? 18.038  -2.410  -23.967 1.00 121.50 ? 83  THR A CA  1 
ATOM   434  C  C   . THR A 1 79  ? 17.224  -3.387  -23.164 1.00 118.48 ? 83  THR A C   1 
ATOM   435  O  O   . THR A 1 79  ? 16.224  -2.990  -22.577 1.00 118.43 ? 83  THR A O   1 
ATOM   436  C  CB  . THR A 1 79  ? 18.685  -1.534  -22.901 1.00 125.73 ? 83  THR A CB  1 
ATOM   437  O  OG1 . THR A 1 79  ? 17.641  -0.966  -22.107 1.00 127.19 ? 83  THR A OG1 1 
ATOM   438  C  CG2 . THR A 1 79  ? 19.493  -0.418  -23.522 1.00 125.23 ? 83  THR A CG2 1 
ATOM   439  N  N   . GLY A 1 80  ? 17.652  -4.645  -23.113 1.00 116.52 ? 84  GLY A N   1 
ATOM   440  C  CA  . GLY A 1 80  ? 16.964  -5.689  -22.343 1.00 116.20 ? 84  GLY A CA  1 
ATOM   441  C  C   . GLY A 1 80  ? 15.454  -5.753  -22.548 1.00 118.34 ? 84  GLY A C   1 
ATOM   442  O  O   . GLY A 1 80  ? 14.981  -5.792  -23.683 1.00 115.09 ? 84  GLY A O   1 
ATOM   443  N  N   . ASP A 1 81  ? 14.690  -5.755  -21.461 1.00 116.36 ? 85  ASP A N   1 
ATOM   444  C  CA  . ASP A 1 81  ? 15.225  -5.718  -20.120 1.00 110.28 ? 85  ASP A CA  1 
ATOM   445  C  C   . ASP A 1 81  ? 14.186  -6.425  -19.293 1.00 100.58 ? 85  ASP A C   1 
ATOM   446  O  O   . ASP A 1 81  ? 13.043  -5.971  -19.215 1.00 95.10  ? 85  ASP A O   1 
ATOM   447  C  CB  . ASP A 1 81  ? 15.423  -4.270  -19.658 1.00 121.81 ? 85  ASP A CB  1 
ATOM   448  C  CG  . ASP A 1 81  ? 16.118  -4.171  -18.312 1.00 134.49 ? 85  ASP A CG  1 
ATOM   449  O  OD1 . ASP A 1 81  ? 16.428  -5.222  -17.709 1.00 140.20 ? 85  ASP A OD1 1 
ATOM   450  O  OD2 . ASP A 1 81  ? 16.349  -3.033  -17.851 1.00 142.76 ? 85  ASP A OD2 1 
ATOM   451  N  N   . ASN A 1 82  ? 14.563  -7.580  -18.758 1.00 94.56  ? 86  ASN A N   1 
ATOM   452  C  CA  . ASN A 1 82  ? 13.692  -8.366  -17.907 1.00 96.47  ? 86  ASN A CA  1 
ATOM   453  C  C   . ASN A 1 82  ? 13.737  -7.702  -16.535 1.00 95.08  ? 86  ASN A C   1 
ATOM   454  O  O   . ASN A 1 82  ? 14.563  -8.047  -15.691 1.00 95.78  ? 86  ASN A O   1 
ATOM   455  C  CB  . ASN A 1 82  ? 14.192  -9.816  -17.847 1.00 100.03 ? 86  ASN A CB  1 
ATOM   456  C  CG  . ASN A 1 82  ? 13.073  -10.846 -17.961 1.00 99.72  ? 86  ASN A CG  1 
ATOM   457  O  OD1 . ASN A 1 82  ? 12.086  -10.650 -18.676 1.00 96.29  ? 86  ASN A OD1 1 
ATOM   458  N  ND2 . ASN A 1 82  ? 13.243  -11.973 -17.272 1.00 98.81  ? 86  ASN A ND2 1 
ATOM   459  N  N   . THR A 1 83  ? 12.874  -6.711  -16.342 1.00 89.95  ? 87  THR A N   1 
ATOM   460  C  CA  . THR A 1 83  ? 12.907  -5.878  -15.150 1.00 81.74  ? 87  THR A CA  1 
ATOM   461  C  C   . THR A 1 83  ? 11.705  -6.199  -14.316 1.00 76.31  ? 87  THR A C   1 
ATOM   462  O  O   . THR A 1 83  ? 10.583  -6.043  -14.780 1.00 75.95  ? 87  THR A O   1 
ATOM   463  C  CB  . THR A 1 83  ? 12.810  -4.393  -15.517 1.00 81.22  ? 87  THR A CB  1 
ATOM   464  O  OG1 . THR A 1 83  ? 13.463  -4.172  -16.774 1.00 87.66  ? 87  THR A OG1 1 
ATOM   465  C  CG2 . THR A 1 83  ? 13.442  -3.534  -14.442 1.00 79.30  ? 87  THR A CG2 1 
ATOM   466  N  N   . VAL A 1 84  ? 11.937  -6.649  -13.090 1.00 67.49  ? 88  VAL A N   1 
ATOM   467  C  CA  . VAL A 1 84  ? 10.844  -6.957  -12.171 1.00 61.97  ? 88  VAL A CA  1 
ATOM   468  C  C   . VAL A 1 84  ? 10.253  -5.655  -11.617 1.00 59.58  ? 88  VAL A C   1 
ATOM   469  O  O   . VAL A 1 84  ? 10.989  -4.711  -11.321 1.00 58.44  ? 88  VAL A O   1 
ATOM   470  C  CB  . VAL A 1 84  ? 11.308  -7.923  -11.064 1.00 59.56  ? 88  VAL A CB  1 
ATOM   471  C  CG1 . VAL A 1 84  ? 10.253  -8.085  -9.981  1.00 60.67  ? 88  VAL A CG1 1 
ATOM   472  C  CG2 . VAL A 1 84  ? 11.631  -9.271  -11.679 1.00 61.20  ? 88  VAL A CG2 1 
ATOM   473  N  N   . ILE A 1 85  ? 8.928   -5.597  -11.510 1.00 58.86  ? 89  ILE A N   1 
ATOM   474  C  CA  . ILE A 1 85  ? 8.244   -4.378  -11.070 1.00 60.18  ? 89  ILE A CA  1 
ATOM   475  C  C   . ILE A 1 85  ? 7.134   -4.730  -10.089 1.00 60.28  ? 89  ILE A C   1 
ATOM   476  O  O   . ILE A 1 85  ? 6.396   -5.690  -10.303 1.00 64.98  ? 89  ILE A O   1 
ATOM   477  C  CB  . ILE A 1 85  ? 7.668   -3.580  -12.274 1.00 63.58  ? 89  ILE A CB  1 
ATOM   478  C  CG1 . ILE A 1 85  ? 8.786   -2.890  -13.071 1.00 63.78  ? 89  ILE A CG1 1 
ATOM   479  C  CG2 . ILE A 1 85  ? 6.626   -2.555  -11.834 1.00 61.64  ? 89  ILE A CG2 1 
ATOM   480  C  CD1 . ILE A 1 85  ? 9.114   -1.476  -12.633 1.00 64.83  ? 89  ILE A CD1 1 
ATOM   481  N  N   . LEU A 1 86  ? 7.031   -3.958  -9.007  1.00 53.95  ? 90  LEU A N   1 
ATOM   482  C  CA  . LEU A 1 86  ? 5.959   -4.136  -8.041  1.00 50.21  ? 90  LEU A CA  1 
ATOM   483  C  C   . LEU A 1 86  ? 4.855   -3.136  -8.324  1.00 49.59  ? 90  LEU A C   1 
ATOM   484  O  O   . LEU A 1 86  ? 5.130   -1.969  -8.593  1.00 46.08  ? 90  LEU A O   1 
ATOM   485  C  CB  . LEU A 1 86  ? 6.460   -3.935  -6.612  1.00 51.46  ? 90  LEU A CB  1 
ATOM   486  C  CG  . LEU A 1 86  ? 7.323   -4.978  -5.893  1.00 54.97  ? 90  LEU A CG  1 
ATOM   487  C  CD1 . LEU A 1 86  ? 6.488   -6.170  -5.441  1.00 55.09  ? 90  LEU A CD1 1 
ATOM   488  C  CD2 . LEU A 1 86  ? 8.547   -5.421  -6.694  1.00 54.68  ? 90  LEU A CD2 1 
ATOM   489  N  N   . GLY A 1 87  ? 3.608   -3.592  -8.252  1.00 46.69  ? 91  GLY A N   1 
ATOM   490  C  CA  . GLY A 1 87  ? 2.487   -2.718  -8.536  1.00 43.06  ? 91  GLY A CA  1 
ATOM   491  C  C   . GLY A 1 87  ? 1.302   -3.047  -7.679  1.00 41.28  ? 91  GLY A C   1 
ATOM   492  O  O   . GLY A 1 87  ? 1.280   -4.075  -6.993  1.00 41.69  ? 91  GLY A O   1 
ATOM   493  N  N   . TRP A 1 88  ? 0.301   -2.173  -7.716  1.00 42.43  ? 92  TRP A N   1 
ATOM   494  C  CA  . TRP A 1 88  ? -0.898  -2.394  -6.923  1.00 45.44  ? 92  TRP A CA  1 
ATOM   495  C  C   . TRP A 1 88  ? -1.537  -3.716  -7.283  1.00 51.45  ? 92  TRP A C   1 
ATOM   496  O  O   . TRP A 1 88  ? -1.886  -3.943  -8.448  1.00 51.77  ? 92  TRP A O   1 
ATOM   497  C  CB  . TRP A 1 88  ? -1.894  -1.256  -7.100  1.00 43.59  ? 92  TRP A CB  1 
ATOM   498  C  CG  . TRP A 1 88  ? -3.097  -1.385  -6.232  1.00 45.82  ? 92  TRP A CG  1 
ATOM   499  C  CD1 . TRP A 1 88  ? -4.271  -2.040  -6.540  1.00 49.80  ? 92  TRP A CD1 1 
ATOM   500  C  CD2 . TRP A 1 88  ? -3.277  -0.836  -4.922  1.00 49.36  ? 92  TRP A CD2 1 
ATOM   501  N  NE1 . TRP A 1 88  ? -5.161  -1.937  -5.498  1.00 49.76  ? 92  TRP A NE1 1 
ATOM   502  C  CE2 . TRP A 1 88  ? -4.581  -1.201  -4.492  1.00 49.67  ? 92  TRP A CE2 1 
ATOM   503  C  CE3 . TRP A 1 88  ? -2.469  -0.070  -4.066  1.00 46.61  ? 92  TRP A CE3 1 
ATOM   504  C  CZ2 . TRP A 1 88  ? -5.091  -0.827  -3.240  1.00 47.85  ? 92  TRP A CZ2 1 
ATOM   505  C  CZ3 . TRP A 1 88  ? -2.989  0.307   -2.822  1.00 47.91  ? 92  TRP A CZ3 1 
ATOM   506  C  CH2 . TRP A 1 88  ? -4.282  -0.078  -2.423  1.00 46.12  ? 92  TRP A CH2 1 
ATOM   507  N  N   . GLY A 1 89  ? -1.642  -4.587  -6.281  1.00 56.46  ? 93  GLY A N   1 
ATOM   508  C  CA  . GLY A 1 89  ? -2.378  -5.840  -6.393  1.00 60.92  ? 93  GLY A CA  1 
ATOM   509  C  C   . GLY A 1 89  ? -3.754  -5.629  -5.796  1.00 62.92  ? 93  GLY A C   1 
ATOM   510  O  O   . GLY A 1 89  ? -4.755  -5.628  -6.507  1.00 69.43  ? 93  GLY A O   1 
ATOM   511  N  N   . ASP A 1 90  ? -3.798  -5.427  -4.485  1.00 61.88  ? 94  ASP A N   1 
ATOM   512  C  CA  . ASP A 1 90  ? -5.033  -5.036  -3.807  1.00 55.46  ? 94  ASP A CA  1 
ATOM   513  C  C   . ASP A 1 90  ? -4.642  -4.401  -2.475  1.00 53.29  ? 94  ASP A C   1 
ATOM   514  O  O   . ASP A 1 90  ? -3.452  -4.232  -2.172  1.00 53.53  ? 94  ASP A O   1 
ATOM   515  C  CB  . ASP A 1 90  ? -5.935  -6.257  -3.583  1.00 56.11  ? 94  ASP A CB  1 
ATOM   516  C  CG  . ASP A 1 90  ? -7.437  -5.936  -3.682  1.00 61.89  ? 94  ASP A CG  1 
ATOM   517  O  OD1 . ASP A 1 90  ? -7.890  -4.844  -3.269  1.00 54.67  ? 94  ASP A OD1 1 
ATOM   518  O  OD2 . ASP A 1 90  ? -8.181  -6.817  -4.168  1.00 65.58  ? 94  ASP A OD2 1 
ATOM   519  N  N   . GLY A 1 91  ? -5.648  -4.045  -1.689  1.00 48.14  ? 95  GLY A N   1 
ATOM   520  C  CA  . GLY A 1 91  ? -5.445  -3.475  -0.382  1.00 49.87  ? 95  GLY A CA  1 
ATOM   521  C  C   . GLY A 1 91  ? -6.763  -3.350  0.341   1.00 53.57  ? 95  GLY A C   1 
ATOM   522  O  O   . GLY A 1 91  ? -7.826  -3.297  -0.290  1.00 49.96  ? 95  GLY A O   1 
ATOM   523  N  N   . TYR A 1 92  ? -6.689  -3.295  1.664   1.00 50.81  ? 96  TYR A N   1 
ATOM   524  C  CA  . TYR A 1 92  ? -7.857  -3.103  2.490   1.00 54.57  ? 96  TYR A CA  1 
ATOM   525  C  C   . TYR A 1 92  ? -7.561  -2.010  3.488   1.00 55.20  ? 96  TYR A C   1 
ATOM   526  O  O   . TYR A 1 92  ? -6.468  -1.963  4.068   1.00 50.48  ? 96  TYR A O   1 
ATOM   527  C  CB  . TYR A 1 92  ? -8.221  -4.416  3.199   1.00 60.23  ? 96  TYR A CB  1 
ATOM   528  C  CG  . TYR A 1 92  ? -9.305  -4.307  4.246   1.00 62.66  ? 96  TYR A CG  1 
ATOM   529  C  CD1 . TYR A 1 92  ? -10.658 -4.313  3.890   1.00 66.79  ? 96  TYR A CD1 1 
ATOM   530  C  CD2 . TYR A 1 92  ? -8.980  -4.224  5.598   1.00 64.83  ? 96  TYR A CD2 1 
ATOM   531  C  CE1 . TYR A 1 92  ? -11.654 -4.222  4.856   1.00 66.63  ? 96  TYR A CE1 1 
ATOM   532  C  CE2 . TYR A 1 92  ? -9.962  -4.122  6.571   1.00 67.72  ? 96  TYR A CE2 1 
ATOM   533  C  CZ  . TYR A 1 92  ? -11.296 -4.132  6.198   1.00 72.85  ? 96  TYR A CZ  1 
ATOM   534  O  OH  . TYR A 1 92  ? -12.257 -4.037  7.180   1.00 78.04  ? 96  TYR A OH  1 
ATOM   535  N  N   . TYR A 1 93  ? -8.553  -1.143  3.698   1.00 54.48  ? 97  TYR A N   1 
ATOM   536  C  CA  . TYR A 1 93  ? -8.419  0.011   4.572   1.00 52.74  ? 97  TYR A CA  1 
ATOM   537  C  C   . TYR A 1 93  ? -9.361  -0.071  5.762   1.00 58.21  ? 97  TYR A C   1 
ATOM   538  O  O   . TYR A 1 93  ? -10.573 0.089   5.620   1.00 63.34  ? 97  TYR A O   1 
ATOM   539  C  CB  . TYR A 1 93  ? -8.680  1.311   3.788   1.00 51.70  ? 97  TYR A CB  1 
ATOM   540  C  CG  . TYR A 1 93  ? -8.578  2.559   4.637   1.00 51.97  ? 97  TYR A CG  1 
ATOM   541  C  CD1 . TYR A 1 93  ? -7.355  3.212   4.787   1.00 50.02  ? 97  TYR A CD1 1 
ATOM   542  C  CD2 . TYR A 1 93  ? -9.695  3.087   5.300   1.00 52.12  ? 97  TYR A CD2 1 
ATOM   543  C  CE1 . TYR A 1 93  ? -7.236  4.345   5.571   1.00 49.69  ? 97  TYR A CE1 1 
ATOM   544  C  CE2 . TYR A 1 93  ? -9.586  4.232   6.088   1.00 52.59  ? 97  TYR A CE2 1 
ATOM   545  C  CZ  . TYR A 1 93  ? -8.349  4.856   6.219   1.00 51.80  ? 97  TYR A CZ  1 
ATOM   546  O  OH  . TYR A 1 93  ? -8.192  5.997   6.986   1.00 50.88  ? 97  TYR A OH  1 
ATOM   547  N  N   . LYS A 1 94  ? -8.802  -0.306  6.941   1.00 60.70  ? 98  LYS A N   1 
ATOM   548  C  CA  . LYS A 1 94  ? -9.591  -0.294  8.148   1.00 62.18  ? 98  LYS A CA  1 
ATOM   549  C  C   . LYS A 1 94  ? -9.936  1.149   8.513   1.00 70.97  ? 98  LYS A C   1 
ATOM   550  O  O   . LYS A 1 94  ? -11.091 1.565   8.385   1.00 75.60  ? 98  LYS A O   1 
ATOM   551  C  CB  . LYS A 1 94  ? -8.861  -0.991  9.298   1.00 59.42  ? 98  LYS A CB  1 
ATOM   552  C  CG  . LYS A 1 94  ? -9.775  -1.315  10.467  1.00 63.49  ? 98  LYS A CG  1 
ATOM   553  C  CD  . LYS A 1 94  ? -9.030  -1.338  11.785  1.00 61.64  ? 98  LYS A CD  1 
ATOM   554  C  CE  . LYS A 1 94  ? -8.280  -2.638  11.957  1.00 62.82  ? 98  LYS A CE  1 
ATOM   555  N  NZ  . LYS A 1 94  ? -7.566  -2.637  13.259  1.00 67.39  ? 98  LYS A NZ  1 
ATOM   556  N  N   . GLY A 1 95  ? -8.926  1.913   8.923   1.00 71.00  ? 99  GLY A N   1 
ATOM   557  C  CA  . GLY A 1 95  ? -9.124  3.267   9.439   1.00 78.75  ? 99  GLY A CA  1 
ATOM   558  C  C   . GLY A 1 95  ? -9.097  3.211   10.954  1.00 86.48  ? 99  GLY A C   1 
ATOM   559  O  O   . GLY A 1 95  ? -8.617  2.228   11.524  1.00 89.13  ? 99  GLY A O   1 
ATOM   560  N  N   . GLU A 1 96  ? -9.612  4.254   11.606  1.00 92.37  ? 100 GLU A N   1 
ATOM   561  C  CA  . GLU A 1 96  ? -9.712  4.290   13.071  1.00 99.31  ? 100 GLU A CA  1 
ATOM   562  C  C   . GLU A 1 96  ? -10.971 5.029   13.546  1.00 98.93  ? 100 GLU A C   1 
ATOM   563  O  O   . GLU A 1 96  ? -10.903 6.025   14.272  1.00 99.13  ? 100 GLU A O   1 
ATOM   564  C  CB  . GLU A 1 96  ? -8.439  4.894   13.681  1.00 103.41 ? 100 GLU A CB  1 
ATOM   565  C  CG  . GLU A 1 96  ? -7.212  4.001   13.550  1.00 109.69 ? 100 GLU A CG  1 
ATOM   566  C  CD  . GLU A 1 96  ? -6.006  4.718   12.962  1.00 113.29 ? 100 GLU A CD  1 
ATOM   567  O  OE1 . GLU A 1 96  ? -6.197  5.642   12.137  1.00 110.41 ? 100 GLU A OE1 1 
ATOM   568  O  OE2 . GLU A 1 96  ? -4.862  4.350   13.316  1.00 115.14 ? 100 GLU A OE2 1 
ATOM   569  N  N   . ALA A 1 109 ? -7.341  23.574  2.410   1.00 70.18  ? 113 ALA A N   1 
ATOM   570  C  CA  . ALA A 1 109 ? -8.142  22.772  3.336   1.00 74.32  ? 113 ALA A CA  1 
ATOM   571  C  C   . ALA A 1 109 ? -9.461  22.357  2.683   1.00 72.20  ? 113 ALA A C   1 
ATOM   572  O  O   . ALA A 1 109 ? -9.646  21.190  2.324   1.00 70.97  ? 113 ALA A O   1 
ATOM   573  C  CB  . ALA A 1 109 ? -8.389  23.525  4.641   1.00 72.36  ? 113 ALA A CB  1 
ATOM   574  N  N   . GLU A 1 110 ? -10.368 23.314  2.518   1.00 69.22  ? 114 GLU A N   1 
ATOM   575  C  CA  . GLU A 1 110 ? -11.613 23.050  1.823   1.00 69.64  ? 114 GLU A CA  1 
ATOM   576  C  C   . GLU A 1 110 ? -11.356 23.011  0.318   1.00 66.32  ? 114 GLU A C   1 
ATOM   577  O  O   . GLU A 1 110 ? -12.071 22.325  -0.417  1.00 66.46  ? 114 GLU A O   1 
ATOM   578  C  CB  . GLU A 1 110 ? -12.680 24.075  2.230   1.00 75.82  ? 114 GLU A CB  1 
ATOM   579  C  CG  . GLU A 1 110 ? -13.805 24.294  1.233   1.00 81.28  ? 114 GLU A CG  1 
ATOM   580  C  CD  . GLU A 1 110 ? -13.456 25.342  0.187   1.00 87.65  ? 114 GLU A CD  1 
ATOM   581  O  OE1 . GLU A 1 110 ? -12.482 26.103  0.388   1.00 89.13  ? 114 GLU A OE1 1 
ATOM   582  O  OE2 . GLU A 1 110 ? -14.159 25.412  -0.837  1.00 94.75  ? 114 GLU A OE2 1 
ATOM   583  N  N   . GLN A 1 111 ? -10.335 23.743  -0.135  1.00 63.28  ? 115 GLN A N   1 
ATOM   584  C  CA  . GLN A 1 111 ? -9.851  23.573  -1.509  1.00 65.49  ? 115 GLN A CA  1 
ATOM   585  C  C   . GLN A 1 111 ? -9.246  22.183  -1.659  1.00 60.43  ? 115 GLN A C   1 
ATOM   586  O  O   . GLN A 1 111 ? -9.625  21.445  -2.566  1.00 56.88  ? 115 GLN A O   1 
ATOM   587  C  CB  . GLN A 1 111 ? -8.864  24.670  -1.932  1.00 65.33  ? 115 GLN A CB  1 
ATOM   588  C  CG  . GLN A 1 111 ? -8.126  24.441  -3.262  1.00 75.03  ? 115 GLN A CG  1 
ATOM   589  C  CD  . GLN A 1 111 ? -9.011  24.175  -4.494  1.00 81.30  ? 115 GLN A CD  1 
ATOM   590  O  OE1 . GLN A 1 111 ? -9.774  23.204  -4.539  1.00 85.11  ? 115 GLN A OE1 1 
ATOM   591  N  NE2 . GLN A 1 111 ? -8.868  25.019  -5.522  1.00 76.71  ? 115 GLN A NE2 1 
ATOM   592  N  N   . GLU A 1 112 ? -8.342  21.818  -0.750  1.00 56.99  ? 116 GLU A N   1 
ATOM   593  C  CA  . GLU A 1 112 ? -7.776  20.478  -0.749  1.00 55.76  ? 116 GLU A CA  1 
ATOM   594  C  C   . GLU A 1 112 ? -8.896  19.453  -0.746  1.00 54.02  ? 116 GLU A C   1 
ATOM   595  O  O   . GLU A 1 112 ? -8.842  18.441  -1.438  1.00 48.93  ? 116 GLU A O   1 
ATOM   596  C  CB  . GLU A 1 112 ? -6.842  20.269  0.446   1.00 56.25  ? 116 GLU A CB  1 
ATOM   597  C  CG  . GLU A 1 112 ? -6.338  18.839  0.587   1.00 60.26  ? 116 GLU A CG  1 
ATOM   598  C  CD  . GLU A 1 112 ? -5.128  18.733  1.486   1.00 62.80  ? 116 GLU A CD  1 
ATOM   599  O  OE1 . GLU A 1 112 ? -5.262  19.003  2.700   1.00 59.61  ? 116 GLU A OE1 1 
ATOM   600  O  OE2 . GLU A 1 112 ? -4.044  18.369  0.969   1.00 65.11  ? 116 GLU A OE2 1 
ATOM   601  N  N   . HIS A 1 113 ? -9.946  19.741  0.007   1.00 58.32  ? 117 HIS A N   1 
ATOM   602  C  CA  . HIS A 1 113 ? -10.988 18.759  0.145   1.00 59.18  ? 117 HIS A CA  1 
ATOM   603  C  C   . HIS A 1 113 ? -11.877 18.551  -1.078  1.00 58.96  ? 117 HIS A C   1 
ATOM   604  O  O   . HIS A 1 113 ? -12.216 17.409  -1.413  1.00 58.98  ? 117 HIS A O   1 
ATOM   605  C  CB  . HIS A 1 113 ? -11.805 19.018  1.381   1.00 63.87  ? 117 HIS A CB  1 
ATOM   606  C  CG  . HIS A 1 113 ? -12.026 17.778  2.155   1.00 69.28  ? 117 HIS A CG  1 
ATOM   607  N  ND1 . HIS A 1 113 ? -11.023 17.189  2.892   1.00 70.17  ? 117 HIS A ND1 1 
ATOM   608  C  CD2 . HIS A 1 113 ? -13.090 16.948  2.221   1.00 71.87  ? 117 HIS A CD2 1 
ATOM   609  C  CE1 . HIS A 1 113 ? -11.478 16.070  3.419   1.00 71.80  ? 117 HIS A CE1 1 
ATOM   610  N  NE2 . HIS A 1 113 ? -12.728 15.901  3.027   1.00 76.70  ? 117 HIS A NE2 1 
ATOM   611  N  N   . ARG A 1 114 ? -12.239 19.648  -1.735  1.00 57.41  ? 118 ARG A N   1 
ATOM   612  C  CA  . ARG A 1 114 ? -12.972 19.591  -2.997  1.00 60.43  ? 118 ARG A CA  1 
ATOM   613  C  C   . ARG A 1 114 ? -12.189 18.809  -4.040  1.00 59.14  ? 118 ARG A C   1 
ATOM   614  O  O   . ARG A 1 114 ? -12.749 17.998  -4.765  1.00 60.13  ? 118 ARG A O   1 
ATOM   615  C  CB  . ARG A 1 114 ? -13.270 20.995  -3.519  1.00 65.13  ? 118 ARG A CB  1 
ATOM   616  C  CG  . ARG A 1 114 ? -14.477 21.640  -2.857  1.00 80.34  ? 118 ARG A CG  1 
ATOM   617  C  CD  . ARG A 1 114 ? -15.394 22.268  -3.895  1.00 91.53  ? 118 ARG A CD  1 
ATOM   618  N  NE  . ARG A 1 114 ? -16.218 23.328  -3.318  1.00 105.91 ? 118 ARG A NE  1 
ATOM   619  C  CZ  . ARG A 1 114 ? -15.787 24.567  -3.084  1.00 112.74 ? 118 ARG A CZ  1 
ATOM   620  N  NH1 . ARG A 1 114 ? -14.532 24.903  -3.367  1.00 118.39 ? 118 ARG A NH1 1 
ATOM   621  N  NH2 . ARG A 1 114 ? -16.605 25.468  -2.551  1.00 116.75 ? 118 ARG A NH2 1 
ATOM   622  N  N   . LYS A 1 115 ? -10.887 19.067  -4.110  1.00 57.09  ? 119 LYS A N   1 
ATOM   623  C  CA  . LYS A 1 115 ? -9.993  18.290  -4.957  1.00 52.66  ? 119 LYS A CA  1 
ATOM   624  C  C   . LYS A 1 115 ? -10.059 16.798  -4.600  1.00 51.94  ? 119 LYS A C   1 
ATOM   625  O  O   . LYS A 1 115 ? -10.211 15.945  -5.484  1.00 52.93  ? 119 LYS A O   1 
ATOM   626  C  CB  . LYS A 1 115 ? -8.571  18.845  -4.839  1.00 49.58  ? 119 LYS A CB  1 
ATOM   627  C  CG  . LYS A 1 115 ? -7.484  17.920  -5.345  1.00 47.22  ? 119 LYS A CG  1 
ATOM   628  C  CD  . LYS A 1 115 ? -7.757  17.461  -6.756  1.00 49.43  ? 119 LYS A CD  1 
ATOM   629  C  CE  . LYS A 1 115 ? -6.836  16.313  -7.078  1.00 51.03  ? 119 LYS A CE  1 
ATOM   630  N  NZ  . LYS A 1 115 ? -5.534  16.584  -6.424  1.00 54.59  ? 119 LYS A NZ  1 
ATOM   631  N  N   . ARG A 1 116 ? -9.959  16.489  -3.310  1.00 48.94  ? 120 ARG A N   1 
ATOM   632  C  CA  . ARG A 1 116 ? -10.029 15.096  -2.864  1.00 49.39  ? 120 ARG A CA  1 
ATOM   633  C  C   . ARG A 1 116 ? -11.356 14.407  -3.248  1.00 52.89  ? 120 ARG A C   1 
ATOM   634  O  O   . ARG A 1 116 ? -11.337 13.375  -3.922  1.00 49.21  ? 120 ARG A O   1 
ATOM   635  C  CB  . ARG A 1 116 ? -9.752  14.984  -1.358  1.00 50.08  ? 120 ARG A CB  1 
ATOM   636  C  CG  . ARG A 1 116 ? -8.278  15.088  -0.988  1.00 49.43  ? 120 ARG A CG  1 
ATOM   637  C  CD  . ARG A 1 116 ? -8.042  14.811  0.489   1.00 51.77  ? 120 ARG A CD  1 
ATOM   638  N  NE  . ARG A 1 116 ? -6.655  15.110  0.861   1.00 55.74  ? 120 ARG A NE  1 
ATOM   639  C  CZ  . ARG A 1 116 ? -6.140  14.989  2.085   1.00 53.29  ? 120 ARG A CZ  1 
ATOM   640  N  NH1 . ARG A 1 116 ? -6.881  14.557  3.101   1.00 50.75  ? 120 ARG A NH1 1 
ATOM   641  N  NH2 . ARG A 1 116 ? -4.863  15.290  2.285   1.00 49.78  ? 120 ARG A NH2 1 
ATOM   642  N  N   . VAL A 1 117 ? -12.499 14.968  -2.842  1.00 56.23  ? 121 VAL A N   1 
ATOM   643  C  CA  . VAL A 1 117 ? -13.787 14.308  -3.132  1.00 59.02  ? 121 VAL A CA  1 
ATOM   644  C  C   . VAL A 1 117 ? -14.025 14.160  -4.637  1.00 59.09  ? 121 VAL A C   1 
ATOM   645  O  O   . VAL A 1 117 ? -14.516 13.127  -5.081  1.00 60.34  ? 121 VAL A O   1 
ATOM   646  C  CB  . VAL A 1 117 ? -15.012 14.961  -2.445  1.00 62.05  ? 121 VAL A CB  1 
ATOM   647  C  CG1 . VAL A 1 117 ? -16.116 13.924  -2.255  1.00 65.79  ? 121 VAL A CG1 1 
ATOM   648  C  CG2 . VAL A 1 117 ? -14.650 15.538  -1.086  1.00 61.68  ? 121 VAL A CG2 1 
ATOM   649  N  N   . ILE A 1 118 ? -13.637 15.173  -5.411  1.00 59.72  ? 122 ILE A N   1 
ATOM   650  C  CA  . ILE A 1 118 ? -13.713 15.121  -6.875  1.00 66.90  ? 122 ILE A CA  1 
ATOM   651  C  C   . ILE A 1 118 ? -13.036 13.874  -7.442  1.00 68.02  ? 122 ILE A C   1 
ATOM   652  O  O   . ILE A 1 118 ? -13.636 13.136  -8.230  1.00 71.72  ? 122 ILE A O   1 
ATOM   653  C  CB  . ILE A 1 118 ? -13.120 16.394  -7.544  1.00 68.31  ? 122 ILE A CB  1 
ATOM   654  C  CG1 . ILE A 1 118 ? -14.156 17.527  -7.568  1.00 68.65  ? 122 ILE A CG1 1 
ATOM   655  C  CG2 . ILE A 1 118 ? -12.624 16.101  -8.960  1.00 71.65  ? 122 ILE A CG2 1 
ATOM   656  C  CD1 . ILE A 1 118 ? -13.696 18.784  -8.287  1.00 67.17  ? 122 ILE A CD1 1 
ATOM   657  N  N   . ARG A 1 119 ? -11.793 13.634  -7.035  1.00 72.79  ? 123 ARG A N   1 
ATOM   658  C  CA  . ARG A 1 119 ? -11.055 12.471  -7.521  1.00 72.35  ? 123 ARG A CA  1 
ATOM   659  C  C   . ARG A 1 119 ? -11.642 11.158  -7.008  1.00 66.86  ? 123 ARG A C   1 
ATOM   660  O  O   . ARG A 1 119 ? -11.629 10.159  -7.714  1.00 64.14  ? 123 ARG A O   1 
ATOM   661  C  CB  . ARG A 1 119 ? -9.563  12.599  -7.198  1.00 82.14  ? 123 ARG A CB  1 
ATOM   662  C  CG  . ARG A 1 119 ? -8.889  13.734  -7.957  1.00 92.27  ? 123 ARG A CG  1 
ATOM   663  C  CD  . ARG A 1 119 ? -9.170  13.622  -9.455  1.00 106.78 ? 123 ARG A CD  1 
ATOM   664  N  NE  . ARG A 1 119 ? -8.641  14.730  -10.255 1.00 115.51 ? 123 ARG A NE  1 
ATOM   665  C  CZ  . ARG A 1 119 ? -8.830  14.868  -11.568 1.00 115.93 ? 123 ARG A CZ  1 
ATOM   666  N  NH1 . ARG A 1 119 ? -9.532  13.969  -12.247 1.00 113.97 ? 123 ARG A NH1 1 
ATOM   667  N  NH2 . ARG A 1 119 ? -8.306  15.906  -12.210 1.00 118.04 ? 123 ARG A NH2 1 
ATOM   668  N  N   . GLU A 1 120 ? -12.172 11.177  -5.790  1.00 65.87  ? 124 GLU A N   1 
ATOM   669  C  CA  . GLU A 1 120 ? -12.833 10.007  -5.223  1.00 69.31  ? 124 GLU A CA  1 
ATOM   670  C  C   . GLU A 1 120 ? -14.102 9.688   -6.020  1.00 74.23  ? 124 GLU A C   1 
ATOM   671  O  O   . GLU A 1 120 ? -14.349 8.527   -6.365  1.00 69.11  ? 124 GLU A O   1 
ATOM   672  C  CB  . GLU A 1 120 ? -13.157 10.232  -3.747  1.00 68.02  ? 124 GLU A CB  1 
ATOM   673  N  N   . LEU A 1 121 ? -14.888 10.728  -6.317  1.00 76.28  ? 125 LEU A N   1 
ATOM   674  C  CA  . LEU A 1 121 ? -16.100 10.591  -7.129  1.00 82.22  ? 125 LEU A CA  1 
ATOM   675  C  C   . LEU A 1 121 ? -15.765 10.212  -8.568  1.00 82.53  ? 125 LEU A C   1 
ATOM   676  O  O   . LEU A 1 121 ? -16.521 9.489   -9.212  1.00 84.55  ? 125 LEU A O   1 
ATOM   677  C  CB  . LEU A 1 121 ? -16.968 11.860  -7.092  1.00 85.57  ? 125 LEU A CB  1 
ATOM   678  C  CG  . LEU A 1 121 ? -17.625 12.287  -5.769  1.00 91.50  ? 125 LEU A CG  1 
ATOM   679  C  CD1 . LEU A 1 121 ? -18.738 13.301  -6.008  1.00 91.22  ? 125 LEU A CD1 1 
ATOM   680  C  CD2 . LEU A 1 121 ? -18.139 11.094  -4.971  1.00 92.51  ? 125 LEU A CD2 1 
ATOM   681  N  N   . ASN A 1 122 ? -14.630 10.696  -9.068  1.00 80.91  ? 126 ASN A N   1 
ATOM   682  C  CA  . ASN A 1 122 ? -14.134 10.266  -10.367 1.00 82.33  ? 126 ASN A CA  1 
ATOM   683  C  C   . ASN A 1 122 ? -13.816 8.769   -10.366 1.00 83.95  ? 126 ASN A C   1 
ATOM   684  O  O   . ASN A 1 122 ? -14.356 8.020   -11.174 1.00 87.84  ? 126 ASN A O   1 
ATOM   685  C  CB  . ASN A 1 122 ? -12.903 11.087  -10.775 1.00 85.59  ? 126 ASN A CB  1 
ATOM   686  C  CG  . ASN A 1 122 ? -12.270 10.613  -12.078 1.00 89.61  ? 126 ASN A CG  1 
ATOM   687  O  OD1 . ASN A 1 122 ? -12.323 9.430   -12.431 1.00 89.31  ? 126 ASN A OD1 1 
ATOM   688  N  ND2 . ASN A 1 122 ? -11.642 11.544  -12.793 1.00 92.78  ? 126 ASN A ND2 1 
ATOM   689  N  N   . SER A 1 123 ? -12.954 8.340   -9.446  1.00 83.12  ? 127 SER A N   1 
ATOM   690  C  CA  . SER A 1 123 ? -12.427 6.975   -9.451  1.00 83.28  ? 127 SER A CA  1 
ATOM   691  C  C   . SER A 1 123 ? -13.537 5.939   -9.305  1.00 80.81  ? 127 SER A C   1 
ATOM   692  O  O   . SER A 1 123 ? -13.504 4.894   -9.963  1.00 76.31  ? 127 SER A O   1 
ATOM   693  C  CB  . SER A 1 123 ? -11.373 6.801   -8.349  1.00 84.10  ? 127 SER A CB  1 
ATOM   694  O  OG  . SER A 1 123 ? -10.782 5.515   -8.381  1.00 81.04  ? 127 SER A OG  1 
ATOM   695  N  N   . LEU A 1 124 ? -14.514 6.242   -8.450  1.00 78.83  ? 128 LEU A N   1 
ATOM   696  C  CA  . LEU A 1 124 ? -15.705 5.413   -8.305  1.00 83.70  ? 128 LEU A CA  1 
ATOM   697  C  C   . LEU A 1 124 ? -16.486 5.352   -9.622  1.00 84.08  ? 128 LEU A C   1 
ATOM   698  O  O   . LEU A 1 124 ? -17.072 4.317   -9.947  1.00 85.89  ? 128 LEU A O   1 
ATOM   699  C  CB  . LEU A 1 124 ? -16.595 5.923   -7.159  1.00 83.89  ? 128 LEU A CB  1 
ATOM   700  C  CG  . LEU A 1 124 ? -17.978 5.288   -6.944  1.00 84.95  ? 128 LEU A CG  1 
ATOM   701  C  CD1 . LEU A 1 124 ? -17.896 3.795   -6.639  1.00 81.58  ? 128 LEU A CD1 1 
ATOM   702  C  CD2 . LEU A 1 124 ? -18.741 6.028   -5.853  1.00 86.58  ? 128 LEU A CD2 1 
ATOM   703  N  N   . ILE A 1 125 ? -16.472 6.459   -10.370 1.00 87.24  ? 129 ILE A N   1 
ATOM   704  C  CA  . ILE A 1 125 ? -17.139 6.550   -11.674 1.00 90.05  ? 129 ILE A CA  1 
ATOM   705  C  C   . ILE A 1 125 ? -16.396 5.738   -12.731 1.00 93.60  ? 129 ILE A C   1 
ATOM   706  O  O   . ILE A 1 125 ? -17.016 5.167   -13.628 1.00 100.07 ? 129 ILE A O   1 
ATOM   707  C  CB  . ILE A 1 125 ? -17.315 8.024   -12.138 1.00 89.32  ? 129 ILE A CB  1 
ATOM   708  C  CG1 . ILE A 1 125 ? -18.569 8.639   -11.502 1.00 91.23  ? 129 ILE A CG1 1 
ATOM   709  C  CG2 . ILE A 1 125 ? -17.377 8.142   -13.661 1.00 87.97  ? 129 ILE A CG2 1 
ATOM   710  C  CD1 . ILE A 1 125 ? -18.859 10.064  -11.935 1.00 91.28  ? 129 ILE A CD1 1 
ATOM   711  N  N   . SER A 1 126 ? -15.073 5.667   -12.617 1.00 91.70  ? 130 SER A N   1 
ATOM   712  C  CA  . SER A 1 126 ? -14.279 5.025   -13.654 1.00 92.23  ? 130 SER A CA  1 
ATOM   713  C  C   . SER A 1 126 ? -13.454 3.812   -13.199 1.00 95.42  ? 130 SER A C   1 
ATOM   714  O  O   . SER A 1 126 ? -12.227 3.862   -13.260 1.00 98.27  ? 130 SER A O   1 
ATOM   715  C  CB  . SER A 1 126 ? -13.366 6.066   -14.306 1.00 92.85  ? 130 SER A CB  1 
ATOM   716  O  OG  . SER A 1 126 ? -12.351 5.432   -15.059 1.00 94.73  ? 130 SER A OG  1 
ATOM   717  N  N   . GLY A 1 127 ? -14.090 2.716   -12.778 1.00 92.40  ? 131 GLY A N   1 
ATOM   718  C  CA  . GLY A 1 127 ? -15.538 2.552   -12.769 1.00 90.65  ? 131 GLY A CA  1 
ATOM   719  C  C   . GLY A 1 127 ? -16.006 1.441   -11.853 1.00 90.56  ? 131 GLY A C   1 
ATOM   720  O  O   . GLY A 1 127 ? -17.179 1.390   -11.481 1.00 89.23  ? 131 GLY A O   1 
ATOM   721  N  N   . ASP A 1 137 ? -19.998 15.968  0.391   1.00 103.93 ? 141 ASP A N   1 
ATOM   722  C  CA  . ASP A 1 137 ? -20.358 14.683  0.982   1.00 101.74 ? 141 ASP A CA  1 
ATOM   723  C  C   . ASP A 1 137 ? -19.389 14.294  2.105   1.00 97.93  ? 141 ASP A C   1 
ATOM   724  O  O   . ASP A 1 137 ? -18.881 15.162  2.815   1.00 94.38  ? 141 ASP A O   1 
ATOM   725  C  CB  . ASP A 1 137 ? -20.419 13.600  -0.101  1.00 103.05 ? 141 ASP A CB  1 
ATOM   726  C  CG  . ASP A 1 137 ? -21.253 12.403  0.318   1.00 106.47 ? 141 ASP A CG  1 
ATOM   727  O  OD1 . ASP A 1 137 ? -20.766 11.589  1.132   1.00 108.24 ? 141 ASP A OD1 1 
ATOM   728  O  OD2 . ASP A 1 137 ? -22.395 12.275  -0.168  1.00 106.10 ? 141 ASP A OD2 1 
ATOM   729  N  N   . GLU A 1 138 ? -19.141 12.994  2.256   1.00 94.06  ? 142 GLU A N   1 
ATOM   730  C  CA  . GLU A 1 138 ? -18.290 12.467  3.318   1.00 91.76  ? 142 GLU A CA  1 
ATOM   731  C  C   . GLU A 1 138 ? -16.818 12.893  3.174   1.00 88.81  ? 142 GLU A C   1 
ATOM   732  O  O   . GLU A 1 138 ? -16.240 12.831  2.083   1.00 88.49  ? 142 GLU A O   1 
ATOM   733  C  CB  . GLU A 1 138 ? -18.407 10.943  3.364   1.00 94.24  ? 142 GLU A CB  1 
ATOM   734  C  CG  . GLU A 1 138 ? -17.863 10.296  4.625   1.00 95.78  ? 142 GLU A CG  1 
ATOM   735  C  CD  . GLU A 1 138 ? -17.625 8.810   4.445   1.00 102.01 ? 142 GLU A CD  1 
ATOM   736  O  OE1 . GLU A 1 138 ? -16.664 8.281   5.045   1.00 101.30 ? 142 GLU A OE1 1 
ATOM   737  O  OE2 . GLU A 1 138 ? -18.395 8.172   3.693   1.00 101.06 ? 142 GLU A OE2 1 
ATOM   738  N  N   . GLU A 1 139 ? -16.238 13.320  4.293   1.00 80.92  ? 143 GLU A N   1 
ATOM   739  C  CA  . GLU A 1 139 ? -14.851 13.798  4.384   1.00 77.20  ? 143 GLU A CA  1 
ATOM   740  C  C   . GLU A 1 139 ? -13.783 12.766  3.962   1.00 71.84  ? 143 GLU A C   1 
ATOM   741  O  O   . GLU A 1 139 ? -13.919 11.573  4.238   1.00 71.02  ? 143 GLU A O   1 
ATOM   742  C  CB  . GLU A 1 139 ? -14.571 14.251  5.819   1.00 79.59  ? 143 GLU A CB  1 
ATOM   743  C  CG  . GLU A 1 139 ? -13.544 15.363  5.927   1.00 83.77  ? 143 GLU A CG  1 
ATOM   744  C  CD  . GLU A 1 139 ? -12.919 15.491  7.303   1.00 86.83  ? 143 GLU A CD  1 
ATOM   745  O  OE1 . GLU A 1 139 ? -13.149 14.612  8.159   1.00 88.12  ? 143 GLU A OE1 1 
ATOM   746  O  OE2 . GLU A 1 139 ? -12.186 16.479  7.520   1.00 89.77  ? 143 GLU A OE2 1 
ATOM   747  N  N   . VAL A 1 140 ? -12.727 13.239  3.299   1.00 63.87  ? 144 VAL A N   1 
ATOM   748  C  CA  . VAL A 1 140 ? -11.596 12.387  2.888   1.00 58.73  ? 144 VAL A CA  1 
ATOM   749  C  C   . VAL A 1 140 ? -10.355 12.713  3.710   1.00 53.24  ? 144 VAL A C   1 
ATOM   750  O  O   . VAL A 1 140 ? -9.687  13.726  3.494   1.00 53.41  ? 144 VAL A O   1 
ATOM   751  C  CB  . VAL A 1 140 ? -11.272 12.492  1.380   1.00 57.12  ? 144 VAL A CB  1 
ATOM   752  C  CG1 . VAL A 1 140 ? -10.232 11.448  0.993   1.00 56.15  ? 144 VAL A CG1 1 
ATOM   753  C  CG2 . VAL A 1 140 ? -12.531 12.281  0.544   1.00 55.99  ? 144 VAL A CG2 1 
ATOM   754  N  N   . THR A 1 141 ? -10.055 11.837  4.657   1.00 47.56  ? 145 THR A N   1 
ATOM   755  C  CA  . THR A 1 141 ? -9.003  12.085  5.616   1.00 46.57  ? 145 THR A CA  1 
ATOM   756  C  C   . THR A 1 141 ? -7.647  11.754  4.976   1.00 45.19  ? 145 THR A C   1 
ATOM   757  O  O   . THR A 1 141 ? -7.580  11.173  3.890   1.00 41.65  ? 145 THR A O   1 
ATOM   758  C  CB  . THR A 1 141 ? -9.198  11.271  6.910   1.00 49.93  ? 145 THR A CB  1 
ATOM   759  O  OG1 . THR A 1 141 ? -8.987  9.885   6.637   1.00 48.54  ? 145 THR A OG1 1 
ATOM   760  C  CG2 . THR A 1 141 ? -10.612 11.456  7.477   1.00 50.03  ? 145 THR A CG2 1 
ATOM   761  N  N   . ASP A 1 142 ? -6.590  12.167  5.658   1.00 43.06  ? 146 ASP A N   1 
ATOM   762  C  CA  . ASP A 1 142 ? -5.219  11.985  5.201   1.00 43.93  ? 146 ASP A CA  1 
ATOM   763  C  C   . ASP A 1 142 ? -4.838  10.534  4.900   1.00 41.99  ? 146 ASP A C   1 
ATOM   764  O  O   . ASP A 1 142 ? -4.233  10.265  3.865   1.00 42.93  ? 146 ASP A O   1 
ATOM   765  C  CB  . ASP A 1 142 ? -4.268  12.607  6.221   1.00 42.11  ? 146 ASP A CB  1 
ATOM   766  C  CG  . ASP A 1 142 ? -4.065  14.091  5.994   1.00 45.44  ? 146 ASP A CG  1 
ATOM   767  O  OD1 . ASP A 1 142 ? -4.749  14.666  5.126   1.00 44.29  ? 146 ASP A OD1 1 
ATOM   768  O  OD2 . ASP A 1 142 ? -3.200  14.689  6.678   1.00 47.00  ? 146 ASP A OD2 1 
ATOM   769  N  N   . THR A 1 143 ? -5.195  9.611   5.791   1.00 41.83  ? 147 THR A N   1 
ATOM   770  C  CA  . THR A 1 143 ? -4.810  8.202   5.639   1.00 43.35  ? 147 THR A CA  1 
ATOM   771  C  C   . THR A 1 143 ? -5.599  7.539   4.512   1.00 42.49  ? 147 THR A C   1 
ATOM   772  O  O   . THR A 1 143 ? -5.047  6.790   3.688   1.00 39.43  ? 147 THR A O   1 
ATOM   773  C  CB  . THR A 1 143 ? -4.908  7.400   6.977   1.00 42.88  ? 147 THR A CB  1 
ATOM   774  O  OG1 . THR A 1 143 ? -6.245  7.455   7.502   1.00 47.87  ? 147 THR A OG1 1 
ATOM   775  C  CG2 . THR A 1 143 ? -3.956  7.977   8.013   1.00 44.08  ? 147 THR A CG2 1 
ATOM   776  N  N   . GLU A 1 144 ? -6.889  7.851   4.455   1.00 41.05  ? 148 GLU A N   1 
ATOM   777  C  CA  . GLU A 1 144 ? -7.755  7.415   3.357   1.00 39.57  ? 148 GLU A CA  1 
ATOM   778  C  C   . GLU A 1 144 ? -7.197  7.840   2.025   1.00 40.06  ? 148 GLU A C   1 
ATOM   779  O  O   . GLU A 1 144 ? -7.182  7.045   1.072   1.00 42.01  ? 148 GLU A O   1 
ATOM   780  C  CB  . GLU A 1 144 ? -9.163  8.019   3.520   1.00 45.41  ? 148 GLU A CB  1 
ATOM   781  C  CG  . GLU A 1 144 ? -10.007 7.337   4.583   1.00 49.15  ? 148 GLU A CG  1 
ATOM   782  C  CD  . GLU A 1 144 ? -11.261 8.111   4.980   1.00 56.46  ? 148 GLU A CD  1 
ATOM   783  O  OE1 . GLU A 1 144 ? -11.377 9.309   4.656   1.00 54.90  ? 148 GLU A OE1 1 
ATOM   784  O  OE2 . GLU A 1 144 ? -12.129 7.515   5.653   1.00 61.09  ? 148 GLU A OE2 1 
ATOM   785  N  N   . TRP A 1 145 ? -6.758  9.098   1.955   1.00 38.75  ? 149 TRP A N   1 
ATOM   786  C  CA  . TRP A 1 145 ? -6.177  9.668   0.741   1.00 39.59  ? 149 TRP A CA  1 
ATOM   787  C  C   . TRP A 1 145 ? -4.840  9.004   0.370   1.00 38.03  ? 149 TRP A C   1 
ATOM   788  O  O   . TRP A 1 145 ? -4.613  8.675   -0.800  1.00 38.04  ? 149 TRP A O   1 
ATOM   789  C  CB  . TRP A 1 145 ? -5.940  11.164  0.933   1.00 40.97  ? 149 TRP A CB  1 
ATOM   790  C  CG  . TRP A 1 145 ? -5.364  11.873  -0.277  1.00 42.33  ? 149 TRP A CG  1 
ATOM   791  C  CD1 . TRP A 1 145 ? -4.118  12.419  -0.385  1.00 44.64  ? 149 TRP A CD1 1 
ATOM   792  C  CD2 . TRP A 1 145 ? -6.017  12.119  -1.534  1.00 46.12  ? 149 TRP A CD2 1 
ATOM   793  N  NE1 . TRP A 1 145 ? -3.963  13.020  -1.609  1.00 44.43  ? 149 TRP A NE1 1 
ATOM   794  C  CE2 . TRP A 1 145 ? -5.104  12.829  -2.347  1.00 46.70  ? 149 TRP A CE2 1 
ATOM   795  C  CE3 . TRP A 1 145 ? -7.286  11.814  -2.050  1.00 49.74  ? 149 TRP A CE3 1 
ATOM   796  C  CZ2 . TRP A 1 145 ? -5.418  13.238  -3.659  1.00 46.72  ? 149 TRP A CZ2 1 
ATOM   797  C  CZ3 . TRP A 1 145 ? -7.604  12.232  -3.356  1.00 48.41  ? 149 TRP A CZ3 1 
ATOM   798  C  CH2 . TRP A 1 145 ? -6.669  12.938  -4.139  1.00 48.29  ? 149 TRP A CH2 1 
ATOM   799  N  N   . PHE A 1 146 ? -3.946  8.853   1.352   1.00 37.45  ? 150 PHE A N   1 
ATOM   800  C  CA  . PHE A 1 146 ? -2.681  8.115   1.120   1.00 34.81  ? 150 PHE A CA  1 
ATOM   801  C  C   . PHE A 1 146 ? -2.951  6.703   0.598   1.00 38.14  ? 150 PHE A C   1 
ATOM   802  O  O   . PHE A 1 146 ? -2.286  6.227   -0.334  1.00 37.00  ? 150 PHE A O   1 
ATOM   803  C  CB  . PHE A 1 146 ? -1.823  8.044   2.390   1.00 31.88  ? 150 PHE A CB  1 
ATOM   804  C  CG  . PHE A 1 146 ? -0.527  7.251   2.212   1.00 30.48  ? 150 PHE A CG  1 
ATOM   805  C  CD1 . PHE A 1 146 ? 0.463   7.698   1.354   1.00 31.54  ? 150 PHE A CD1 1 
ATOM   806  C  CD2 . PHE A 1 146 ? -0.318  6.073   2.896   1.00 30.28  ? 150 PHE A CD2 1 
ATOM   807  C  CE1 . PHE A 1 146 ? 1.655   6.982   1.187   1.00 31.75  ? 150 PHE A CE1 1 
ATOM   808  C  CE2 . PHE A 1 146 ? 0.872   5.335   2.733   1.00 32.74  ? 150 PHE A CE2 1 
ATOM   809  C  CZ  . PHE A 1 146 ? 1.852   5.792   1.870   1.00 27.73  ? 150 PHE A CZ  1 
ATOM   810  N  N   . PHE A 1 147 ? -3.908  6.017   1.230   1.00 39.89  ? 151 PHE A N   1 
ATOM   811  C  CA  . PHE A 1 147 ? -4.318  4.690   0.783   1.00 42.87  ? 151 PHE A CA  1 
ATOM   812  C  C   . PHE A 1 147 ? -4.712  4.699   -0.699  1.00 44.69  ? 151 PHE A C   1 
ATOM   813  O  O   . PHE A 1 147 ? -4.206  3.895   -1.479  1.00 40.85  ? 151 PHE A O   1 
ATOM   814  C  CB  . PHE A 1 147 ? -5.447  4.147   1.666   1.00 42.87  ? 151 PHE A CB  1 
ATOM   815  C  CG  . PHE A 1 147 ? -5.934  2.773   1.275   1.00 43.96  ? 151 PHE A CG  1 
ATOM   816  C  CD1 . PHE A 1 147 ? -5.256  1.625   1.705   1.00 41.87  ? 151 PHE A CD1 1 
ATOM   817  C  CD2 . PHE A 1 147 ? -7.090  2.624   0.493   1.00 44.11  ? 151 PHE A CD2 1 
ATOM   818  C  CE1 . PHE A 1 147 ? -5.712  0.360   1.374   1.00 44.78  ? 151 PHE A CE1 1 
ATOM   819  C  CE2 . PHE A 1 147 ? -7.556  1.356   0.153   1.00 46.55  ? 151 PHE A CE2 1 
ATOM   820  C  CZ  . PHE A 1 147 ? -6.870  0.222   0.600   1.00 49.60  ? 151 PHE A CZ  1 
ATOM   821  N  N   . LEU A 1 148 ? -5.586  5.632   -1.085  1.00 45.38  ? 152 LEU A N   1 
ATOM   822  C  CA  . LEU A 1 148 ? -6.007  5.742   -2.487  1.00 46.54  ? 152 LEU A CA  1 
ATOM   823  C  C   . LEU A 1 148 ? -4.873  6.064   -3.462  1.00 45.06  ? 152 LEU A C   1 
ATOM   824  O  O   . LEU A 1 148 ? -4.724  5.392   -4.490  1.00 42.18  ? 152 LEU A O   1 
ATOM   825  C  CB  . LEU A 1 148 ? -7.156  6.745   -2.638  1.00 52.74  ? 152 LEU A CB  1 
ATOM   826  C  CG  . LEU A 1 148 ? -8.432  6.298   -1.912  1.00 57.68  ? 152 LEU A CG  1 
ATOM   827  C  CD1 . LEU A 1 148 ? -9.585  7.280   -2.084  1.00 62.59  ? 152 LEU A CD1 1 
ATOM   828  C  CD2 . LEU A 1 148 ? -8.844  4.887   -2.317  1.00 54.15  ? 152 LEU A CD2 1 
ATOM   829  N  N   . VAL A 1 149 ? -4.074  7.086   -3.144  1.00 41.63  ? 153 VAL A N   1 
ATOM   830  C  CA  . VAL A 1 149 ? -3.016  7.521   -4.057  1.00 38.64  ? 153 VAL A CA  1 
ATOM   831  C  C   . VAL A 1 149 ? -1.930  6.457   -4.249  1.00 39.21  ? 153 VAL A C   1 
ATOM   832  O  O   . VAL A 1 149 ? -1.199  6.460   -5.251  1.00 42.30  ? 153 VAL A O   1 
ATOM   833  C  CB  . VAL A 1 149 ? -2.412  8.886   -3.630  1.00 37.07  ? 153 VAL A CB  1 
ATOM   834  C  CG1 . VAL A 1 149 ? -1.472  8.734   -2.452  1.00 37.90  ? 153 VAL A CG1 1 
ATOM   835  C  CG2 . VAL A 1 149 ? -1.694  9.531   -4.791  1.00 40.12  ? 153 VAL A CG2 1 
ATOM   836  N  N   . SER A 1 150 ? -1.818  5.562   -3.279  1.00 37.05  ? 154 SER A N   1 
ATOM   837  C  CA  . SER A 1 150 ? -0.885  4.443   -3.366  1.00 41.12  ? 154 SER A CA  1 
ATOM   838  C  C   . SER A 1 150 ? -1.234  3.559   -4.575  1.00 44.69  ? 154 SER A C   1 
ATOM   839  O  O   . SER A 1 150 ? -0.362  2.930   -5.173  1.00 43.16  ? 154 SER A O   1 
ATOM   840  C  CB  . SER A 1 150 ? -0.924  3.631   -2.069  1.00 37.29  ? 154 SER A CB  1 
ATOM   841  O  OG  . SER A 1 150 ? -0.381  4.386   -0.984  1.00 36.70  ? 154 SER A OG  1 
ATOM   842  N  N   . MET A 1 151 ? -2.513  3.539   -4.944  1.00 44.98  ? 155 MET A N   1 
ATOM   843  C  CA  . MET A 1 151 ? -2.962  2.738   -6.084  1.00 49.68  ? 155 MET A CA  1 
ATOM   844  C  C   . MET A 1 151 ? -2.248  3.151   -7.355  1.00 47.35  ? 155 MET A C   1 
ATOM   845  O  O   . MET A 1 151 ? -2.066  2.332   -8.243  1.00 48.80  ? 155 MET A O   1 
ATOM   846  C  CB  . MET A 1 151 ? -4.475  2.836   -6.263  1.00 53.10  ? 155 MET A CB  1 
ATOM   847  C  CG  . MET A 1 151 ? -5.266  2.293   -5.087  1.00 57.27  ? 155 MET A CG  1 
ATOM   848  S  SD  . MET A 1 151 ? -6.999  2.015   -5.511  1.00 64.89  ? 155 MET A SD  1 
ATOM   849  C  CE  . MET A 1 151 ? -6.847  1.254   -7.120  1.00 57.75  ? 155 MET A CE  1 
ATOM   850  N  N   . THR A 1 152 ? -1.808  4.408   -7.421  1.00 46.48  ? 156 THR A N   1 
ATOM   851  C  CA  . THR A 1 152 ? -1.091  4.899   -8.606  1.00 48.62  ? 156 THR A CA  1 
ATOM   852  C  C   . THR A 1 152 ? 0.404   4.560   -8.668  1.00 46.89  ? 156 THR A C   1 
ATOM   853  O  O   . THR A 1 152 ? 1.070   4.904   -9.644  1.00 49.44  ? 156 THR A O   1 
ATOM   854  C  CB  . THR A 1 152 ? -1.188  6.436   -8.751  1.00 48.98  ? 156 THR A CB  1 
ATOM   855  O  OG1 . THR A 1 152 ? -0.329  7.065   -7.786  1.00 51.25  ? 156 THR A OG1 1 
ATOM   856  C  CG2 . THR A 1 152 ? -2.625  6.931   -8.579  1.00 52.84  ? 156 THR A CG2 1 
ATOM   857  N  N   . GLN A 1 153 ? 0.944   3.903   -7.647  1.00 43.61  ? 157 GLN A N   1 
ATOM   858  C  CA  . GLN A 1 153 ? 2.415   3.832   -7.506  1.00 40.84  ? 157 GLN A CA  1 
ATOM   859  C  C   . GLN A 1 153 ? 3.028   2.494   -7.924  1.00 40.33  ? 157 GLN A C   1 
ATOM   860  O  O   . GLN A 1 153 ? 2.392   1.458   -7.836  1.00 41.68  ? 157 GLN A O   1 
ATOM   861  C  CB  . GLN A 1 153 ? 2.822   4.168   -6.052  1.00 39.35  ? 157 GLN A CB  1 
ATOM   862  C  CG  . GLN A 1 153 ? 2.451   5.585   -5.607  1.00 37.59  ? 157 GLN A CG  1 
ATOM   863  C  CD  . GLN A 1 153 ? 2.875   5.898   -4.165  1.00 40.68  ? 157 GLN A CD  1 
ATOM   864  O  OE1 . GLN A 1 153 ? 3.638   5.152   -3.535  1.00 36.13  ? 157 GLN A OE1 1 
ATOM   865  N  NE2 . GLN A 1 153 ? 2.368   7.007   -3.636  1.00 37.64  ? 157 GLN A NE2 1 
ATOM   866  N  N   . SER A 1 154 ? 4.279   2.503   -8.356  1.00 42.34  ? 158 SER A N   1 
ATOM   867  C  CA  . SER A 1 154 ? 4.946   1.231   -8.660  1.00 44.98  ? 158 SER A CA  1 
ATOM   868  C  C   . SER A 1 154 ? 6.428   1.321   -8.344  1.00 44.30  ? 158 SER A C   1 
ATOM   869  O  O   . SER A 1 154 ? 6.964   2.417   -8.228  1.00 45.33  ? 158 SER A O   1 
ATOM   870  C  CB  . SER A 1 154 ? 4.747   0.850   -10.133 1.00 46.48  ? 158 SER A CB  1 
ATOM   871  O  OG  . SER A 1 154 ? 5.659   1.568   -10.932 1.00 50.54  ? 158 SER A OG  1 
ATOM   872  N  N   . PHE A 1 155 ? 7.098   0.174   -8.223  1.00 44.07  ? 159 PHE A N   1 
ATOM   873  C  CA  . PHE A 1 155 ? 8.475   0.167   -7.758  1.00 41.48  ? 159 PHE A CA  1 
ATOM   874  C  C   . PHE A 1 155 ? 9.375   -0.801  -8.537  1.00 44.45  ? 159 PHE A C   1 
ATOM   875  O  O   . PHE A 1 155 ? 9.124   -2.018  -8.596  1.00 41.71  ? 159 PHE A O   1 
ATOM   876  C  CB  . PHE A 1 155 ? 8.519   -0.122  -6.230  1.00 40.73  ? 159 PHE A CB  1 
ATOM   877  C  CG  . PHE A 1 155 ? 7.518   0.695   -5.435  1.00 40.58  ? 159 PHE A CG  1 
ATOM   878  C  CD1 . PHE A 1 155 ? 6.210   0.250   -5.259  1.00 37.44  ? 159 PHE A CD1 1 
ATOM   879  C  CD2 . PHE A 1 155 ? 7.877   1.937   -4.911  1.00 40.95  ? 159 PHE A CD2 1 
ATOM   880  C  CE1 . PHE A 1 155 ? 5.289   1.025   -4.565  1.00 39.17  ? 159 PHE A CE1 1 
ATOM   881  C  CE2 . PHE A 1 155 ? 6.968   2.708   -4.211  1.00 39.74  ? 159 PHE A CE2 1 
ATOM   882  C  CZ  . PHE A 1 155 ? 5.671   2.251   -4.041  1.00 38.49  ? 159 PHE A CZ  1 
ATOM   883  N  N   . VAL A 1 156 ? 10.427  -0.247  -9.125  1.00 43.69  ? 160 VAL A N   1 
ATOM   884  C  CA  . VAL A 1 156 ? 11.463  -1.060  -9.738  1.00 47.71  ? 160 VAL A CA  1 
ATOM   885  C  C   . VAL A 1 156 ? 12.101  -1.904  -8.642  1.00 50.50  ? 160 VAL A C   1 
ATOM   886  O  O   . VAL A 1 156 ? 12.557  -1.376  -7.613  1.00 49.14  ? 160 VAL A O   1 
ATOM   887  C  CB  . VAL A 1 156 ? 12.514  -0.184  -10.446 1.00 51.76  ? 160 VAL A CB  1 
ATOM   888  C  CG1 . VAL A 1 156 ? 13.754  -0.994  -10.801 1.00 53.91  ? 160 VAL A CG1 1 
ATOM   889  C  CG2 . VAL A 1 156 ? 11.919  0.426   -11.697 1.00 52.57  ? 160 VAL A CG2 1 
ATOM   890  N  N   . ASN A 1 157 ? 12.097  -3.219  -8.845  1.00 47.17  ? 161 ASN A N   1 
ATOM   891  C  CA  . ASN A 1 157 ? 12.723  -4.139  -7.907  1.00 46.26  ? 161 ASN A CA  1 
ATOM   892  C  C   . ASN A 1 157 ? 14.004  -3.548  -7.331  1.00 45.14  ? 161 ASN A C   1 
ATOM   893  O  O   . ASN A 1 157 ? 14.808  -2.979  -8.066  1.00 39.06  ? 161 ASN A O   1 
ATOM   894  C  CB  . ASN A 1 157 ? 13.025  -5.462  -8.587  1.00 47.91  ? 161 ASN A CB  1 
ATOM   895  C  CG  . ASN A 1 157 ? 13.312  -6.562  -7.593  1.00 48.53  ? 161 ASN A CG  1 
ATOM   896  O  OD1 . ASN A 1 157 ? 13.064  -6.419  -6.389  1.00 47.68  ? 161 ASN A OD1 1 
ATOM   897  N  ND2 . ASN A 1 157 ? 13.837  -7.673  -8.089  1.00 50.60  ? 161 ASN A ND2 1 
ATOM   898  N  N   . GLY A 1 158 ? 14.163  -3.618  -6.013  1.00 45.12  ? 162 GLY A N   1 
ATOM   899  C  CA  . GLY A 1 158 ? 15.344  -3.033  -5.356  1.00 42.18  ? 162 GLY A CA  1 
ATOM   900  C  C   . GLY A 1 158 ? 15.246  -1.566  -4.975  1.00 41.21  ? 162 GLY A C   1 
ATOM   901  O  O   . GLY A 1 158 ? 16.175  -1.015  -4.386  1.00 40.92  ? 162 GLY A O   1 
ATOM   902  N  N   . VAL A 1 159 ? 14.121  -0.923  -5.290  1.00 37.37  ? 163 VAL A N   1 
ATOM   903  C  CA  . VAL A 1 159 ? 14.012  0.532   -5.149  1.00 38.26  ? 163 VAL A CA  1 
ATOM   904  C  C   . VAL A 1 159 ? 12.773  0.869   -4.314  1.00 39.63  ? 163 VAL A C   1 
ATOM   905  O  O   . VAL A 1 159 ? 11.735  0.247   -4.486  1.00 33.19  ? 163 VAL A O   1 
ATOM   906  C  CB  . VAL A 1 159 ? 13.944  1.224   -6.541  1.00 40.25  ? 163 VAL A CB  1 
ATOM   907  C  CG1 . VAL A 1 159 ? 13.627  2.711   -6.424  1.00 39.75  ? 163 VAL A CG1 1 
ATOM   908  C  CG2 . VAL A 1 159 ? 15.256  1.025   -7.296  1.00 41.46  ? 163 VAL A CG2 1 
ATOM   909  N  N   . GLY A 1 160 ? 12.900  1.806   -3.376  1.00 39.84  ? 164 GLY A N   1 
ATOM   910  C  CA  . GLY A 1 160 ? 11.800  2.118   -2.459  1.00 38.33  ? 164 GLY A CA  1 
ATOM   911  C  C   . GLY A 1 160 ? 11.675  1.013   -1.435  1.00 38.21  ? 164 GLY A C   1 
ATOM   912  O  O   . GLY A 1 160 ? 12.353  -0.018  -1.552  1.00 38.02  ? 164 GLY A O   1 
ATOM   913  N  N   . LEU A 1 161 ? 10.815  1.207   -0.429  1.00 34.90  ? 165 LEU A N   1 
ATOM   914  C  CA  . LEU A 1 161 ? 10.600  0.174   0.592   1.00 36.58  ? 165 LEU A CA  1 
ATOM   915  C  C   . LEU A 1 161 ? 10.053  -1.142  -0.007  1.00 38.26  ? 165 LEU A C   1 
ATOM   916  O  O   . LEU A 1 161 ? 10.536  -2.229  0.357   1.00 39.17  ? 165 LEU A O   1 
ATOM   917  C  CB  . LEU A 1 161 ? 9.692   0.674   1.737   1.00 39.28  ? 165 LEU A CB  1 
ATOM   918  C  CG  . LEU A 1 161 ? 10.267  0.459   3.143   1.00 37.20  ? 165 LEU A CG  1 
ATOM   919  C  CD1 . LEU A 1 161 ? 11.326  1.516   3.447   1.00 37.29  ? 165 LEU A CD1 1 
ATOM   920  C  CD2 . LEU A 1 161 ? 9.202   0.469   4.227   1.00 35.47  ? 165 LEU A CD2 1 
ATOM   921  N  N   . PRO A 1 162 ? 9.067   -1.054  -0.930  1.00 37.79  ? 166 PRO A N   1 
ATOM   922  C  CA  . PRO A 1 162 ? 8.587   -2.327  -1.488  1.00 38.20  ? 166 PRO A CA  1 
ATOM   923  C  C   . PRO A 1 162 ? 9.641   -3.057  -2.327  1.00 36.00  ? 166 PRO A C   1 
ATOM   924  O  O   . PRO A 1 162 ? 9.789   -4.248  -2.182  1.00 34.68  ? 166 PRO A O   1 
ATOM   925  C  CB  . PRO A 1 162 ? 7.391   -1.897  -2.345  1.00 37.62  ? 166 PRO A CB  1 
ATOM   926  C  CG  . PRO A 1 162 ? 6.896   -0.657  -1.659  1.00 38.49  ? 166 PRO A CG  1 
ATOM   927  C  CD  . PRO A 1 162 ? 8.172   0.060   -1.314  1.00 35.88  ? 166 PRO A CD  1 
ATOM   928  N  N   . GLY A 1 163 ? 10.366  -2.338  -3.167  1.00 38.82  ? 167 GLY A N   1 
ATOM   929  C  CA  . GLY A 1 163 ? 11.404  -2.932  -4.014  1.00 38.49  ? 167 GLY A CA  1 
ATOM   930  C  C   . GLY A 1 163 ? 12.589  -3.442  -3.232  1.00 38.01  ? 167 GLY A C   1 
ATOM   931  O  O   . GLY A 1 163 ? 13.108  -4.510  -3.534  1.00 38.25  ? 167 GLY A O   1 
ATOM   932  N  N   . GLU A 1 164 ? 13.030  -2.684  -2.219  1.00 39.26  ? 168 GLU A N   1 
ATOM   933  C  CA  . GLU A 1 164 ? 14.134  -3.138  -1.369  1.00 37.30  ? 168 GLU A CA  1 
ATOM   934  C  C   . GLU A 1 164 ? 13.729  -4.392  -0.673  1.00 33.73  ? 168 GLU A C   1 
ATOM   935  O  O   . GLU A 1 164 ? 14.532  -5.334  -0.549  1.00 30.78  ? 168 GLU A O   1 
ATOM   936  C  CB  . GLU A 1 164 ? 14.554  -2.100  -0.311  1.00 40.44  ? 168 GLU A CB  1 
ATOM   937  C  CG  . GLU A 1 164 ? 15.385  -0.950  -0.843  1.00 52.90  ? 168 GLU A CG  1 
ATOM   938  C  CD  . GLU A 1 164 ? 15.682  0.106   0.221   1.00 57.76  ? 168 GLU A CD  1 
ATOM   939  O  OE1 . GLU A 1 164 ? 15.570  -0.205  1.430   1.00 58.66  ? 168 GLU A OE1 1 
ATOM   940  O  OE2 . GLU A 1 164 ? 16.013  1.248   -0.160  1.00 61.76  ? 168 GLU A OE2 1 
ATOM   941  N  N   . SER A 1 165 ? 12.492  -4.403  -0.185  1.00 29.12  ? 169 SER A N   1 
ATOM   942  C  CA  . SER A 1 165 ? 11.993  -5.549  0.561   1.00 32.08  ? 169 SER A CA  1 
ATOM   943  C  C   . SER A 1 165 ? 11.960  -6.813  -0.302  1.00 35.77  ? 169 SER A C   1 
ATOM   944  O  O   . SER A 1 165 ? 12.384  -7.895  0.134   1.00 34.93  ? 169 SER A O   1 
ATOM   945  C  CB  . SER A 1 165 ? 10.577  -5.257  1.103   1.00 31.83  ? 169 SER A CB  1 
ATOM   946  O  OG  . SER A 1 165 ? 9.947   -6.472  1.483   1.00 35.78  ? 169 SER A OG  1 
ATOM   947  N  N   . PHE A 1 166 ? 11.440  -6.673  -1.523  1.00 38.45  ? 170 PHE A N   1 
ATOM   948  C  CA  . PHE A 1 166 ? 11.325  -7.820  -2.400  1.00 40.32  ? 170 PHE A CA  1 
ATOM   949  C  C   . PHE A 1 166 ? 12.682  -8.309  -2.871  1.00 37.64  ? 170 PHE A C   1 
ATOM   950  O  O   . PHE A 1 166 ? 12.953  -9.504  -2.823  1.00 39.82  ? 170 PHE A O   1 
ATOM   951  C  CB  . PHE A 1 166 ? 10.455  -7.536  -3.615  1.00 44.17  ? 170 PHE A CB  1 
ATOM   952  C  CG  . PHE A 1 166 ? 10.165  -8.771  -4.417  1.00 48.36  ? 170 PHE A CG  1 
ATOM   953  C  CD1 . PHE A 1 166 ? 9.172   -9.647  -4.017  1.00 47.59  ? 170 PHE A CD1 1 
ATOM   954  C  CD2 . PHE A 1 166 ? 10.940  -9.099  -5.525  1.00 51.04  ? 170 PHE A CD2 1 
ATOM   955  C  CE1 . PHE A 1 166 ? 8.909   -10.806 -4.736  1.00 53.72  ? 170 PHE A CE1 1 
ATOM   956  C  CE2 . PHE A 1 166 ? 10.687  -10.263 -6.246  1.00 55.48  ? 170 PHE A CE2 1 
ATOM   957  C  CZ  . PHE A 1 166 ? 9.669   -11.116 -5.849  1.00 49.36  ? 170 PHE A CZ  1 
ATOM   958  N  N   . LEU A 1 167 ? 13.521  -7.389  -3.327  1.00 39.93  ? 171 LEU A N   1 
ATOM   959  C  CA  . LEU A 1 167 ? 14.845  -7.744  -3.836  1.00 43.47  ? 171 LEU A CA  1 
ATOM   960  C  C   . LEU A 1 167 ? 15.620  -8.599  -2.848  1.00 45.14  ? 171 LEU A C   1 
ATOM   961  O  O   . LEU A 1 167 ? 16.207  -9.613  -3.215  1.00 52.05  ? 171 LEU A O   1 
ATOM   962  C  CB  . LEU A 1 167 ? 15.666  -6.491  -4.161  1.00 45.67  ? 171 LEU A CB  1 
ATOM   963  C  CG  . LEU A 1 167 ? 17.050  -6.851  -4.724  1.00 48.00  ? 171 LEU A CG  1 
ATOM   964  C  CD1 . LEU A 1 167 ? 16.878  -7.751  -5.945  1.00 48.86  ? 171 LEU A CD1 1 
ATOM   965  C  CD2 . LEU A 1 167 ? 17.875  -5.625  -5.073  1.00 48.22  ? 171 LEU A CD2 1 
ATOM   966  N  N   . ASN A 1 168 ? 15.611  -8.193  -1.584  1.00 44.87  ? 172 ASN A N   1 
ATOM   967  C  CA  . ASN A 1 168 ? 16.433  -8.841  -0.578  1.00 43.67  ? 172 ASN A CA  1 
ATOM   968  C  C   . ASN A 1 168 ? 15.667  -9.825  0.271   1.00 42.82  ? 172 ASN A C   1 
ATOM   969  O  O   . ASN A 1 168 ? 16.201  -10.340 1.245   1.00 44.99  ? 172 ASN A O   1 
ATOM   970  C  CB  . ASN A 1 168 ? 17.099  -7.773  0.283   1.00 41.84  ? 172 ASN A CB  1 
ATOM   971  C  CG  . ASN A 1 168 ? 17.824  -6.749  -0.551  1.00 45.69  ? 172 ASN A CG  1 
ATOM   972  O  OD1 . ASN A 1 168 ? 18.961  -6.976  -0.989  1.00 44.58  ? 172 ASN A OD1 1 
ATOM   973  N  ND2 . ASN A 1 168 ? 17.161  -5.621  -0.819  1.00 43.97  ? 172 ASN A ND2 1 
ATOM   974  N  N   . SER A 1 169 ? 14.413  -10.092 -0.105  1.00 44.59  ? 173 SER A N   1 
ATOM   975  C  CA  . SER A 1 169 ? 13.524  -10.987 0.660   1.00 45.13  ? 173 SER A CA  1 
ATOM   976  C  C   . SER A 1 169 ? 13.501  -10.605 2.123   1.00 41.77  ? 173 SER A C   1 
ATOM   977  O  O   . SER A 1 169 ? 13.690  -11.444 3.006   1.00 46.00  ? 173 SER A O   1 
ATOM   978  C  CB  . SER A 1 169 ? 13.907  -12.466 0.482   1.00 47.43  ? 173 SER A CB  1 
ATOM   979  O  OG  . SER A 1 169 ? 13.863  -12.818 -0.890  1.00 49.19  ? 173 SER A OG  1 
ATOM   980  N  N   . ARG A 1 170 ? 13.220  -9.328  2.356   1.00 39.37  ? 174 ARG A N   1 
ATOM   981  C  CA  . ARG A 1 170 ? 13.468  -8.673  3.617   1.00 39.21  ? 174 ARG A CA  1 
ATOM   982  C  C   . ARG A 1 170 ? 12.184  -8.216  4.327   1.00 40.14  ? 174 ARG A C   1 
ATOM   983  O  O   . ARG A 1 170 ? 11.187  -7.896  3.676   1.00 36.79  ? 174 ARG A O   1 
ATOM   984  C  CB  . ARG A 1 170 ? 14.324  -7.442  3.321   1.00 43.08  ? 174 ARG A CB  1 
ATOM   985  C  CG  . ARG A 1 170 ? 15.185  -6.999  4.486   1.00 47.51  ? 174 ARG A CG  1 
ATOM   986  C  CD  . ARG A 1 170 ? 15.618  -5.546  4.382   1.00 47.84  ? 174 ARG A CD  1 
ATOM   987  N  NE  . ARG A 1 170 ? 16.781  -5.252  3.538   1.00 62.50  ? 174 ARG A NE  1 
ATOM   988  C  CZ  . ARG A 1 170 ? 17.842  -6.034  3.319   1.00 62.89  ? 174 ARG A CZ  1 
ATOM   989  N  NH1 . ARG A 1 170 ? 17.947  -7.241  3.857   1.00 65.86  ? 174 ARG A NH1 1 
ATOM   990  N  NH2 . ARG A 1 170 ? 18.811  -5.593  2.528   1.00 66.17  ? 174 ARG A NH2 1 
ATOM   991  N  N   . VAL A 1 171 ? 12.229  -8.188  5.662   1.00 38.50  ? 175 VAL A N   1 
ATOM   992  C  CA  . VAL A 1 171 ? 11.266  -7.439  6.475   1.00 34.80  ? 175 VAL A CA  1 
ATOM   993  C  C   . VAL A 1 171 ? 11.875  -6.068  6.813   1.00 36.81  ? 175 VAL A C   1 
ATOM   994  O  O   . VAL A 1 171 ? 13.004  -5.993  7.349   1.00 35.28  ? 175 VAL A O   1 
ATOM   995  C  CB  . VAL A 1 171 ? 10.902  -8.191  7.770   1.00 34.57  ? 175 VAL A CB  1 
ATOM   996  C  CG1 . VAL A 1 171 ? 9.999   -7.334  8.676   1.00 30.50  ? 175 VAL A CG1 1 
ATOM   997  C  CG2 . VAL A 1 171 ? 10.225  -9.529  7.441   1.00 33.94  ? 175 VAL A CG2 1 
ATOM   998  N  N   . ILE A 1 172 ? 11.164  -4.991  6.448   1.00 30.09  ? 176 ILE A N   1 
ATOM   999  C  CA  . ILE A 1 172 ? 11.598  -3.637  6.751   1.00 29.19  ? 176 ILE A CA  1 
ATOM   1000 C  C   . ILE A 1 172 ? 10.504  -3.064  7.624   1.00 33.99  ? 176 ILE A C   1 
ATOM   1001 O  O   . ILE A 1 172 ? 9.361   -2.952  7.181   1.00 30.20  ? 176 ILE A O   1 
ATOM   1002 C  CB  . ILE A 1 172 ? 11.768  -2.764  5.497   1.00 32.28  ? 176 ILE A CB  1 
ATOM   1003 C  CG1 . ILE A 1 172 ? 12.809  -3.386  4.530   1.00 34.94  ? 176 ILE A CG1 1 
ATOM   1004 C  CG2 . ILE A 1 172 ? 12.199  -1.332  5.889   1.00 29.66  ? 176 ILE A CG2 1 
ATOM   1005 C  CD1 . ILE A 1 172 ? 12.849  -2.758  3.136   1.00 33.54  ? 176 ILE A CD1 1 
ATOM   1006 N  N   . TRP A 1 173 ? 10.856  -2.750  8.863   1.00 32.94  ? 177 TRP A N   1 
ATOM   1007 C  CA  . TRP A 1 173 ? 9.907   -2.352  9.882   1.00 35.03  ? 177 TRP A CA  1 
ATOM   1008 C  C   . TRP A 1 173 ? 10.279  -0.955  10.386  1.00 36.43  ? 177 TRP A C   1 
ATOM   1009 O  O   . TRP A 1 173 ? 11.278  -0.797  11.098  1.00 35.35  ? 177 TRP A O   1 
ATOM   1010 C  CB  . TRP A 1 173 ? 9.899   -3.357  11.068  1.00 33.96  ? 177 TRP A CB  1 
ATOM   1011 C  CG  . TRP A 1 173 ? 8.657   -3.168  11.946  1.00 33.70  ? 177 TRP A CG  1 
ATOM   1012 C  CD1 . TRP A 1 173 ? 8.410   -2.127  12.801  1.00 35.22  ? 177 TRP A CD1 1 
ATOM   1013 C  CD2 . TRP A 1 173 ? 7.498   -4.011  11.999  1.00 34.12  ? 177 TRP A CD2 1 
ATOM   1014 N  NE1 . TRP A 1 173 ? 7.173   -2.277  13.389  1.00 34.00  ? 177 TRP A NE1 1 
ATOM   1015 C  CE2 . TRP A 1 173 ? 6.594   -3.427  12.924  1.00 33.10  ? 177 TRP A CE2 1 
ATOM   1016 C  CE3 . TRP A 1 173 ? 7.141   -5.214  11.373  1.00 34.10  ? 177 TRP A CE3 1 
ATOM   1017 C  CZ2 . TRP A 1 173 ? 5.351   -3.998  13.219  1.00 32.24  ? 177 TRP A CZ2 1 
ATOM   1018 C  CZ3 . TRP A 1 173 ? 5.902   -5.792  11.672  1.00 31.57  ? 177 TRP A CZ3 1 
ATOM   1019 C  CH2 . TRP A 1 173 ? 5.012   -5.176  12.575  1.00 30.36  ? 177 TRP A CH2 1 
ATOM   1020 N  N   . LEU A 1 174 ? 9.486   0.055   10.012  1.00 31.06  ? 178 LEU A N   1 
ATOM   1021 C  CA  . LEU A 1 174 ? 9.806   1.427   10.390  1.00 30.60  ? 178 LEU A CA  1 
ATOM   1022 C  C   . LEU A 1 174 ? 8.762   1.860   11.390  1.00 32.53  ? 178 LEU A C   1 
ATOM   1023 O  O   . LEU A 1 174 ? 7.584   1.961   11.055  1.00 33.46  ? 178 LEU A O   1 
ATOM   1024 C  CB  . LEU A 1 174 ? 9.816   2.374   9.175   1.00 29.01  ? 178 LEU A CB  1 
ATOM   1025 C  CG  . LEU A 1 174 ? 10.669  1.950   7.958   1.00 28.91  ? 178 LEU A CG  1 
ATOM   1026 C  CD1 . LEU A 1 174 ? 10.587  2.963   6.806   1.00 28.76  ? 178 LEU A CD1 1 
ATOM   1027 C  CD2 . LEU A 1 174 ? 12.121  1.769   8.373   1.00 26.14  ? 178 LEU A CD2 1 
ATOM   1028 N  N   . SER A 1 175 ? 9.204   2.119   12.616  1.00 33.58  ? 179 SER A N   1 
ATOM   1029 C  CA  . SER A 1 175 ? 8.289   2.466   13.681  1.00 36.66  ? 179 SER A CA  1 
ATOM   1030 C  C   . SER A 1 175 ? 8.680   3.809   14.278  1.00 36.70  ? 179 SER A C   1 
ATOM   1031 O  O   . SER A 1 175 ? 9.797   3.967   14.749  1.00 37.87  ? 179 SER A O   1 
ATOM   1032 C  CB  . SER A 1 175 ? 8.335   1.372   14.760  1.00 38.02  ? 179 SER A CB  1 
ATOM   1033 O  OG  . SER A 1 175 ? 7.108   1.344   15.463  1.00 48.09  ? 179 SER A OG  1 
ATOM   1034 N  N   . GLY A 1 176 ? 7.757   4.767   14.279  1.00 38.15  ? 180 GLY A N   1 
ATOM   1035 C  CA  . GLY A 1 176 ? 8.052   6.119   14.755  1.00 35.46  ? 180 GLY A CA  1 
ATOM   1036 C  C   . GLY A 1 176 ? 8.278   7.053   13.582  1.00 37.22  ? 180 GLY A C   1 
ATOM   1037 O  O   . GLY A 1 176 ? 8.874   6.649   12.569  1.00 37.41  ? 180 GLY A O   1 
ATOM   1038 N  N   . SER A 1 177 ? 7.832   8.305   13.727  1.00 33.15  ? 181 SER A N   1 
ATOM   1039 C  CA  . SER A 1 177 ? 7.971   9.327   12.681  1.00 36.56  ? 181 SER A CA  1 
ATOM   1040 C  C   . SER A 1 177 ? 9.392   9.485   12.148  1.00 37.14  ? 181 SER A C   1 
ATOM   1041 O  O   . SER A 1 177 ? 9.582   9.592   10.943  1.00 36.91  ? 181 SER A O   1 
ATOM   1042 C  CB  . SER A 1 177 ? 7.463   10.683  13.190  1.00 40.88  ? 181 SER A CB  1 
ATOM   1043 O  OG  . SER A 1 177 ? 6.045   10.618  13.380  1.00 44.77  ? 181 SER A OG  1 
ATOM   1044 N  N   . GLY A 1 178 ? 10.376  9.536   13.048  1.00 36.14  ? 182 GLY A N   1 
ATOM   1045 C  CA  . GLY A 1 178 ? 11.785  9.709   12.656  1.00 36.24  ? 182 GLY A CA  1 
ATOM   1046 C  C   . GLY A 1 178 ? 12.286  8.523   11.849  1.00 35.51  ? 182 GLY A C   1 
ATOM   1047 O  O   . GLY A 1 178 ? 13.114  8.684   10.972  1.00 38.29  ? 182 GLY A O   1 
ATOM   1048 N  N   . ALA A 1 179 ? 11.773  7.329   12.151  1.00 35.11  ? 183 ALA A N   1 
ATOM   1049 C  CA  . ALA A 1 179 ? 12.071  6.122   11.375  1.00 36.37  ? 183 ALA A CA  1 
ATOM   1050 C  C   . ALA A 1 179 ? 11.610  6.283   9.908   1.00 33.99  ? 183 ALA A C   1 
ATOM   1051 O  O   . ALA A 1 179 ? 12.318  5.889   8.973   1.00 25.97  ? 183 ALA A O   1 
ATOM   1052 C  CB  . ALA A 1 179 ? 11.400  4.896   12.021  1.00 38.21  ? 183 ALA A CB  1 
ATOM   1053 N  N   . LEU A 1 180 ? 10.424  6.868   9.712   1.00 29.82  ? 184 LEU A N   1 
ATOM   1054 C  CA  . LEU A 1 180 ? 9.903   7.090   8.356   1.00 34.49  ? 184 LEU A CA  1 
ATOM   1055 C  C   . LEU A 1 180 ? 10.659  8.202   7.617   1.00 35.23  ? 184 LEU A C   1 
ATOM   1056 O  O   . LEU A 1 180 ? 11.023  8.038   6.445   1.00 33.11  ? 184 LEU A O   1 
ATOM   1057 C  CB  . LEU A 1 180 ? 8.407   7.455   8.363   1.00 35.43  ? 184 LEU A CB  1 
ATOM   1058 C  CG  . LEU A 1 180 ? 7.360   6.509   8.954   1.00 39.32  ? 184 LEU A CG  1 
ATOM   1059 C  CD1 . LEU A 1 180 ? 5.975   7.141   8.810   1.00 39.12  ? 184 LEU A CD1 1 
ATOM   1060 C  CD2 . LEU A 1 180 ? 7.373   5.181   8.257   1.00 37.34  ? 184 LEU A CD2 1 
ATOM   1061 N  N   . THR A 1 181 ? 10.871  9.334   8.287   1.00 34.75  ? 185 THR A N   1 
ATOM   1062 C  CA  . THR A 1 181 ? 11.517  10.482  7.638   1.00 37.94  ? 185 THR A CA  1 
ATOM   1063 C  C   . THR A 1 181 ? 13.024  10.262  7.485   1.00 40.02  ? 185 THR A C   1 
ATOM   1064 O  O   . THR A 1 181 ? 13.649  10.917  6.652   1.00 36.66  ? 185 THR A O   1 
ATOM   1065 C  CB  . THR A 1 181 ? 11.319  11.781  8.419   1.00 35.62  ? 185 THR A CB  1 
ATOM   1066 O  OG1 . THR A 1 181 ? 11.922  11.650  9.709   1.00 37.73  ? 185 THR A OG1 1 
ATOM   1067 C  CG2 . THR A 1 181 ? 9.845   12.081  8.614   1.00 33.81  ? 185 THR A CG2 1 
ATOM   1068 N  N   . GLY A 1 182 ? 13.584  9.349   8.284   1.00 37.43  ? 186 GLY A N   1 
ATOM   1069 C  CA  . GLY A 1 182 ? 15.018  8.985   8.187   1.00 37.91  ? 186 GLY A CA  1 
ATOM   1070 C  C   . GLY A 1 182 ? 15.328  7.851   7.232   1.00 38.69  ? 186 GLY A C   1 
ATOM   1071 O  O   . GLY A 1 182 ? 16.498  7.483   7.057   1.00 39.08  ? 186 GLY A O   1 
ATOM   1072 N  N   . SER A 1 183 ? 14.293  7.303   6.586   1.00 39.58  ? 187 SER A N   1 
ATOM   1073 C  CA  . SER A 1 183 ? 14.425  6.047   5.829   1.00 38.90  ? 187 SER A CA  1 
ATOM   1074 C  C   . SER A 1 183 ? 15.055  6.196   4.456   1.00 36.90  ? 187 SER A C   1 
ATOM   1075 O  O   . SER A 1 183 ? 15.555  5.230   3.916   1.00 42.03  ? 187 SER A O   1 
ATOM   1076 C  CB  . SER A 1 183 ? 13.056  5.413   5.635   1.00 41.15  ? 187 SER A CB  1 
ATOM   1077 O  OG  . SER A 1 183 ? 12.271  6.266   4.827   1.00 40.78  ? 187 SER A OG  1 
ATOM   1078 N  N   . GLY A 1 184 ? 15.007  7.399   3.891   1.00 36.18  ? 188 GLY A N   1 
ATOM   1079 C  CA  . GLY A 1 184 ? 15.440  7.641   2.527   1.00 36.72  ? 188 GLY A CA  1 
ATOM   1080 C  C   . GLY A 1 184 ? 14.486  7.094   1.477   1.00 39.76  ? 188 GLY A C   1 
ATOM   1081 O  O   . GLY A 1 184 ? 14.850  6.990   0.312   1.00 36.00  ? 188 GLY A O   1 
ATOM   1082 N  N   . CYS A 1 185 ? 13.253  6.759   1.883   1.00 35.80  ? 189 CYS A N   1 
ATOM   1083 C  CA  . CYS A 1 185 ? 12.281  6.267   0.942   1.00 32.57  ? 189 CYS A CA  1 
ATOM   1084 C  C   . CYS A 1 185 ? 11.127  7.261   0.874   1.00 34.19  ? 189 CYS A C   1 
ATOM   1085 O  O   . CYS A 1 185 ? 10.532  7.598   1.919   1.00 28.40  ? 189 CYS A O   1 
ATOM   1086 C  CB  . CYS A 1 185 ? 11.761  4.881   1.343   1.00 33.39  ? 189 CYS A CB  1 
ATOM   1087 S  SG  . CYS A 1 185 ? 10.369  4.346   0.305   1.00 41.56  ? 189 CYS A SG  1 
ATOM   1088 N  N   . GLU A 1 186 ? 10.806  7.682   -0.353  1.00 32.00  ? 190 GLU A N   1 
ATOM   1089 C  CA  . GLU A 1 186 ? 9.840   8.726   -0.593  1.00 34.82  ? 190 GLU A CA  1 
ATOM   1090 C  C   . GLU A 1 186 ? 8.414   8.301   -0.278  1.00 33.23  ? 190 GLU A C   1 
ATOM   1091 O  O   . GLU A 1 186 ? 7.565   9.155   -0.004  1.00 37.23  ? 190 GLU A O   1 
ATOM   1092 C  CB  . GLU A 1 186 ? 9.973   9.275   -2.020  1.00 36.03  ? 190 GLU A CB  1 
ATOM   1093 C  CG  . GLU A 1 186 ? 9.454   8.352   -3.113  1.00 36.44  ? 190 GLU A CG  1 
ATOM   1094 C  CD  . GLU A 1 186 ? 9.414   9.019   -4.481  1.00 38.95  ? 190 GLU A CD  1 
ATOM   1095 O  OE1 . GLU A 1 186 ? 8.641   8.544   -5.337  1.00 40.62  ? 190 GLU A OE1 1 
ATOM   1096 O  OE2 . GLU A 1 186 ? 10.123  10.028  -4.710  1.00 35.23  ? 190 GLU A OE2 1 
ATOM   1097 N  N   . ARG A 1 187 ? 8.139   6.997   -0.325  1.00 32.68  ? 191 ARG A N   1 
ATOM   1098 C  CA  . ARG A 1 187 ? 6.815   6.480   0.058   1.00 31.29  ? 191 ARG A CA  1 
ATOM   1099 C  C   . ARG A 1 187 ? 6.675   6.563   1.578   1.00 32.19  ? 191 ARG A C   1 
ATOM   1100 O  O   . ARG A 1 187 ? 5.663   7.074   2.113   1.00 30.69  ? 191 ARG A O   1 
ATOM   1101 C  CB  . ARG A 1 187 ? 6.584   5.056   -0.509  1.00 32.90  ? 191 ARG A CB  1 
ATOM   1102 C  CG  . ARG A 1 187 ? 5.395   4.320   0.067   1.00 34.09  ? 191 ARG A CG  1 
ATOM   1103 C  CD  . ARG A 1 187 ? 4.932   3.078   -0.740  1.00 33.56  ? 191 ARG A CD  1 
ATOM   1104 N  NE  . ARG A 1 187 ? 3.689   2.634   -0.119  1.00 33.71  ? 191 ARG A NE  1 
ATOM   1105 C  CZ  . ARG A 1 187 ? 2.505   3.196   -0.371  1.00 33.66  ? 191 ARG A CZ  1 
ATOM   1106 N  NH1 . ARG A 1 187 ? 2.408   4.174   -1.271  1.00 29.09  ? 191 ARG A NH1 1 
ATOM   1107 N  NH2 . ARG A 1 187 ? 1.432   2.794   0.282   1.00 33.86  ? 191 ARG A NH2 1 
ATOM   1108 N  N   . ALA A 1 188 ? 7.717   6.125   2.281   1.00 28.76  ? 192 ALA A N   1 
ATOM   1109 C  CA  . ALA A 1 188 ? 7.750   6.272   3.744   1.00 30.21  ? 192 ALA A CA  1 
ATOM   1110 C  C   . ALA A 1 188 ? 7.614   7.745   4.139   1.00 30.94  ? 192 ALA A C   1 
ATOM   1111 O  O   . ALA A 1 188 ? 6.854   8.078   5.071   1.00 29.70  ? 192 ALA A O   1 
ATOM   1112 C  CB  . ALA A 1 188 ? 9.005   5.662   4.342   1.00 32.88  ? 192 ALA A CB  1 
ATOM   1113 N  N   . GLY A 1 189 ? 8.285   8.630   3.391   1.00 27.01  ? 193 GLY A N   1 
ATOM   1114 C  CA  . GLY A 1 189 ? 8.208   10.047  3.669   1.00 26.14  ? 193 GLY A CA  1 
ATOM   1115 C  C   . GLY A 1 189 ? 6.777   10.531  3.437   1.00 28.17  ? 193 GLY A C   1 
ATOM   1116 O  O   . GLY A 1 189 ? 6.239   11.324  4.225   1.00 29.40  ? 193 GLY A O   1 
ATOM   1117 N  N   . GLN A 1 190 ? 6.181   10.078  2.335   1.00 29.31  ? 194 GLN A N   1 
ATOM   1118 C  CA  . GLN A 1 190 ? 4.819   10.479  1.961   1.00 30.83  ? 194 GLN A CA  1 
ATOM   1119 C  C   . GLN A 1 190 ? 3.829   9.989   3.002   1.00 29.20  ? 194 GLN A C   1 
ATOM   1120 O  O   . GLN A 1 190 ? 2.954   10.745  3.444   1.00 36.07  ? 194 GLN A O   1 
ATOM   1121 C  CB  . GLN A 1 190 ? 4.459   9.947   0.553   1.00 31.11  ? 194 GLN A CB  1 
ATOM   1122 C  CG  . GLN A 1 190 ? 3.046   10.277  0.080   1.00 31.32  ? 194 GLN A CG  1 
ATOM   1123 C  CD  . GLN A 1 190 ? 2.714   9.668   -1.292  1.00 32.55  ? 194 GLN A CD  1 
ATOM   1124 O  OE1 . GLN A 1 190 ? 3.051   8.513   -1.584  1.00 32.31  ? 194 GLN A OE1 1 
ATOM   1125 N  NE2 . GLN A 1 190 ? 2.040   10.444  -2.126  1.00 30.41  ? 194 GLN A NE2 1 
ATOM   1126 N  N   . GLY A 1 191 ? 3.938   8.721   3.371   1.00 28.28  ? 195 GLY A N   1 
ATOM   1127 C  CA  . GLY A 1 191 ? 3.171   8.150   4.486   1.00 32.70  ? 195 GLY A CA  1 
ATOM   1128 C  C   . GLY A 1 191 ? 3.231   8.971   5.768   1.00 36.57  ? 195 GLY A C   1 
ATOM   1129 O  O   . GLY A 1 191 ? 2.187   9.227   6.413   1.00 36.29  ? 195 GLY A O   1 
ATOM   1130 N  N   . GLN A 1 192 ? 4.436   9.395   6.138   1.00 30.53  ? 196 GLN A N   1 
ATOM   1131 C  CA  . GLN A 1 192 ? 4.622   10.226  7.336   1.00 32.48  ? 196 GLN A CA  1 
ATOM   1132 C  C   . GLN A 1 192 ? 3.888   11.564  7.234   1.00 36.89  ? 196 GLN A C   1 
ATOM   1133 O  O   . GLN A 1 192 ? 3.268   12.004  8.216   1.00 34.30  ? 196 GLN A O   1 
ATOM   1134 C  CB  . GLN A 1 192 ? 6.110   10.452  7.614   1.00 32.57  ? 196 GLN A CB  1 
ATOM   1135 C  CG  . GLN A 1 192 ? 6.436   11.001  9.008   1.00 33.03  ? 196 GLN A CG  1 
ATOM   1136 C  CD  . GLN A 1 192 ? 6.089   12.480  9.162   1.00 37.45  ? 196 GLN A CD  1 
ATOM   1137 O  OE1 . GLN A 1 192 ? 6.231   13.296  8.215   1.00 39.51  ? 196 GLN A OE1 1 
ATOM   1138 N  NE2 . GLN A 1 192 ? 5.615   12.834  10.341  1.00 31.72  ? 196 GLN A NE2 1 
ATOM   1139 N  N   . ILE A 1 193 ? 3.936   12.194  6.045   1.00 35.31  ? 197 ILE A N   1 
ATOM   1140 C  CA  . ILE A 1 193 ? 3.214   13.457  5.796   1.00 34.02  ? 197 ILE A CA  1 
ATOM   1141 C  C   . ILE A 1 193 ? 1.711   13.292  6.035   1.00 35.63  ? 197 ILE A C   1 
ATOM   1142 O  O   . ILE A 1 193 ? 1.055   14.185  6.569   1.00 35.64  ? 197 ILE A O   1 
ATOM   1143 C  CB  . ILE A 1 193 ? 3.441   13.981  4.336   1.00 34.26  ? 197 ILE A CB  1 
ATOM   1144 C  CG1 . ILE A 1 193 ? 4.827   14.602  4.158   1.00 32.11  ? 197 ILE A CG1 1 
ATOM   1145 C  CG2 . ILE A 1 193 ? 2.311   14.896  3.850   1.00 34.20  ? 197 ILE A CG2 1 
ATOM   1146 C  CD1 . ILE A 1 193 ? 5.195   15.771  5.062   1.00 31.38  ? 197 ILE A CD1 1 
ATOM   1147 N  N   . TYR A 1 194 ? 1.180   12.142  5.637   1.00 35.34  ? 198 TYR A N   1 
ATOM   1148 C  CA  . TYR A 1 194 ? -0.221  11.834  5.822   1.00 37.44  ? 198 TYR A CA  1 
ATOM   1149 C  C   . TYR A 1 194 ? -0.598  11.228  7.198   1.00 40.54  ? 198 TYR A C   1 
ATOM   1150 O  O   . TYR A 1 194 ? -1.725  10.764  7.394   1.00 41.72  ? 198 TYR A O   1 
ATOM   1151 C  CB  . TYR A 1 194 ? -0.722  11.003  4.651   1.00 36.66  ? 198 TYR A CB  1 
ATOM   1152 C  CG  . TYR A 1 194 ? -0.737  11.787  3.330   1.00 38.72  ? 198 TYR A CG  1 
ATOM   1153 C  CD1 . TYR A 1 194 ? -1.507  12.946  3.185   1.00 40.42  ? 198 TYR A CD1 1 
ATOM   1154 C  CD2 . TYR A 1 194 ? 0.015   11.375  2.244   1.00 37.89  ? 198 TYR A CD2 1 
ATOM   1155 C  CE1 . TYR A 1 194 ? -1.521  13.656  1.999   1.00 40.96  ? 198 TYR A CE1 1 
ATOM   1156 C  CE2 . TYR A 1 194 ? 0.006   12.070  1.058   1.00 37.09  ? 198 TYR A CE2 1 
ATOM   1157 C  CZ  . TYR A 1 194 ? -0.767  13.208  0.935   1.00 40.93  ? 198 TYR A CZ  1 
ATOM   1158 O  OH  . TYR A 1 194 ? -0.783  13.897  -0.251  1.00 38.29  ? 198 TYR A OH  1 
ATOM   1159 N  N   . GLY A 1 195 ? 0.324   11.288  8.156   1.00 38.14  ? 199 GLY A N   1 
ATOM   1160 C  CA  . GLY A 1 195 ? 0.010   10.903  9.540   1.00 40.66  ? 199 GLY A CA  1 
ATOM   1161 C  C   . GLY A 1 195 ? 0.462   9.508   9.981   1.00 40.99  ? 199 GLY A C   1 
ATOM   1162 O  O   . GLY A 1 195 ? 0.251   9.120   11.137  1.00 41.72  ? 199 GLY A O   1 
ATOM   1163 N  N   . LEU A 1 196 ? 1.087   8.738   9.091   1.00 37.18  ? 200 LEU A N   1 
ATOM   1164 C  CA  . LEU A 1 196 ? 1.543   7.411   9.507   1.00 37.87  ? 200 LEU A CA  1 
ATOM   1165 C  C   . LEU A 1 196 ? 2.726   7.522   10.448  1.00 35.25  ? 200 LEU A C   1 
ATOM   1166 O  O   . LEU A 1 196 ? 3.530   8.461   10.344  1.00 34.02  ? 200 LEU A O   1 
ATOM   1167 C  CB  . LEU A 1 196 ? 1.890   6.529   8.314   1.00 38.92  ? 200 LEU A CB  1 
ATOM   1168 C  CG  . LEU A 1 196 ? 0.791   6.201   7.296   1.00 37.42  ? 200 LEU A CG  1 
ATOM   1169 C  CD1 . LEU A 1 196 ? 1.446   5.214   6.351   1.00 31.17  ? 200 LEU A CD1 1 
ATOM   1170 C  CD2 . LEU A 1 196 ? -0.500  5.630   7.900   1.00 36.06  ? 200 LEU A CD2 1 
ATOM   1171 N  N   . LYS A 1 197 ? 2.800   6.602   11.398  1.00 34.61  ? 201 LYS A N   1 
ATOM   1172 C  CA  . LYS A 1 197 ? 3.950   6.526   12.280  1.00 34.62  ? 201 LYS A CA  1 
ATOM   1173 C  C   . LYS A 1 197 ? 4.593   5.155   12.228  1.00 34.51  ? 201 LYS A C   1 
ATOM   1174 O  O   . LYS A 1 197 ? 5.693   4.973   12.774  1.00 34.83  ? 201 LYS A O   1 
ATOM   1175 C  CB  . LYS A 1 197 ? 3.594   6.862   13.717  1.00 36.34  ? 201 LYS A CB  1 
ATOM   1176 C  CG  . LYS A 1 197 ? 3.174   8.313   13.945  1.00 40.08  ? 201 LYS A CG  1 
ATOM   1177 C  CD  . LYS A 1 197 ? 3.008   8.532   15.431  1.00 40.24  ? 201 LYS A CD  1 
ATOM   1178 C  CE  . LYS A 1 197 ? 1.774   9.368   15.722  1.00 46.18  ? 201 LYS A CE  1 
ATOM   1179 N  NZ  . LYS A 1 197 ? 2.206   10.702  16.191  1.00 50.35  ? 201 LYS A NZ  1 
ATOM   1180 N  N   . THR A 1 198 ? 3.908   4.190   11.609  1.00 34.05  ? 202 THR A N   1 
ATOM   1181 C  CA  . THR A 1 198 ? 4.502   2.876   11.365  1.00 34.02  ? 202 THR A CA  1 
ATOM   1182 C  C   . THR A 1 198 ? 4.229   2.482   9.928   1.00 34.39  ? 202 THR A C   1 
ATOM   1183 O  O   . THR A 1 198 ? 3.114   2.656   9.445   1.00 30.86  ? 202 THR A O   1 
ATOM   1184 C  CB  . THR A 1 198 ? 3.928   1.792   12.305  1.00 35.57  ? 202 THR A CB  1 
ATOM   1185 O  OG1 . THR A 1 198 ? 4.082   2.206   13.664  1.00 33.68  ? 202 THR A OG1 1 
ATOM   1186 C  CG2 . THR A 1 198 ? 4.643   0.465   12.098  1.00 32.53  ? 202 THR A CG2 1 
ATOM   1187 N  N   . MET A 1 199 ? 5.249   1.976   9.239   1.00 29.21  ? 203 MET A N   1 
ATOM   1188 C  CA  . MET A 1 199 ? 5.072   1.450   7.911   1.00 31.18  ? 203 MET A CA  1 
ATOM   1189 C  C   . MET A 1 199 ? 5.975   0.232   7.792   1.00 30.79  ? 203 MET A C   1 
ATOM   1190 O  O   . MET A 1 199 ? 7.146   0.314   8.135   1.00 32.21  ? 203 MET A O   1 
ATOM   1191 C  CB  . MET A 1 199 ? 5.419   2.495   6.825   1.00 30.41  ? 203 MET A CB  1 
ATOM   1192 C  CG  . MET A 1 199 ? 5.336   1.940   5.395   1.00 32.43  ? 203 MET A CG  1 
ATOM   1193 S  SD  . MET A 1 199 ? 5.735   3.144   4.077   1.00 39.70  ? 203 MET A SD  1 
ATOM   1194 C  CE  . MET A 1 199 ? 4.338   4.285   4.346   1.00 33.09  ? 203 MET A CE  1 
ATOM   1195 N  N   . VAL A 1 200 ? 5.416   -0.871  7.305   1.00 30.04  ? 204 VAL A N   1 
ATOM   1196 C  CA  . VAL A 1 200 ? 6.086   -2.169  7.267   1.00 32.79  ? 204 VAL A CA  1 
ATOM   1197 C  C   . VAL A 1 200 ? 5.949   -2.753  5.870   1.00 34.85  ? 204 VAL A C   1 
ATOM   1198 O  O   . VAL A 1 200 ? 4.873   -2.664  5.281   1.00 33.94  ? 204 VAL A O   1 
ATOM   1199 C  CB  . VAL A 1 200 ? 5.406   -3.148  8.261   1.00 34.72  ? 204 VAL A CB  1 
ATOM   1200 C  CG1 . VAL A 1 200 ? 6.087   -4.520  8.212   1.00 36.10  ? 204 VAL A CG1 1 
ATOM   1201 C  CG2 . VAL A 1 200 ? 5.414   -2.569  9.672   1.00 33.38  ? 204 VAL A CG2 1 
ATOM   1202 N  N   . CYS A 1 201 ? 7.014   -3.360  5.342   1.00 33.14  ? 205 CYS A N   1 
ATOM   1203 C  CA  . CYS A 1 201 ? 6.959   -4.095  4.074   1.00 35.21  ? 205 CYS A CA  1 
ATOM   1204 C  C   . CYS A 1 201 ? 7.544   -5.466  4.333   1.00 39.48  ? 205 CYS A C   1 
ATOM   1205 O  O   . CYS A 1 201 ? 8.676   -5.560  4.839   1.00 37.12  ? 205 CYS A O   1 
ATOM   1206 C  CB  . CYS A 1 201 ? 7.797   -3.426  2.974   1.00 37.12  ? 205 CYS A CB  1 
ATOM   1207 S  SG  . CYS A 1 201 ? 6.929   -2.158  2.044   1.00 38.98  ? 205 CYS A SG  1 
ATOM   1208 N  N   . ILE A 1 202 ? 6.786   -6.514  3.987   1.00 36.72  ? 206 ILE A N   1 
ATOM   1209 C  CA  . ILE A 1 202 ? 7.217   -7.902  4.190   1.00 39.50  ? 206 ILE A CA  1 
ATOM   1210 C  C   . ILE A 1 202 ? 7.241   -8.669  2.857   1.00 37.97  ? 206 ILE A C   1 
ATOM   1211 O  O   . ILE A 1 202 ? 6.243   -8.757  2.177   1.00 36.90  ? 206 ILE A O   1 
ATOM   1212 C  CB  . ILE A 1 202 ? 6.319   -8.635  5.205   1.00 39.93  ? 206 ILE A CB  1 
ATOM   1213 C  CG1 . ILE A 1 202 ? 6.233   -7.831  6.500   1.00 37.05  ? 206 ILE A CG1 1 
ATOM   1214 C  CG2 . ILE A 1 202 ? 6.824   -10.063 5.451   1.00 38.48  ? 206 ILE A CG2 1 
ATOM   1215 C  CD1 . ILE A 1 202 ? 5.309   -8.426  7.540   1.00 38.82  ? 206 ILE A CD1 1 
ATOM   1216 N  N   . ALA A 1 203 ? 8.399   -9.197  2.480   1.00 35.33  ? 207 ALA A N   1 
ATOM   1217 C  CA  . ALA A 1 203 ? 8.529   -9.894  1.224   1.00 34.12  ? 207 ALA A CA  1 
ATOM   1218 C  C   . ALA A 1 203 ? 7.798   -11.240 1.317   1.00 37.01  ? 207 ALA A C   1 
ATOM   1219 O  O   . ALA A 1 203 ? 7.912   -11.953 2.325   1.00 35.41  ? 207 ALA A O   1 
ATOM   1220 C  CB  . ALA A 1 203 ? 10.014  -10.091 0.880   1.00 34.70  ? 207 ALA A CB  1 
ATOM   1221 N  N   . THR A 1 204 ? 6.992   -11.552 0.303   1.00 39.23  ? 208 THR A N   1 
ATOM   1222 C  CA  . THR A 1 204 ? 6.260   -12.840 0.251   1.00 45.83  ? 208 THR A CA  1 
ATOM   1223 C  C   . THR A 1 204 ? 6.484   -13.440 -1.129  1.00 47.97  ? 208 THR A C   1 
ATOM   1224 O  O   . THR A 1 204 ? 7.051   -12.778 -1.991  1.00 44.19  ? 208 THR A O   1 
ATOM   1225 C  CB  . THR A 1 204 ? 4.740   -12.696 0.528   1.00 44.22  ? 208 THR A CB  1 
ATOM   1226 O  OG1 . THR A 1 204 ? 4.119   -12.003 -0.556  1.00 46.75  ? 208 THR A OG1 1 
ATOM   1227 C  CG2 . THR A 1 204 ? 4.473   -11.935 1.800   1.00 47.31  ? 208 THR A CG2 1 
ATOM   1228 N  N   . GLN A 1 205 ? 6.044   -14.683 -1.352  1.00 58.20  ? 209 GLN A N   1 
ATOM   1229 C  CA  . GLN A 1 205 ? 6.366   -15.378 -2.614  1.00 61.07  ? 209 GLN A CA  1 
ATOM   1230 C  C   . GLN A 1 205 ? 5.968   -14.604 -3.869  1.00 57.04  ? 209 GLN A C   1 
ATOM   1231 O  O   . GLN A 1 205 ? 6.762   -14.491 -4.808  1.00 56.99  ? 209 GLN A O   1 
ATOM   1232 C  CB  . GLN A 1 205 ? 5.824   -16.820 -2.639  1.00 69.70  ? 209 GLN A CB  1 
ATOM   1233 C  CG  . GLN A 1 205 ? 4.309   -16.960 -2.628  1.00 76.12  ? 209 GLN A CG  1 
ATOM   1234 C  CD  . GLN A 1 205 ? 3.844   -18.412 -2.697  1.00 83.83  ? 209 GLN A CD  1 
ATOM   1235 O  OE1 . GLN A 1 205 ? 2.701   -18.690 -3.066  1.00 84.91  ? 209 GLN A OE1 1 
ATOM   1236 N  NE2 . GLN A 1 205 ? 4.729   -19.342 -2.345  1.00 83.44  ? 209 GLN A NE2 1 
ATOM   1237 N  N   . ASN A 1 206 ? 4.759   -14.043 -3.872  1.00 56.64  ? 210 ASN A N   1 
ATOM   1238 C  CA  . ASN A 1 206 ? 4.243   -13.339 -5.051  1.00 59.86  ? 210 ASN A CA  1 
ATOM   1239 C  C   . ASN A 1 206 ? 4.464   -11.818 -5.049  1.00 57.74  ? 210 ASN A C   1 
ATOM   1240 O  O   . ASN A 1 206 ? 4.238   -11.154 -6.066  1.00 57.72  ? 210 ASN A O   1 
ATOM   1241 C  CB  . ASN A 1 206 ? 2.756   -13.668 -5.275  1.00 63.96  ? 210 ASN A CB  1 
ATOM   1242 C  CG  . ASN A 1 206 ? 2.489   -15.165 -5.339  1.00 69.92  ? 210 ASN A CG  1 
ATOM   1243 O  OD1 . ASN A 1 206 ? 1.674   -15.692 -4.579  1.00 75.59  ? 210 ASN A OD1 1 
ATOM   1244 N  ND2 . ASN A 1 206 ? 3.189   -15.859 -6.235  1.00 69.69  ? 210 ASN A ND2 1 
ATOM   1245 N  N   . GLY A 1 207 ? 4.903   -11.268 -3.916  1.00 51.16  ? 211 GLY A N   1 
ATOM   1246 C  CA  . GLY A 1 207 ? 5.095   -9.821  -3.816  1.00 47.39  ? 211 GLY A CA  1 
ATOM   1247 C  C   . GLY A 1 207 ? 5.471   -9.348  -2.428  1.00 45.62  ? 211 GLY A C   1 
ATOM   1248 O  O   . GLY A 1 207 ? 6.291   -9.976  -1.759  1.00 45.79  ? 211 GLY A O   1 
ATOM   1249 N  N   . VAL A 1 208 ? 4.881   -8.229  -2.002  1.00 43.00  ? 212 VAL A N   1 
ATOM   1250 C  CA  . VAL A 1 208 ? 5.236   -7.582  -0.742  1.00 38.60  ? 212 VAL A CA  1 
ATOM   1251 C  C   . VAL A 1 208 ? 3.949   -7.149  -0.039  1.00 40.59  ? 212 VAL A C   1 
ATOM   1252 O  O   . VAL A 1 208 ? 3.160   -6.404  -0.607  1.00 39.56  ? 212 VAL A O   1 
ATOM   1253 C  CB  . VAL A 1 208 ? 6.130   -6.328  -0.980  1.00 36.18  ? 212 VAL A CB  1 
ATOM   1254 C  CG1 . VAL A 1 208 ? 6.448   -5.593  0.324   1.00 33.05  ? 212 VAL A CG1 1 
ATOM   1255 C  CG2 . VAL A 1 208 ? 7.430   -6.692  -1.691  1.00 38.56  ? 212 VAL A CG2 1 
ATOM   1256 N  N   . VAL A 1 209 ? 3.759   -7.604  1.194   1.00 36.71  ? 213 VAL A N   1 
ATOM   1257 C  CA  . VAL A 1 209 ? 2.691   -7.096  2.041   1.00 40.80  ? 213 VAL A CA  1 
ATOM   1258 C  C   . VAL A 1 209 ? 3.162   -5.826  2.779   1.00 42.71  ? 213 VAL A C   1 
ATOM   1259 O  O   . VAL A 1 209 ? 4.209   -5.821  3.440   1.00 40.25  ? 213 VAL A O   1 
ATOM   1260 C  CB  . VAL A 1 209 ? 2.274   -8.139  3.094   1.00 39.13  ? 213 VAL A CB  1 
ATOM   1261 C  CG1 . VAL A 1 209 ? 1.258   -7.548  4.058   1.00 38.51  ? 213 VAL A CG1 1 
ATOM   1262 C  CG2 . VAL A 1 209 ? 1.745   -9.415  2.426   1.00 41.84  ? 213 VAL A CG2 1 
ATOM   1263 N  N   . GLU A 1 210 ? 2.374   -4.764  2.671   1.00 38.77  ? 214 GLU A N   1 
ATOM   1264 C  CA  . GLU A 1 210 ? 2.653   -3.534  3.377   1.00 40.62  ? 214 GLU A CA  1 
ATOM   1265 C  C   . GLU A 1 210 ? 1.582   -3.278  4.413   1.00 43.02  ? 214 GLU A C   1 
ATOM   1266 O  O   . GLU A 1 210 ? 0.391   -3.286  4.087   1.00 43.18  ? 214 GLU A O   1 
ATOM   1267 C  CB  . GLU A 1 210 ? 2.736   -2.355  2.409   1.00 38.74  ? 214 GLU A CB  1 
ATOM   1268 C  CG  . GLU A 1 210 ? 2.998   -1.027  3.114   1.00 37.50  ? 214 GLU A CG  1 
ATOM   1269 C  CD  . GLU A 1 210 ? 2.953   0.176   2.196   1.00 37.76  ? 214 GLU A CD  1 
ATOM   1270 O  OE1 . GLU A 1 210 ? 3.568   0.121   1.121   1.00 35.76  ? 214 GLU A OE1 1 
ATOM   1271 O  OE2 . GLU A 1 210 ? 2.313   1.190   2.574   1.00 40.77  ? 214 GLU A OE2 1 
ATOM   1272 N  N   . LEU A 1 211 ? 2.020   -3.052  5.652   1.00 38.36  ? 215 LEU A N   1 
ATOM   1273 C  CA  . LEU A 1 211 ? 1.159   -2.575  6.714   1.00 38.65  ? 215 LEU A CA  1 
ATOM   1274 C  C   . LEU A 1 211 ? 1.551   -1.149  7.075   1.00 41.88  ? 215 LEU A C   1 
ATOM   1275 O  O   . LEU A 1 211 ? 2.743   -0.792  7.053   1.00 35.06  ? 215 LEU A O   1 
ATOM   1276 C  CB  . LEU A 1 211 ? 1.294   -3.467  7.954   1.00 40.15  ? 215 LEU A CB  1 
ATOM   1277 C  CG  . LEU A 1 211 ? 1.100   -4.971  7.693   1.00 43.05  ? 215 LEU A CG  1 
ATOM   1278 C  CD1 . LEU A 1 211 ? 1.494   -5.835  8.884   1.00 42.44  ? 215 LEU A CD1 1 
ATOM   1279 C  CD2 . LEU A 1 211 ? -0.339  -5.243  7.284   1.00 41.80  ? 215 LEU A CD2 1 
ATOM   1280 N  N   . GLY A 1 212 ? 0.547   -0.335  7.392   1.00 34.48  ? 216 GLY A N   1 
ATOM   1281 C  CA  . GLY A 1 212 ? 0.789   0.982   7.940   1.00 38.64  ? 216 GLY A CA  1 
ATOM   1282 C  C   . GLY A 1 212 ? -0.199  1.352   9.020   1.00 37.99  ? 216 GLY A C   1 
ATOM   1283 O  O   . GLY A 1 212 ? -1.317  0.858   9.039   1.00 39.70  ? 216 GLY A O   1 
ATOM   1284 N  N   . SER A 1 213 ? 0.223   2.224   9.922   1.00 39.43  ? 217 SER A N   1 
ATOM   1285 C  CA  . SER A 1 213 ? -0.638  2.719   10.977  1.00 38.13  ? 217 SER A CA  1 
ATOM   1286 C  C   . SER A 1 213 ? -0.283  4.135   11.358  1.00 39.56  ? 217 SER A C   1 
ATOM   1287 O  O   . SER A 1 213 ? 0.874   4.555   11.251  1.00 33.92  ? 217 SER A O   1 
ATOM   1288 C  CB  . SER A 1 213 ? -0.545  1.827   12.223  1.00 38.20  ? 217 SER A CB  1 
ATOM   1289 O  OG  . SER A 1 213 ? -1.224  2.430   13.298  1.00 38.29  ? 217 SER A OG  1 
ATOM   1290 N  N   . SER A 1 214 ? -1.290  4.867   11.830  1.00 37.28  ? 218 SER A N   1 
ATOM   1291 C  CA  . SER A 1 214 ? -1.040  6.148   12.429  1.00 39.00  ? 218 SER A CA  1 
ATOM   1292 C  C   . SER A 1 214 ? -0.534  6.000   13.862  1.00 40.94  ? 218 SER A C   1 
ATOM   1293 O  O   . SER A 1 214 ? -0.240  6.998   14.504  1.00 44.72  ? 218 SER A O   1 
ATOM   1294 C  CB  . SER A 1 214 ? -2.307  7.013   12.391  1.00 43.59  ? 218 SER A CB  1 
ATOM   1295 O  OG  . SER A 1 214 ? -3.414  6.274   12.886  1.00 45.98  ? 218 SER A OG  1 
ATOM   1296 N  N   . GLU A 1 215 ? -0.416  4.768   14.358  1.00 40.66  ? 219 GLU A N   1 
ATOM   1297 C  CA  . GLU A 1 215 ? 0.163   4.523   15.682  1.00 42.44  ? 219 GLU A CA  1 
ATOM   1298 C  C   . GLU A 1 215 ? 1.599   3.988   15.576  1.00 42.50  ? 219 GLU A C   1 
ATOM   1299 O  O   . GLU A 1 215 ? 1.996   3.443   14.532  1.00 36.60  ? 219 GLU A O   1 
ATOM   1300 C  CB  . GLU A 1 215 ? -0.700  3.512   16.464  1.00 46.68  ? 219 GLU A CB  1 
ATOM   1301 C  CG  . GLU A 1 215 ? -2.086  4.023   16.852  1.00 53.72  ? 219 GLU A CG  1 
ATOM   1302 C  CD  . GLU A 1 215 ? -2.719  3.240   17.997  1.00 62.06  ? 219 GLU A CD  1 
ATOM   1303 O  OE1 . GLU A 1 215 ? -2.207  2.161   18.378  1.00 61.17  ? 219 GLU A OE1 1 
ATOM   1304 O  OE2 . GLU A 1 215 ? -3.744  3.712   18.531  1.00 72.84  ? 219 GLU A OE2 1 
ATOM   1305 N  N   . VAL A 1 216 ? 2.363   4.138   16.656  1.00 42.14  ? 220 VAL A N   1 
ATOM   1306 C  CA  . VAL A 1 216 ? 3.691   3.533   16.764  1.00 41.39  ? 220 VAL A CA  1 
ATOM   1307 C  C   . VAL A 1 216 ? 3.487   2.081   17.197  1.00 43.83  ? 220 VAL A C   1 
ATOM   1308 O  O   . VAL A 1 216 ? 2.983   1.807   18.288  1.00 40.96  ? 220 VAL A O   1 
ATOM   1309 C  CB  . VAL A 1 216 ? 4.602   4.301   17.750  1.00 41.02  ? 220 VAL A CB  1 
ATOM   1310 C  CG1 . VAL A 1 216 ? 5.978   3.649   17.833  1.00 40.44  ? 220 VAL A CG1 1 
ATOM   1311 C  CG2 . VAL A 1 216 ? 4.750   5.763   17.329  1.00 40.53  ? 220 VAL A CG2 1 
ATOM   1312 N  N   . ILE A 1 217 ? 3.857   1.153   16.318  1.00 43.02  ? 221 ILE A N   1 
ATOM   1313 C  CA  . ILE A 1 217 ? 3.573   -0.257  16.524  1.00 40.60  ? 221 ILE A CA  1 
ATOM   1314 C  C   . ILE A 1 217 ? 4.889   -1.056  16.435  1.00 43.45  ? 221 ILE A C   1 
ATOM   1315 O  O   . ILE A 1 217 ? 5.652   -0.901  15.474  1.00 38.90  ? 221 ILE A O   1 
ATOM   1316 C  CB  . ILE A 1 217 ? 2.532   -0.774  15.506  1.00 42.21  ? 221 ILE A CB  1 
ATOM   1317 C  CG1 . ILE A 1 217 ? 1.136   -0.202  15.813  1.00 44.45  ? 221 ILE A CG1 1 
ATOM   1318 C  CG2 . ILE A 1 217 ? 2.433   -2.291  15.556  1.00 43.55  ? 221 ILE A CG2 1 
ATOM   1319 C  CD1 . ILE A 1 217 ? 0.049   -0.681  14.876  1.00 41.79  ? 221 ILE A CD1 1 
ATOM   1320 N  N   . SER A 1 218 ? 5.136   -1.881  17.453  1.00 41.08  ? 222 SER A N   1 
ATOM   1321 C  CA  . SER A 1 218 ? 6.270   -2.803  17.494  1.00 41.49  ? 222 SER A CA  1 
ATOM   1322 C  C   . SER A 1 218 ? 5.888   -4.127  16.867  1.00 39.50  ? 222 SER A C   1 
ATOM   1323 O  O   . SER A 1 218 ? 4.696   -4.508  16.851  1.00 37.76  ? 222 SER A O   1 
ATOM   1324 C  CB  . SER A 1 218 ? 6.709   -3.041  18.941  1.00 41.73  ? 222 SER A CB  1 
ATOM   1325 O  OG  . SER A 1 218 ? 7.334   -1.891  19.481  1.00 47.58  ? 222 SER A OG  1 
ATOM   1326 N  N   . GLN A 1 219 ? 6.897   -4.843  16.374  1.00 34.50  ? 223 GLN A N   1 
ATOM   1327 C  CA  . GLN A 1 219 ? 6.682   -6.052  15.589  1.00 35.80  ? 223 GLN A CA  1 
ATOM   1328 C  C   . GLN A 1 219 ? 6.241   -7.211  16.471  1.00 39.88  ? 223 GLN A C   1 
ATOM   1329 O  O   . GLN A 1 219 ? 6.970   -7.661  17.358  1.00 40.90  ? 223 GLN A O   1 
ATOM   1330 C  CB  . GLN A 1 219 ? 7.951   -6.423  14.807  1.00 37.48  ? 223 GLN A CB  1 
ATOM   1331 C  CG  . GLN A 1 219 ? 7.844   -7.735  14.039  1.00 40.81  ? 223 GLN A CG  1 
ATOM   1332 C  CD  . GLN A 1 219 ? 9.062   -8.046  13.185  1.00 41.66  ? 223 GLN A CD  1 
ATOM   1333 O  OE1 . GLN A 1 219 ? 9.996   -7.243  13.062  1.00 42.12  ? 223 GLN A OE1 1 
ATOM   1334 N  NE2 . GLN A 1 219 ? 9.061   -9.223  12.596  1.00 42.46  ? 223 GLN A NE2 1 
ATOM   1335 N  N   . SER A 1 220 ? 5.030   -7.681  16.208  1.00 39.96  ? 224 SER A N   1 
ATOM   1336 C  CA  . SER A 1 220 ? 4.452   -8.770  16.938  1.00 44.50  ? 224 SER A CA  1 
ATOM   1337 C  C   . SER A 1 220 ? 4.887   -10.104 16.352  1.00 42.18  ? 224 SER A C   1 
ATOM   1338 O  O   . SER A 1 220 ? 4.834   -10.323 15.137  1.00 38.21  ? 224 SER A O   1 
ATOM   1339 C  CB  . SER A 1 220 ? 2.930   -8.681  16.909  1.00 43.99  ? 224 SER A CB  1 
ATOM   1340 O  OG  . SER A 1 220 ? 2.369   -9.834  17.488  1.00 49.25  ? 224 SER A OG  1 
ATOM   1341 N  N   . SER A 1 221 ? 5.285   -10.993 17.250  1.00 43.77  ? 225 SER A N   1 
ATOM   1342 C  CA  . SER A 1 221 ? 5.672   -12.340 16.889  1.00 50.07  ? 225 SER A CA  1 
ATOM   1343 C  C   . SER A 1 221 ? 4.532   -13.063 16.167  1.00 52.39  ? 225 SER A C   1 
ATOM   1344 O  O   . SER A 1 221 ? 4.773   -13.790 15.218  1.00 56.01  ? 225 SER A O   1 
ATOM   1345 C  CB  . SER A 1 221 ? 6.105   -13.108 18.141  1.00 50.29  ? 225 SER A CB  1 
ATOM   1346 O  OG  . SER A 1 221 ? 7.019   -14.123 17.785  1.00 58.79  ? 225 SER A OG  1 
ATOM   1347 N  N   . ASP A 1 222 ? 3.291   -12.827 16.588  1.00 55.23  ? 226 ASP A N   1 
ATOM   1348 C  CA  . ASP A 1 222 ? 2.134   -13.482 15.964  1.00 60.50  ? 226 ASP A CA  1 
ATOM   1349 C  C   . ASP A 1 222 ? 1.839   -12.948 14.564  1.00 61.56  ? 226 ASP A C   1 
ATOM   1350 O  O   . ASP A 1 222 ? 1.472   -13.705 13.665  1.00 53.23  ? 226 ASP A O   1 
ATOM   1351 C  CB  . ASP A 1 222 ? 0.885   -13.335 16.843  1.00 68.92  ? 226 ASP A CB  1 
ATOM   1352 C  CG  . ASP A 1 222 ? 1.047   -13.986 18.214  1.00 77.27  ? 226 ASP A CG  1 
ATOM   1353 O  OD1 . ASP A 1 222 ? 1.170   -15.230 18.267  1.00 79.41  ? 226 ASP A OD1 1 
ATOM   1354 O  OD2 . ASP A 1 222 ? 1.049   -13.251 19.234  1.00 74.90  ? 226 ASP A OD2 1 
ATOM   1355 N  N   . LEU A 1 223 ? 2.001   -11.638 14.377  1.00 63.47  ? 227 LEU A N   1 
ATOM   1356 C  CA  . LEU A 1 223 ? 1.582   -11.006 13.126  1.00 59.23  ? 227 LEU A CA  1 
ATOM   1357 C  C   . LEU A 1 223 ? 2.381   -11.527 11.932  1.00 58.30  ? 227 LEU A C   1 
ATOM   1358 O  O   . LEU A 1 223 ? 1.828   -11.716 10.848  1.00 62.35  ? 227 LEU A O   1 
ATOM   1359 C  CB  . LEU A 1 223 ? 1.529   -9.471  13.244  1.00 60.96  ? 227 LEU A CB  1 
ATOM   1360 C  CG  . LEU A 1 223 ? 0.601   -8.977  14.393  1.00 65.09  ? 227 LEU A CG  1 
ATOM   1361 C  CD1 . LEU A 1 223 ? 0.283   -7.480  14.366  1.00 52.39  ? 227 LEU A CD1 1 
ATOM   1362 C  CD2 . LEU A 1 223 ? -0.689  -9.793  14.583  1.00 58.61  ? 227 LEU A CD2 1 
ATOM   1363 N  N   . MET A 1 224 ? 3.651   -11.841 12.156  1.00 53.72  ? 228 MET A N   1 
ATOM   1364 C  CA  . MET A 1 224 ? 4.506   -12.448 11.125  1.00 57.63  ? 228 MET A CA  1 
ATOM   1365 C  C   . MET A 1 224 ? 4.022   -13.803 10.610  1.00 57.19  ? 228 MET A C   1 
ATOM   1366 O  O   . MET A 1 224 ? 4.039   -14.073 9.405   1.00 58.25  ? 228 MET A O   1 
ATOM   1367 C  CB  . MET A 1 224 ? 5.930   -12.594 11.670  1.00 57.74  ? 228 MET A CB  1 
ATOM   1368 C  CG  . MET A 1 224 ? 6.360   -11.397 12.497  1.00 56.37  ? 228 MET A CG  1 
ATOM   1369 S  SD  . MET A 1 224 ? 6.204   -9.868  11.518  1.00 66.17  ? 228 MET A SD  1 
ATOM   1370 C  CE  . MET A 1 224 ? 7.219   -10.257 10.096  1.00 60.58  ? 228 MET A CE  1 
ATOM   1371 N  N   . HIS A 1 225 ? 3.603   -14.664 11.528  1.00 59.55  ? 229 HIS A N   1 
ATOM   1372 C  CA  . HIS A 1 225 ? 3.120   -15.989 11.147  1.00 60.29  ? 229 HIS A CA  1 
ATOM   1373 C  C   . HIS A 1 225 ? 1.816   -15.908 10.346  1.00 58.14  ? 229 HIS A C   1 
ATOM   1374 O  O   . HIS A 1 225 ? 1.637   -16.639 9.381   1.00 60.01  ? 229 HIS A O   1 
ATOM   1375 C  CB  . HIS A 1 225 ? 3.008   -16.882 12.382  1.00 65.34  ? 229 HIS A CB  1 
ATOM   1376 C  CG  . HIS A 1 225 ? 4.306   -17.043 13.123  1.00 71.45  ? 229 HIS A CG  1 
ATOM   1377 N  ND1 . HIS A 1 225 ? 5.520   -17.174 12.478  1.00 73.95  ? 229 HIS A ND1 1 
ATOM   1378 C  CD2 . HIS A 1 225 ? 4.577   -17.101 14.449  1.00 71.09  ? 229 HIS A CD2 1 
ATOM   1379 C  CE1 . HIS A 1 225 ? 6.483   -17.302 13.374  1.00 72.13  ? 229 HIS A CE1 1 
ATOM   1380 N  NE2 . HIS A 1 225 ? 5.937   -17.268 14.577  1.00 73.76  ? 229 HIS A NE2 1 
ATOM   1381 N  N   . LYS A 1 226 ? 0.925   -14.990 10.720  1.00 55.54  ? 230 LYS A N   1 
ATOM   1382 C  CA  . LYS A 1 226 ? -0.299  -14.755 9.945   1.00 53.20  ? 230 LYS A CA  1 
ATOM   1383 C  C   . LYS A 1 226 ? 0.000   -14.428 8.485   1.00 56.11  ? 230 LYS A C   1 
ATOM   1384 O  O   . LYS A 1 226 ? -0.690  -14.917 7.585   1.00 54.89  ? 230 LYS A O   1 
ATOM   1385 C  CB  . LYS A 1 226 ? -1.121  -13.644 10.569  1.00 51.25  ? 230 LYS A CB  1 
ATOM   1386 C  CG  . LYS A 1 226 ? -1.768  -14.055 11.866  1.00 57.94  ? 230 LYS A CG  1 
ATOM   1387 C  CD  . LYS A 1 226 ? -2.483  -12.897 12.528  1.00 60.92  ? 230 LYS A CD  1 
ATOM   1388 C  CE  . LYS A 1 226 ? -3.331  -13.418 13.674  1.00 66.28  ? 230 LYS A CE  1 
ATOM   1389 N  NZ  . LYS A 1 226 ? -3.202  -12.575 14.892  1.00 69.39  ? 230 LYS A NZ  1 
ATOM   1390 N  N   . VAL A 1 227 ? 1.037   -13.614 8.258   1.00 55.86  ? 231 VAL A N   1 
ATOM   1391 C  CA  . VAL A 1 227 ? 1.481   -13.282 6.905   1.00 55.17  ? 231 VAL A CA  1 
ATOM   1392 C  C   . VAL A 1 227 ? 1.932   -14.531 6.137   1.00 56.73  ? 231 VAL A C   1 
ATOM   1393 O  O   . VAL A 1 227 ? 1.643   -14.665 4.950   1.00 59.03  ? 231 VAL A O   1 
ATOM   1394 C  CB  . VAL A 1 227 ? 2.608   -12.223 6.906   1.00 54.81  ? 231 VAL A CB  1 
ATOM   1395 C  CG1 . VAL A 1 227 ? 3.091   -11.954 5.486   1.00 55.58  ? 231 VAL A CG1 1 
ATOM   1396 C  CG2 . VAL A 1 227 ? 2.133   -10.936 7.566   1.00 53.00  ? 231 VAL A CG2 1 
ATOM   1397 N  N   . ASN A 1 228 ? 2.635   -15.437 6.813   1.00 61.07  ? 232 ASN A N   1 
ATOM   1398 C  CA  . ASN A 1 228 ? 2.984   -16.733 6.210   1.00 67.32  ? 232 ASN A CA  1 
ATOM   1399 C  C   . ASN A 1 228 ? 1.751   -17.467 5.698   1.00 67.03  ? 232 ASN A C   1 
ATOM   1400 O  O   . ASN A 1 228 ? 1.635   -17.732 4.498   1.00 65.42  ? 232 ASN A O   1 
ATOM   1401 C  CB  . ASN A 1 228 ? 3.727   -17.629 7.207   1.00 72.74  ? 232 ASN A CB  1 
ATOM   1402 C  CG  . ASN A 1 228 ? 4.558   -18.716 6.524   1.00 80.53  ? 232 ASN A CG  1 
ATOM   1403 O  OD1 . ASN A 1 228 ? 4.795   -18.678 5.309   1.00 78.93  ? 232 ASN A OD1 1 
ATOM   1404 N  ND2 . ASN A 1 228 ? 5.013   -19.690 7.310   1.00 83.16  ? 232 ASN A ND2 1 
ATOM   1405 N  N   . ASN A 1 229 ? 0.826   -17.762 6.613   1.00 67.70  ? 233 ASN A N   1 
ATOM   1406 C  CA  . ASN A 1 229 ? -0.376  -18.528 6.297   1.00 67.73  ? 233 ASN A CA  1 
ATOM   1407 C  C   . ASN A 1 229 ? -1.161  -17.910 5.165   1.00 68.57  ? 233 ASN A C   1 
ATOM   1408 O  O   . ASN A 1 229 ? -1.633  -18.619 4.276   1.00 68.14  ? 233 ASN A O   1 
ATOM   1409 C  CB  . ASN A 1 229 ? -1.294  -18.640 7.517   1.00 72.84  ? 233 ASN A CB  1 
ATOM   1410 C  CG  . ASN A 1 229 ? -0.559  -19.080 8.764   1.00 76.99  ? 233 ASN A CG  1 
ATOM   1411 O  OD1 . ASN A 1 229 ? 0.425   -19.813 8.692   1.00 75.41  ? 233 ASN A OD1 1 
ATOM   1412 N  ND2 . ASN A 1 229 ? -1.033  -18.627 9.920   1.00 75.07  ? 233 ASN A ND2 1 
ATOM   1413 N  N   . LEU A 1 230 ? -1.282  -16.585 5.195   1.00 64.37  ? 234 LEU A N   1 
ATOM   1414 C  CA  . LEU A 1 230 ? -2.183  -15.894 4.285   1.00 60.75  ? 234 LEU A CA  1 
ATOM   1415 C  C   . LEU A 1 230 ? -1.585  -15.547 2.931   1.00 58.44  ? 234 LEU A C   1 
ATOM   1416 O  O   . LEU A 1 230 ? -2.330  -15.261 1.997   1.00 60.85  ? 234 LEU A O   1 
ATOM   1417 C  CB  . LEU A 1 230 ? -2.759  -14.647 4.952   1.00 61.90  ? 234 LEU A CB  1 
ATOM   1418 C  CG  . LEU A 1 230 ? -3.607  -14.910 6.196   1.00 63.04  ? 234 LEU A CG  1 
ATOM   1419 C  CD1 . LEU A 1 230 ? -4.141  -13.604 6.758   1.00 63.89  ? 234 LEU A CD1 1 
ATOM   1420 C  CD2 . LEU A 1 230 ? -4.747  -15.867 5.871   1.00 66.30  ? 234 LEU A CD2 1 
ATOM   1421 N  N   . PHE A 1 231 ? -0.259  -15.569 2.806   1.00 52.95  ? 235 PHE A N   1 
ATOM   1422 C  CA  . PHE A 1 231 ? 0.379   -15.032 1.594   1.00 52.19  ? 235 PHE A CA  1 
ATOM   1423 C  C   . PHE A 1 231 ? 1.466   -15.899 0.964   1.00 57.71  ? 235 PHE A C   1 
ATOM   1424 O  O   . PHE A 1 231 ? 2.003   -15.543 -0.085  1.00 61.37  ? 235 PHE A O   1 
ATOM   1425 C  CB  . PHE A 1 231 ? 0.904   -13.595 1.842   1.00 49.59  ? 235 PHE A CB  1 
ATOM   1426 C  CG  . PHE A 1 231 ? -0.188  -12.596 2.053   1.00 44.38  ? 235 PHE A CG  1 
ATOM   1427 C  CD1 . PHE A 1 231 ? -0.791  -11.974 0.974   1.00 45.75  ? 235 PHE A CD1 1 
ATOM   1428 C  CD2 . PHE A 1 231 ? -0.648  -12.314 3.331   1.00 44.44  ? 235 PHE A CD2 1 
ATOM   1429 C  CE1 . PHE A 1 231 ? -1.824  -11.068 1.167   1.00 44.80  ? 235 PHE A CE1 1 
ATOM   1430 C  CE2 . PHE A 1 231 ? -1.681  -11.414 3.532   1.00 42.84  ? 235 PHE A CE2 1 
ATOM   1431 C  CZ  . PHE A 1 231 ? -2.274  -10.797 2.449   1.00 41.37  ? 235 PHE A CZ  1 
ATOM   1432 N  N   . ASN A 1 232 ? 1.796   -17.021 1.596   1.00 62.77  ? 236 ASN A N   1 
ATOM   1433 C  CA  . ASN A 1 232 ? 2.770   -17.961 1.030   1.00 69.05  ? 236 ASN A CA  1 
ATOM   1434 C  C   . ASN A 1 232 ? 2.205   -19.363 0.771   1.00 76.73  ? 236 ASN A C   1 
ATOM   1435 O  O   . ASN A 1 232 ? 2.025   -20.147 1.712   1.00 82.54  ? 236 ASN A O   1 
ATOM   1436 C  CB  . ASN A 1 232 ? 3.999   -18.062 1.931   1.00 65.80  ? 236 ASN A CB  1 
ATOM   1437 C  CG  . ASN A 1 232 ? 4.841   -16.802 1.915   1.00 65.47  ? 236 ASN A CG  1 
ATOM   1438 O  OD1 . ASN A 1 232 ? 4.921   -16.106 0.907   1.00 64.06  ? 236 ASN A OD1 1 
ATOM   1439 N  ND2 . ASN A 1 232 ? 5.485   -16.514 3.035   1.00 66.55  ? 236 ASN A ND2 1 
ATOM   1440 N  N   . PHE A 1 233 ? 1.930   -19.675 -0.497  1.00 78.25  ? 237 PHE A N   1 
ATOM   1441 C  CA  . PHE A 1 233 ? 1.482   -21.021 -0.901  1.00 82.93  ? 237 PHE A CA  1 
ATOM   1442 C  C   . PHE A 1 233 ? 1.029   -21.078 -2.360  1.00 84.95  ? 237 PHE A C   1 
ATOM   1443 O  O   . PHE A 1 233 ? -0.053  -20.600 -2.709  1.00 85.87  ? 237 PHE A O   1 
ATOM   1444 C  CB  . PHE A 1 233 ? 0.359   -21.539 0.011   1.00 81.65  ? 237 PHE A CB  1 
HETATM 1445 CA CA  . CA  B 2 .   ? -5.540  -6.490  -8.418  1.00 89.23  ? 301 CA  A CA  1 
HETATM 1446 CA CA  . CA  C 2 .   ? -2.396  18.790  4.960   1.00 122.18 ? 302 CA  A CA  1 
HETATM 1447 O  O   . HOH D 3 .   ? 7.904   13.099  5.867   1.00 33.01  ? 401 HOH A O   1 
HETATM 1448 O  O   . HOH D 3 .   ? 14.645  4.793   8.954   1.00 34.31  ? 402 HOH A O   1 
HETATM 1449 O  O   . HOH D 3 .   ? 11.133  -4.994  14.350  1.00 35.87  ? 403 HOH A O   1 
HETATM 1450 O  O   . HOH D 3 .   ? 15.399  10.416  4.835   1.00 42.87  ? 404 HOH A O   1 
HETATM 1451 O  O   . HOH D 3 .   ? 4.003   10.874  11.164  1.00 42.61  ? 405 HOH A O   1 
HETATM 1452 O  O   . HOH D 3 .   ? 12.023  1.518   13.103  1.00 43.43  ? 406 HOH A O   1 
HETATM 1453 O  O   . HOH D 3 .   ? 10.422  9.045   15.773  1.00 46.03  ? 407 HOH A O   1 
HETATM 1454 O  O   . HOH D 3 .   ? 6.125   1.197   1.539   1.00 50.17  ? 408 HOH A O   1 
HETATM 1455 O  O   . HOH D 3 .   ? 3.211   -6.120  15.206  1.00 39.62  ? 409 HOH A O   1 
HETATM 1456 O  O   . HOH D 3 .   ? 1.240   5.531   18.790  1.00 48.90  ? 410 HOH A O   1 
HETATM 1457 O  O   . HOH D 3 .   ? 15.408  -4.519  7.503   1.00 52.75  ? 411 HOH A O   1 
HETATM 1458 O  O   . HOH D 3 .   ? 3.141   -2.044  19.742  1.00 41.76  ? 412 HOH A O   1 
HETATM 1459 O  O   . HOH D 3 .   ? -6.121  10.535  8.716   1.00 48.38  ? 413 HOH A O   1 
HETATM 1460 O  O   . HOH D 3 .   ? -5.444  -3.884  13.099  1.00 59.72  ? 414 HOH A O   1 
HETATM 1461 O  O   . HOH D 3 .   ? 0.339   0.479   -9.292  1.00 50.80  ? 415 HOH A O   1 
HETATM 1462 O  O   . HOH D 3 .   ? 15.981  -12.526 -2.025  1.00 47.71  ? 416 HOH A O   1 
HETATM 1463 O  O   . HOH D 3 .   ? -7.098  13.825  7.895   1.00 58.15  ? 417 HOH A O   1 
HETATM 1464 O  O   . HOH D 3 .   ? -3.623  11.428  9.315   1.00 48.85  ? 418 HOH A O   1 
HETATM 1465 O  O   . HOH D 3 .   ? 3.207   14.288  9.873   1.00 54.57  ? 419 HOH A O   1 
HETATM 1466 O  O   . HOH D 3 .   ? 6.592   -17.146 17.028  1.00 53.73  ? 420 HOH A O   1 
HETATM 1467 O  O   . HOH D 3 .   ? 16.212  3.181   7.957   1.00 45.72  ? 421 HOH A O   1 
HETATM 1468 O  O   . HOH D 3 .   ? 11.441  -11.776 -2.221  1.00 48.46  ? 422 HOH A O   1 
HETATM 1469 O  O   . HOH D 3 .   ? 7.659   9.669   -7.632  1.00 55.37  ? 423 HOH A O   1 
HETATM 1470 O  O   . HOH D 3 .   ? 14.908  1.665   4.152   1.00 52.48  ? 424 HOH A O   1 
HETATM 1471 O  O   . HOH D 3 .   ? 12.771  7.660   -2.522  1.00 51.51  ? 425 HOH A O   1 
HETATM 1472 O  O   . HOH D 3 .   ? 9.589   5.052   -4.721  1.00 56.55  ? 426 HOH A O   1 
HETATM 1473 O  O   . HOH D 3 .   ? -2.542  16.254  -2.939  1.00 49.50  ? 427 HOH A O   1 
HETATM 1474 O  O   . HOH D 3 .   ? 2.338   -13.740 -2.125  1.00 53.73  ? 428 HOH A O   1 
HETATM 1475 O  O   . HOH D 3 .   ? 14.333  2.048   11.900  1.00 52.74  ? 429 HOH A O   1 
HETATM 1476 O  O   . HOH D 3 .   ? -14.192 9.274   6.404   1.00 61.21  ? 430 HOH A O   1 
HETATM 1477 O  O   . HOH D 3 .   ? 13.273  -3.731  9.580   1.00 52.49  ? 431 HOH A O   1 
HETATM 1478 O  O   . HOH D 3 .   ? 5.424   5.052   -8.232  1.00 60.87  ? 432 HOH A O   1 
HETATM 1479 O  O   . HOH D 3 .   ? -8.776  8.865   9.012   1.00 67.98  ? 433 HOH A O   1 
HETATM 1480 O  O   . HOH D 3 .   ? -4.458  16.250  -1.132  1.00 65.68  ? 434 HOH A O   1 
HETATM 1481 O  O   . HOH D 3 .   ? 9.331   -3.770  15.936  1.00 41.17  ? 435 HOH A O   1 
HETATM 1482 O  O   . HOH D 3 .   ? -2.399  21.176  0.569   1.00 67.80  ? 436 HOH A O   1 
HETATM 1483 O  O   . HOH D 3 .   ? -0.152  -14.255 -2.718  1.00 58.80  ? 437 HOH A O   1 
HETATM 1484 O  O   . HOH D 3 .   ? 11.261  5.322   -2.604  1.00 66.02  ? 438 HOH A O   1 
HETATM 1485 O  O   . HOH D 3 .   ? 8.052   11.725  0.180   1.00 36.54  ? 439 HOH A O   1 
HETATM 1486 O  O   . HOH D 3 .   ? 11.637  6.712   14.854  1.00 63.40  ? 440 HOH A O   1 
HETATM 1487 O  O   . HOH D 3 .   ? 15.617  0.668   6.452   1.00 68.96  ? 441 HOH A O   1 
HETATM 1488 O  O   . HOH D 3 .   ? 6.991   6.007   -4.178  1.00 54.55  ? 442 HOH A O   1 
HETATM 1489 O  O   . HOH D 3 .   ? 5.310   0.215   20.871  1.00 67.34  ? 443 HOH A O   1 
HETATM 1490 O  O   . HOH D 3 .   ? 2.214   8.488   -8.343  1.00 61.42  ? 444 HOH A O   1 
HETATM 1491 O  O   . HOH D 3 .   ? 5.831   11.755  -2.742  0.50 46.36  ? 445 HOH A O   1 
HETATM 1492 O  O   . HOH D 3 .   ? 10.519  13.128  12.103  1.00 49.08  ? 446 HOH A O   1 
HETATM 1493 O  O   . HOH D 3 .   ? 6.322   9.229   -3.710  1.00 63.58  ? 447 HOH A O   1 
HETATM 1494 O  O   . HOH D 3 .   ? 9.642   -13.382 -1.958  1.00 65.40  ? 448 HOH A O   1 
HETATM 1495 O  O   . HOH D 3 .   ? 17.526  9.423   10.664  1.00 70.88  ? 449 HOH A O   1 
HETATM 1496 O  O   . HOH D 3 .   ? 16.474  6.602   11.213  1.00 75.17  ? 450 HOH A O   1 
HETATM 1497 O  O   . HOH D 3 .   ? -3.670  10.087  12.089  1.00 55.85  ? 451 HOH A O   1 
HETATM 1498 O  O   . HOH D 3 .   ? -14.036 5.819   4.619   1.00 81.24  ? 452 HOH A O   1 
HETATM 1499 O  O   . HOH D 3 .   ? 18.390  9.713   7.691   1.00 62.35  ? 453 HOH A O   1 
HETATM 1500 O  O   . HOH D 3 .   ? -20.060 1.499   -11.805 1.00 77.63  ? 454 HOH A O   1 
HETATM 1501 O  O   . HOH D 3 .   ? -11.968 29.018  1.244   1.00 82.79  ? 455 HOH A O   1 
HETATM 1502 O  O   . HOH D 3 .   ? -9.521  -5.979  13.686  1.00 76.57  ? 456 HOH A O   1 
HETATM 1503 O  O   . HOH D 3 .   ? 1.422   -14.538 21.535  1.00 72.82  ? 457 HOH A O   1 
HETATM 1504 O  O   . HOH D 3 .   ? 14.227  -1.414  9.466   1.00 58.94  ? 458 HOH A O   1 
HETATM 1505 O  O   . HOH D 3 .   ? 6.395   8.921   16.514  1.00 40.31  ? 459 HOH A O   1 
HETATM 1506 O  O   . HOH D 3 .   ? 18.001  -9.960  4.239   1.00 78.57  ? 460 HOH A O   1 
HETATM 1507 O  O   . HOH D 3 .   ? -15.585 9.361   1.992   1.00 94.74  ? 461 HOH A O   1 
HETATM 1508 O  O   . HOH D 3 .   ? 13.768  -0.508  -28.254 1.00 63.04  ? 462 HOH A O   1 
HETATM 1509 O  O   . HOH D 3 .   ? 10.541  2.597   -8.913  1.00 73.79  ? 463 HOH A O   1 
HETATM 1510 O  O   . HOH D 3 .   ? 14.652  12.297  9.821   1.00 59.95  ? 464 HOH A O   1 
HETATM 1511 O  O   . HOH D 3 .   ? 3.615   9.621   18.508  1.00 75.96  ? 465 HOH A O   1 
HETATM 1512 O  O   . HOH D 3 .   ? 15.234  10.176  12.013  1.00 63.37  ? 466 HOH A O   1 
HETATM 1513 O  O   . HOH D 3 .   ? -16.957 -1.164  4.459   1.00 85.95  ? 467 HOH A O   1 
HETATM 1514 O  O   . HOH D 3 .   ? 7.022   -12.409 -12.900 1.00 69.76  ? 468 HOH A O   1 
HETATM 1515 O  O   . HOH D 3 .   ? -2.306  13.763  9.019   1.00 55.11  ? 469 HOH A O   1 
HETATM 1516 O  O   . HOH D 3 .   ? -22.831 9.906   -1.882  1.00 71.29  ? 470 HOH A O   1 
HETATM 1517 O  O   . HOH D 3 .   ? 1.102   -20.073 -7.637  1.00 77.87  ? 471 HOH A O   1 
# 
